data_7ZFN
# 
_entry.id   7ZFN 
# 
_audit_conform.dict_name       mmcif_pdbx.dic 
_audit_conform.dict_version    5.384 
_audit_conform.dict_location   http://mmcif.pdb.org/dictionaries/ascii/mmcif_pdbx.dic 
# 
loop_
_database_2.database_id 
_database_2.database_code 
_database_2.pdbx_database_accession 
_database_2.pdbx_DOI 
PDB   7ZFN         pdb_00007zfn 10.2210/pdb7zfn/pdb 
WWPDB D_1292122173 ?            ?                   
# 
loop_
_pdbx_audit_revision_history.ordinal 
_pdbx_audit_revision_history.data_content_type 
_pdbx_audit_revision_history.major_revision 
_pdbx_audit_revision_history.minor_revision 
_pdbx_audit_revision_history.revision_date 
1 'Structure model' 1 0 2022-11-23 
2 'Structure model' 1 1 2022-12-07 
3 'Structure model' 1 2 2023-01-11 
4 'Structure model' 1 3 2024-01-31 
# 
_pdbx_audit_revision_details.ordinal             1 
_pdbx_audit_revision_details.revision_ordinal    1 
_pdbx_audit_revision_details.data_content_type   'Structure model' 
_pdbx_audit_revision_details.provider            repository 
_pdbx_audit_revision_details.type                'Initial release' 
_pdbx_audit_revision_details.description         ? 
_pdbx_audit_revision_details.details             ? 
# 
loop_
_pdbx_audit_revision_group.ordinal 
_pdbx_audit_revision_group.revision_ordinal 
_pdbx_audit_revision_group.data_content_type 
_pdbx_audit_revision_group.group 
1 2 'Structure model' 'Database references'    
2 3 'Structure model' 'Database references'    
3 4 'Structure model' 'Data collection'        
4 4 'Structure model' 'Refinement description' 
# 
loop_
_pdbx_audit_revision_category.ordinal 
_pdbx_audit_revision_category.revision_ordinal 
_pdbx_audit_revision_category.data_content_type 
_pdbx_audit_revision_category.category 
1 2 'Structure model' citation                      
2 2 'Structure model' citation_author               
3 3 'Structure model' citation_author               
4 4 'Structure model' chem_comp_atom                
5 4 'Structure model' chem_comp_bond                
6 4 'Structure model' pdbx_initial_refinement_model 
# 
loop_
_pdbx_audit_revision_item.ordinal 
_pdbx_audit_revision_item.revision_ordinal 
_pdbx_audit_revision_item.data_content_type 
_pdbx_audit_revision_item.item 
1 2 'Structure model' '_citation.journal_volume'          
2 2 'Structure model' '_citation.page_first'              
3 2 'Structure model' '_citation.page_last'               
4 2 'Structure model' '_citation_author.identifier_ORCID' 
5 3 'Structure model' '_citation_author.identifier_ORCID' 
# 
_pdbx_database_status.status_code                     REL 
_pdbx_database_status.status_code_sf                  REL 
_pdbx_database_status.status_code_mr                  ? 
_pdbx_database_status.entry_id                        7ZFN 
_pdbx_database_status.recvd_initial_deposition_date   2022-04-01 
_pdbx_database_status.SG_entry                        N 
_pdbx_database_status.deposit_site                    PDBE 
_pdbx_database_status.process_site                    PDBE 
_pdbx_database_status.status_code_cs                  ? 
_pdbx_database_status.status_code_nmr_data            ? 
_pdbx_database_status.methods_development_category    ? 
_pdbx_database_status.pdb_format_compatible           N 
# 
_pdbx_contact_author.id                 2 
_pdbx_contact_author.email              martin.noble@ncl.ac.uk 
_pdbx_contact_author.name_first         Martin 
_pdbx_contact_author.name_last          Noble 
_pdbx_contact_author.name_mi            E.M. 
_pdbx_contact_author.role               'principal investigator/group leader' 
_pdbx_contact_author.identifier_ORCID   0000-0002-3595-9807 
# 
loop_
_audit_author.name 
_audit_author.pdbx_ordinal 
_audit_author.identifier_ORCID 
'Turberville, S.' 1 0000-0003-2173-9675 
'Martin, M.P.'    2 0000-0003-4810-3351 
'Hope, I.'        3 ?                   
'Noble, M.E.M.'   4 0000-0002-3595-9807 
# 
_citation.abstract                  ? 
_citation.abstract_id_CAS           ? 
_citation.book_id_ISBN              ? 
_citation.book_publisher            ? 
_citation.book_publisher_city       ? 
_citation.book_title                ? 
_citation.coordinate_linkage        ? 
_citation.country                   US 
_citation.database_id_Medline       ? 
_citation.details                   ? 
_citation.id                        primary 
_citation.journal_abbrev            J.Med.Chem. 
_citation.journal_id_ASTM           JMCMAR 
_citation.journal_id_CSD            0151 
_citation.journal_id_ISSN           0022-2623 
_citation.journal_full              ? 
_citation.journal_issue             ? 
_citation.journal_volume            65 
_citation.language                  ? 
_citation.page_first                15416 
_citation.page_last                 15432 
_citation.title                     
;Mapping Ligand Interactions of Bromodomains BRD4 and ATAD2 with FragLites and PepLites&#9472;Halogenated Probes of Druglike and Peptide-like Molecular Interactions.
;
_citation.year                      2022 
_citation.database_id_CSD           ? 
_citation.pdbx_database_id_DOI      10.1021/acs.jmedchem.2c01357 
_citation.pdbx_database_id_PubMed   36367089 
_citation.pdbx_database_id_patent   ? 
_citation.unpublished_flag          ? 
# 
loop_
_citation_author.citation_id 
_citation_author.name 
_citation_author.ordinal 
_citation_author.identifier_ORCID 
primary 'Davison, G.'       1  0000-0001-5466-2702 
primary 'Martin, M.P.'      2  ?                   
primary 'Turberville, S.'   3  ?                   
primary 'Dormen, S.'        4  ?                   
primary 'Heath, R.'         5  ?                   
primary 'Heptinstall, A.B.' 6  ?                   
primary 'Lawson, M.'        7  ?                   
primary 'Miller, D.C.'      8  0000-0001-6846-2007 
primary 'Ng, Y.M.'          9  ?                   
primary 'Sanderson, J.N.'   10 0000-0003-1000-2897 
primary 'Hope, I.'          11 0000-0002-8002-5026 
primary 'Wood, D.J.'        12 ?                   
primary 'Cano, C.'          13 0000-0002-2032-2272 
primary 'Endicott, J.A.'    14 ?                   
primary 'Hardcastle, I.R.'  15 0000-0001-7495-3769 
primary 'Noble, M.E.M.'     16 ?                   
primary 'Waring, M.J.'      17 0000-0002-9110-8783 
# 
loop_
_entity.id 
_entity.type 
_entity.src_method 
_entity.pdbx_description 
_entity.formula_weight 
_entity.pdbx_number_of_molecules 
_entity.pdbx_ec 
_entity.pdbx_mutation 
_entity.pdbx_fragment 
_entity.details 
1 polymer     man 'Bromodomain-containing protein 4'   15294.578 1   ? ? ? ? 
2 non-polymer syn GLYCEROL                             92.094    1   ? ? ? ? 
3 non-polymer syn '4-bromanyl-2-oxidanyl-benzoic acid' 217.017   2   ? ? ? ? 
4 water       nat water                                18.015    159 ? ? ? ? 
# 
_entity_name_com.entity_id   1 
_entity_name_com.name        'Protein HUNK1' 
# 
_entity_poly.entity_id                      1 
_entity_poly.type                           'polypeptide(L)' 
_entity_poly.nstd_linkage                   no 
_entity_poly.nstd_monomer                   no 
_entity_poly.pdbx_seq_one_letter_code       
;GSHMNPPPPETSNPNKPKRQTNQLQYLLRVVLKTLWKHQFAWPFQQPVDAVKLNLPDYYKIIKTPMDMGTIKKRLENNYY
WNAQECIQDFNTMFTNCYIYNKPGDDIVLMAEALEKLFLQKINELPTEE
;
_entity_poly.pdbx_seq_one_letter_code_can   
;GSHMNPPPPETSNPNKPKRQTNQLQYLLRVVLKTLWKHQFAWPFQQPVDAVKLNLPDYYKIIKTPMDMGTIKKRLENNYY
WNAQECIQDFNTMFTNCYIYNKPGDDIVLMAEALEKLFLQKINELPTEE
;
_entity_poly.pdbx_strand_id                 AAA 
_entity_poly.pdbx_target_identifier         ? 
# 
loop_
_pdbx_entity_nonpoly.entity_id 
_pdbx_entity_nonpoly.name 
_pdbx_entity_nonpoly.comp_id 
2 GLYCEROL                             GOL 
3 '4-bromanyl-2-oxidanyl-benzoic acid' IT4 
4 water                                HOH 
# 
loop_
_entity_poly_seq.entity_id 
_entity_poly_seq.num 
_entity_poly_seq.mon_id 
_entity_poly_seq.hetero 
1 1   GLY n 
1 2   SER n 
1 3   HIS n 
1 4   MET n 
1 5   ASN n 
1 6   PRO n 
1 7   PRO n 
1 8   PRO n 
1 9   PRO n 
1 10  GLU n 
1 11  THR n 
1 12  SER n 
1 13  ASN n 
1 14  PRO n 
1 15  ASN n 
1 16  LYS n 
1 17  PRO n 
1 18  LYS n 
1 19  ARG n 
1 20  GLN n 
1 21  THR n 
1 22  ASN n 
1 23  GLN n 
1 24  LEU n 
1 25  GLN n 
1 26  TYR n 
1 27  LEU n 
1 28  LEU n 
1 29  ARG n 
1 30  VAL n 
1 31  VAL n 
1 32  LEU n 
1 33  LYS n 
1 34  THR n 
1 35  LEU n 
1 36  TRP n 
1 37  LYS n 
1 38  HIS n 
1 39  GLN n 
1 40  PHE n 
1 41  ALA n 
1 42  TRP n 
1 43  PRO n 
1 44  PHE n 
1 45  GLN n 
1 46  GLN n 
1 47  PRO n 
1 48  VAL n 
1 49  ASP n 
1 50  ALA n 
1 51  VAL n 
1 52  LYS n 
1 53  LEU n 
1 54  ASN n 
1 55  LEU n 
1 56  PRO n 
1 57  ASP n 
1 58  TYR n 
1 59  TYR n 
1 60  LYS n 
1 61  ILE n 
1 62  ILE n 
1 63  LYS n 
1 64  THR n 
1 65  PRO n 
1 66  MET n 
1 67  ASP n 
1 68  MET n 
1 69  GLY n 
1 70  THR n 
1 71  ILE n 
1 72  LYS n 
1 73  LYS n 
1 74  ARG n 
1 75  LEU n 
1 76  GLU n 
1 77  ASN n 
1 78  ASN n 
1 79  TYR n 
1 80  TYR n 
1 81  TRP n 
1 82  ASN n 
1 83  ALA n 
1 84  GLN n 
1 85  GLU n 
1 86  CYS n 
1 87  ILE n 
1 88  GLN n 
1 89  ASP n 
1 90  PHE n 
1 91  ASN n 
1 92  THR n 
1 93  MET n 
1 94  PHE n 
1 95  THR n 
1 96  ASN n 
1 97  CYS n 
1 98  TYR n 
1 99  ILE n 
1 100 TYR n 
1 101 ASN n 
1 102 LYS n 
1 103 PRO n 
1 104 GLY n 
1 105 ASP n 
1 106 ASP n 
1 107 ILE n 
1 108 VAL n 
1 109 LEU n 
1 110 MET n 
1 111 ALA n 
1 112 GLU n 
1 113 ALA n 
1 114 LEU n 
1 115 GLU n 
1 116 LYS n 
1 117 LEU n 
1 118 PHE n 
1 119 LEU n 
1 120 GLN n 
1 121 LYS n 
1 122 ILE n 
1 123 ASN n 
1 124 GLU n 
1 125 LEU n 
1 126 PRO n 
1 127 THR n 
1 128 GLU n 
1 129 GLU n 
# 
_entity_src_gen.entity_id                          1 
_entity_src_gen.pdbx_src_id                        1 
_entity_src_gen.pdbx_alt_source_flag               sample 
_entity_src_gen.pdbx_seq_type                      'Biological sequence' 
_entity_src_gen.pdbx_beg_seq_num                   1 
_entity_src_gen.pdbx_end_seq_num                   129 
_entity_src_gen.gene_src_common_name               human 
_entity_src_gen.gene_src_genus                     ? 
_entity_src_gen.pdbx_gene_src_gene                 'BRD4, HUNK1' 
_entity_src_gen.gene_src_species                   ? 
_entity_src_gen.gene_src_strain                    ? 
_entity_src_gen.gene_src_tissue                    ? 
_entity_src_gen.gene_src_tissue_fraction           ? 
_entity_src_gen.gene_src_details                   ? 
_entity_src_gen.pdbx_gene_src_fragment             ? 
_entity_src_gen.pdbx_gene_src_scientific_name      'Homo sapiens' 
_entity_src_gen.pdbx_gene_src_ncbi_taxonomy_id     9606 
_entity_src_gen.pdbx_gene_src_variant              ? 
_entity_src_gen.pdbx_gene_src_cell_line            ? 
_entity_src_gen.pdbx_gene_src_atcc                 ? 
_entity_src_gen.pdbx_gene_src_organ                ? 
_entity_src_gen.pdbx_gene_src_organelle            ? 
_entity_src_gen.pdbx_gene_src_cell                 ? 
_entity_src_gen.pdbx_gene_src_cellular_location    ? 
_entity_src_gen.host_org_common_name               ? 
_entity_src_gen.pdbx_host_org_scientific_name      'Escherichia coli BL21(DE3)' 
_entity_src_gen.pdbx_host_org_ncbi_taxonomy_id     469008 
_entity_src_gen.host_org_genus                     ? 
_entity_src_gen.pdbx_host_org_gene                 ? 
_entity_src_gen.pdbx_host_org_organ                ? 
_entity_src_gen.host_org_species                   ? 
_entity_src_gen.pdbx_host_org_tissue               ? 
_entity_src_gen.pdbx_host_org_tissue_fraction      ? 
_entity_src_gen.pdbx_host_org_strain               ? 
_entity_src_gen.pdbx_host_org_variant              ? 
_entity_src_gen.pdbx_host_org_cell_line            ? 
_entity_src_gen.pdbx_host_org_atcc                 ? 
_entity_src_gen.pdbx_host_org_culture_collection   ? 
_entity_src_gen.pdbx_host_org_cell                 ? 
_entity_src_gen.pdbx_host_org_organelle            ? 
_entity_src_gen.pdbx_host_org_cellular_location    ? 
_entity_src_gen.pdbx_host_org_vector_type          ? 
_entity_src_gen.pdbx_host_org_vector               ? 
_entity_src_gen.host_org_details                   ? 
_entity_src_gen.expression_system_id               ? 
_entity_src_gen.plasmid_name                       pET28b 
_entity_src_gen.plasmid_details                    ? 
_entity_src_gen.pdbx_description                   ? 
# 
loop_
_chem_comp.id 
_chem_comp.type 
_chem_comp.mon_nstd_flag 
_chem_comp.name 
_chem_comp.pdbx_synonyms 
_chem_comp.formula 
_chem_comp.formula_weight 
ALA 'L-peptide linking' y ALANINE                              ?                               'C3 H7 N O2'     89.093  
ARG 'L-peptide linking' y ARGININE                             ?                               'C6 H15 N4 O2 1' 175.209 
ASN 'L-peptide linking' y ASPARAGINE                           ?                               'C4 H8 N2 O3'    132.118 
ASP 'L-peptide linking' y 'ASPARTIC ACID'                      ?                               'C4 H7 N O4'     133.103 
CYS 'L-peptide linking' y CYSTEINE                             ?                               'C3 H7 N O2 S'   121.158 
GLN 'L-peptide linking' y GLUTAMINE                            ?                               'C5 H10 N2 O3'   146.144 
GLU 'L-peptide linking' y 'GLUTAMIC ACID'                      ?                               'C5 H9 N O4'     147.129 
GLY 'peptide linking'   y GLYCINE                              ?                               'C2 H5 N O2'     75.067  
GOL non-polymer         . GLYCEROL                             'GLYCERIN; PROPANE-1,2,3-TRIOL' 'C3 H8 O3'       92.094  
HIS 'L-peptide linking' y HISTIDINE                            ?                               'C6 H10 N3 O2 1' 156.162 
HOH non-polymer         . WATER                                ?                               'H2 O'           18.015  
ILE 'L-peptide linking' y ISOLEUCINE                           ?                               'C6 H13 N O2'    131.173 
IT4 non-polymer         . '4-bromanyl-2-oxidanyl-benzoic acid' ?                               'C7 H5 Br O3'    217.017 
LEU 'L-peptide linking' y LEUCINE                              ?                               'C6 H13 N O2'    131.173 
LYS 'L-peptide linking' y LYSINE                               ?                               'C6 H15 N2 O2 1' 147.195 
MET 'L-peptide linking' y METHIONINE                           ?                               'C5 H11 N O2 S'  149.211 
PHE 'L-peptide linking' y PHENYLALANINE                        ?                               'C9 H11 N O2'    165.189 
PRO 'L-peptide linking' y PROLINE                              ?                               'C5 H9 N O2'     115.130 
SER 'L-peptide linking' y SERINE                               ?                               'C3 H7 N O3'     105.093 
THR 'L-peptide linking' y THREONINE                            ?                               'C4 H9 N O3'     119.119 
TRP 'L-peptide linking' y TRYPTOPHAN                           ?                               'C11 H12 N2 O2'  204.225 
TYR 'L-peptide linking' y TYROSINE                             ?                               'C9 H11 N O3'    181.189 
VAL 'L-peptide linking' y VALINE                               ?                               'C5 H11 N O2'    117.146 
# 
loop_
_pdbx_poly_seq_scheme.asym_id 
_pdbx_poly_seq_scheme.entity_id 
_pdbx_poly_seq_scheme.seq_id 
_pdbx_poly_seq_scheme.mon_id 
_pdbx_poly_seq_scheme.ndb_seq_num 
_pdbx_poly_seq_scheme.pdb_seq_num 
_pdbx_poly_seq_scheme.auth_seq_num 
_pdbx_poly_seq_scheme.pdb_mon_id 
_pdbx_poly_seq_scheme.auth_mon_id 
_pdbx_poly_seq_scheme.pdb_strand_id 
_pdbx_poly_seq_scheme.pdb_ins_code 
_pdbx_poly_seq_scheme.hetero 
A 1 1   GLY 1   40  40  GLY GLY AAA . n 
A 1 2   SER 2   41  41  SER SER AAA . n 
A 1 3   HIS 3   42  42  HIS HIS AAA . n 
A 1 4   MET 4   43  43  MET MET AAA . n 
A 1 5   ASN 5   44  44  ASN ASN AAA . n 
A 1 6   PRO 6   45  45  PRO PRO AAA . n 
A 1 7   PRO 7   46  46  PRO PRO AAA . n 
A 1 8   PRO 8   47  47  PRO PRO AAA . n 
A 1 9   PRO 9   48  48  PRO PRO AAA . n 
A 1 10  GLU 10  49  49  GLU GLU AAA . n 
A 1 11  THR 11  50  50  THR THR AAA . n 
A 1 12  SER 12  51  51  SER SER AAA . n 
A 1 13  ASN 13  52  52  ASN ASN AAA . n 
A 1 14  PRO 14  53  53  PRO PRO AAA . n 
A 1 15  ASN 15  54  54  ASN ASN AAA . n 
A 1 16  LYS 16  55  55  LYS LYS AAA . n 
A 1 17  PRO 17  56  56  PRO PRO AAA . n 
A 1 18  LYS 18  57  57  LYS LYS AAA . n 
A 1 19  ARG 19  58  58  ARG ARG AAA . n 
A 1 20  GLN 20  59  59  GLN GLN AAA . n 
A 1 21  THR 21  60  60  THR THR AAA . n 
A 1 22  ASN 22  61  61  ASN ASN AAA . n 
A 1 23  GLN 23  62  62  GLN GLN AAA . n 
A 1 24  LEU 24  63  63  LEU LEU AAA . n 
A 1 25  GLN 25  64  64  GLN GLN AAA . n 
A 1 26  TYR 26  65  65  TYR TYR AAA . n 
A 1 27  LEU 27  66  66  LEU LEU AAA . n 
A 1 28  LEU 28  67  67  LEU LEU AAA . n 
A 1 29  ARG 29  68  68  ARG ARG AAA . n 
A 1 30  VAL 30  69  69  VAL VAL AAA . n 
A 1 31  VAL 31  70  70  VAL VAL AAA . n 
A 1 32  LEU 32  71  71  LEU LEU AAA . n 
A 1 33  LYS 33  72  72  LYS LYS AAA . n 
A 1 34  THR 34  73  73  THR THR AAA . n 
A 1 35  LEU 35  74  74  LEU LEU AAA . n 
A 1 36  TRP 36  75  75  TRP TRP AAA . n 
A 1 37  LYS 37  76  76  LYS LYS AAA . n 
A 1 38  HIS 38  77  77  HIS HIS AAA . n 
A 1 39  GLN 39  78  78  GLN GLN AAA . n 
A 1 40  PHE 40  79  79  PHE PHE AAA . n 
A 1 41  ALA 41  80  80  ALA ALA AAA . n 
A 1 42  TRP 42  81  81  TRP TRP AAA . n 
A 1 43  PRO 43  82  82  PRO PRO AAA . n 
A 1 44  PHE 44  83  83  PHE PHE AAA . n 
A 1 45  GLN 45  84  84  GLN GLN AAA . n 
A 1 46  GLN 46  85  85  GLN GLN AAA . n 
A 1 47  PRO 47  86  86  PRO PRO AAA . n 
A 1 48  VAL 48  87  87  VAL VAL AAA . n 
A 1 49  ASP 49  88  88  ASP ASP AAA . n 
A 1 50  ALA 50  89  89  ALA ALA AAA . n 
A 1 51  VAL 51  90  90  VAL VAL AAA . n 
A 1 52  LYS 52  91  91  LYS LYS AAA . n 
A 1 53  LEU 53  92  92  LEU LEU AAA . n 
A 1 54  ASN 54  93  93  ASN ASN AAA . n 
A 1 55  LEU 55  94  94  LEU LEU AAA . n 
A 1 56  PRO 56  95  95  PRO PRO AAA . n 
A 1 57  ASP 57  96  96  ASP ASP AAA . n 
A 1 58  TYR 58  97  97  TYR TYR AAA . n 
A 1 59  TYR 59  98  98  TYR TYR AAA . n 
A 1 60  LYS 60  99  99  LYS LYS AAA . n 
A 1 61  ILE 61  100 100 ILE ILE AAA . n 
A 1 62  ILE 62  101 101 ILE ILE AAA . n 
A 1 63  LYS 63  102 102 LYS LYS AAA . n 
A 1 64  THR 64  103 103 THR THR AAA . n 
A 1 65  PRO 65  104 104 PRO PRO AAA . n 
A 1 66  MET 66  105 105 MET MET AAA . n 
A 1 67  ASP 67  106 106 ASP ASP AAA . n 
A 1 68  MET 68  107 107 MET MET AAA . n 
A 1 69  GLY 69  108 108 GLY GLY AAA . n 
A 1 70  THR 70  109 109 THR THR AAA . n 
A 1 71  ILE 71  110 110 ILE ILE AAA . n 
A 1 72  LYS 72  111 111 LYS LYS AAA . n 
A 1 73  LYS 73  112 112 LYS LYS AAA . n 
A 1 74  ARG 74  113 113 ARG ARG AAA . n 
A 1 75  LEU 75  114 114 LEU LEU AAA . n 
A 1 76  GLU 76  115 115 GLU GLU AAA . n 
A 1 77  ASN 77  116 116 ASN ASN AAA . n 
A 1 78  ASN 78  117 117 ASN ASN AAA . n 
A 1 79  TYR 79  118 118 TYR TYR AAA . n 
A 1 80  TYR 80  119 119 TYR TYR AAA . n 
A 1 81  TRP 81  120 120 TRP TRP AAA . n 
A 1 82  ASN 82  121 121 ASN ASN AAA . n 
A 1 83  ALA 83  122 122 ALA ALA AAA . n 
A 1 84  GLN 84  123 123 GLN GLN AAA . n 
A 1 85  GLU 85  124 124 GLU GLU AAA . n 
A 1 86  CYS 86  125 125 CYS CYS AAA . n 
A 1 87  ILE 87  126 126 ILE ILE AAA . n 
A 1 88  GLN 88  127 127 GLN GLN AAA . n 
A 1 89  ASP 89  128 128 ASP ASP AAA . n 
A 1 90  PHE 90  129 129 PHE PHE AAA . n 
A 1 91  ASN 91  130 130 ASN ASN AAA . n 
A 1 92  THR 92  131 131 THR THR AAA . n 
A 1 93  MET 93  132 132 MET MET AAA . n 
A 1 94  PHE 94  133 133 PHE PHE AAA . n 
A 1 95  THR 95  134 134 THR THR AAA . n 
A 1 96  ASN 96  135 135 ASN ASN AAA . n 
A 1 97  CYS 97  136 136 CYS CYS AAA . n 
A 1 98  TYR 98  137 137 TYR TYR AAA . n 
A 1 99  ILE 99  138 138 ILE ILE AAA . n 
A 1 100 TYR 100 139 139 TYR TYR AAA . n 
A 1 101 ASN 101 140 140 ASN ASN AAA . n 
A 1 102 LYS 102 141 141 LYS LYS AAA . n 
A 1 103 PRO 103 142 142 PRO PRO AAA . n 
A 1 104 GLY 104 143 143 GLY GLY AAA . n 
A 1 105 ASP 105 144 144 ASP ASP AAA . n 
A 1 106 ASP 106 145 145 ASP ASP AAA . n 
A 1 107 ILE 107 146 146 ILE ILE AAA . n 
A 1 108 VAL 108 147 147 VAL VAL AAA . n 
A 1 109 LEU 109 148 148 LEU LEU AAA . n 
A 1 110 MET 110 149 149 MET MET AAA . n 
A 1 111 ALA 111 150 150 ALA ALA AAA . n 
A 1 112 GLU 112 151 151 GLU GLU AAA . n 
A 1 113 ALA 113 152 152 ALA ALA AAA . n 
A 1 114 LEU 114 153 153 LEU LEU AAA . n 
A 1 115 GLU 115 154 154 GLU GLU AAA . n 
A 1 116 LYS 116 155 155 LYS LYS AAA . n 
A 1 117 LEU 117 156 156 LEU LEU AAA . n 
A 1 118 PHE 118 157 157 PHE PHE AAA . n 
A 1 119 LEU 119 158 158 LEU LEU AAA . n 
A 1 120 GLN 120 159 159 GLN GLN AAA . n 
A 1 121 LYS 121 160 160 LYS LYS AAA . n 
A 1 122 ILE 122 161 161 ILE ILE AAA . n 
A 1 123 ASN 123 162 162 ASN ASN AAA . n 
A 1 124 GLU 124 163 163 GLU GLU AAA . n 
A 1 125 LEU 125 164 164 LEU LEU AAA . n 
A 1 126 PRO 126 165 165 PRO PRO AAA . n 
A 1 127 THR 127 166 166 THR THR AAA . n 
A 1 128 GLU 128 167 167 GLU GLU AAA . n 
A 1 129 GLU 129 168 168 GLU GLU AAA . n 
# 
loop_
_pdbx_nonpoly_scheme.asym_id 
_pdbx_nonpoly_scheme.entity_id 
_pdbx_nonpoly_scheme.mon_id 
_pdbx_nonpoly_scheme.ndb_seq_num 
_pdbx_nonpoly_scheme.pdb_seq_num 
_pdbx_nonpoly_scheme.auth_seq_num 
_pdbx_nonpoly_scheme.pdb_mon_id 
_pdbx_nonpoly_scheme.auth_mon_id 
_pdbx_nonpoly_scheme.pdb_strand_id 
_pdbx_nonpoly_scheme.pdb_ins_code 
B 2 GOL 1   401 401 GOL GOL AAA . 
C 3 IT4 1   402 501 IT4 DRG AAA . 
D 3 IT4 1   403 601 IT4 DRG AAA . 
E 4 HOH 1   501 91  HOH HOH AAA . 
E 4 HOH 2   502 99  HOH HOH AAA . 
E 4 HOH 3   503 128 HOH HOH AAA . 
E 4 HOH 4   504 159 HOH HOH AAA . 
E 4 HOH 5   505 117 HOH HOH AAA . 
E 4 HOH 6   506 133 HOH HOH AAA . 
E 4 HOH 7   507 56  HOH HOH AAA . 
E 4 HOH 8   508 127 HOH HOH AAA . 
E 4 HOH 9   509 73  HOH HOH AAA . 
E 4 HOH 10  510 93  HOH HOH AAA . 
E 4 HOH 11  511 26  HOH HOH AAA . 
E 4 HOH 12  512 149 HOH HOH AAA . 
E 4 HOH 13  513 64  HOH HOH AAA . 
E 4 HOH 14  514 155 HOH HOH AAA . 
E 4 HOH 15  515 154 HOH HOH AAA . 
E 4 HOH 16  516 75  HOH HOH AAA . 
E 4 HOH 17  517 160 HOH HOH AAA . 
E 4 HOH 18  518 39  HOH HOH AAA . 
E 4 HOH 19  519 126 HOH HOH AAA . 
E 4 HOH 20  520 74  HOH HOH AAA . 
E 4 HOH 21  521 31  HOH HOH AAA . 
E 4 HOH 22  522 156 HOH HOH AAA . 
E 4 HOH 23  523 53  HOH HOH AAA . 
E 4 HOH 24  524 41  HOH HOH AAA . 
E 4 HOH 25  525 129 HOH HOH AAA . 
E 4 HOH 26  526 24  HOH HOH AAA . 
E 4 HOH 27  527 47  HOH HOH AAA . 
E 4 HOH 28  528 71  HOH HOH AAA . 
E 4 HOH 29  529 36  HOH HOH AAA . 
E 4 HOH 30  530 52  HOH HOH AAA . 
E 4 HOH 31  531 131 HOH HOH AAA . 
E 4 HOH 32  532 9   HOH HOH AAA . 
E 4 HOH 33  533 146 HOH HOH AAA . 
E 4 HOH 34  534 10  HOH HOH AAA . 
E 4 HOH 35  535 60  HOH HOH AAA . 
E 4 HOH 36  536 116 HOH HOH AAA . 
E 4 HOH 37  537 63  HOH HOH AAA . 
E 4 HOH 38  538 25  HOH HOH AAA . 
E 4 HOH 39  539 61  HOH HOH AAA . 
E 4 HOH 40  540 13  HOH HOH AAA . 
E 4 HOH 41  541 96  HOH HOH AAA . 
E 4 HOH 42  542 51  HOH HOH AAA . 
E 4 HOH 43  543 37  HOH HOH AAA . 
E 4 HOH 44  544 18  HOH HOH AAA . 
E 4 HOH 45  545 158 HOH HOH AAA . 
E 4 HOH 46  546 80  HOH HOH AAA . 
E 4 HOH 47  547 111 HOH HOH AAA . 
E 4 HOH 48  548 48  HOH HOH AAA . 
E 4 HOH 49  549 145 HOH HOH AAA . 
E 4 HOH 50  550 115 HOH HOH AAA . 
E 4 HOH 51  551 136 HOH HOH AAA . 
E 4 HOH 52  552 21  HOH HOH AAA . 
E 4 HOH 53  553 58  HOH HOH AAA . 
E 4 HOH 54  554 92  HOH HOH AAA . 
E 4 HOH 55  555 12  HOH HOH AAA . 
E 4 HOH 56  556 157 HOH HOH AAA . 
E 4 HOH 57  557 135 HOH HOH AAA . 
E 4 HOH 58  558 46  HOH HOH AAA . 
E 4 HOH 59  559 57  HOH HOH AAA . 
E 4 HOH 60  560 50  HOH HOH AAA . 
E 4 HOH 61  561 44  HOH HOH AAA . 
E 4 HOH 62  562 81  HOH HOH AAA . 
E 4 HOH 63  563 7   HOH HOH AAA . 
E 4 HOH 64  564 49  HOH HOH AAA . 
E 4 HOH 65  565 16  HOH HOH AAA . 
E 4 HOH 66  566 5   HOH HOH AAA . 
E 4 HOH 67  567 121 HOH HOH AAA . 
E 4 HOH 68  568 11  HOH HOH AAA . 
E 4 HOH 69  569 23  HOH HOH AAA . 
E 4 HOH 70  570 151 HOH HOH AAA . 
E 4 HOH 71  571 1   HOH HOH AAA . 
E 4 HOH 72  572 32  HOH HOH AAA . 
E 4 HOH 73  573 19  HOH HOH AAA . 
E 4 HOH 74  574 42  HOH HOH AAA . 
E 4 HOH 75  575 119 HOH HOH AAA . 
E 4 HOH 76  576 100 HOH HOH AAA . 
E 4 HOH 77  577 132 HOH HOH AAA . 
E 4 HOH 78  578 8   HOH HOH AAA . 
E 4 HOH 79  579 69  HOH HOH AAA . 
E 4 HOH 80  580 54  HOH HOH AAA . 
E 4 HOH 81  581 22  HOH HOH AAA . 
E 4 HOH 82  582 108 HOH HOH AAA . 
E 4 HOH 83  583 141 HOH HOH AAA . 
E 4 HOH 84  584 122 HOH HOH AAA . 
E 4 HOH 85  585 72  HOH HOH AAA . 
E 4 HOH 86  586 62  HOH HOH AAA . 
E 4 HOH 87  587 153 HOH HOH AAA . 
E 4 HOH 88  588 90  HOH HOH AAA . 
E 4 HOH 89  589 6   HOH HOH AAA . 
E 4 HOH 90  590 4   HOH HOH AAA . 
E 4 HOH 91  591 27  HOH HOH AAA . 
E 4 HOH 92  592 38  HOH HOH AAA . 
E 4 HOH 93  593 88  HOH HOH AAA . 
E 4 HOH 94  594 125 HOH HOH AAA . 
E 4 HOH 95  595 30  HOH HOH AAA . 
E 4 HOH 96  596 2   HOH HOH AAA . 
E 4 HOH 97  597 67  HOH HOH AAA . 
E 4 HOH 98  598 85  HOH HOH AAA . 
E 4 HOH 99  599 134 HOH HOH AAA . 
E 4 HOH 100 600 87  HOH HOH AAA . 
E 4 HOH 101 601 20  HOH HOH AAA . 
E 4 HOH 102 602 33  HOH HOH AAA . 
E 4 HOH 103 603 43  HOH HOH AAA . 
E 4 HOH 104 604 17  HOH HOH AAA . 
E 4 HOH 105 605 40  HOH HOH AAA . 
E 4 HOH 106 606 35  HOH HOH AAA . 
E 4 HOH 107 607 59  HOH HOH AAA . 
E 4 HOH 108 608 34  HOH HOH AAA . 
E 4 HOH 109 609 112 HOH HOH AAA . 
E 4 HOH 110 610 3   HOH HOH AAA . 
E 4 HOH 111 611 106 HOH HOH AAA . 
E 4 HOH 112 612 94  HOH HOH AAA . 
E 4 HOH 113 613 98  HOH HOH AAA . 
E 4 HOH 114 614 102 HOH HOH AAA . 
E 4 HOH 115 615 82  HOH HOH AAA . 
E 4 HOH 116 616 124 HOH HOH AAA . 
E 4 HOH 117 617 78  HOH HOH AAA . 
E 4 HOH 118 618 147 HOH HOH AAA . 
E 4 HOH 119 619 86  HOH HOH AAA . 
E 4 HOH 120 620 123 HOH HOH AAA . 
E 4 HOH 121 621 89  HOH HOH AAA . 
E 4 HOH 122 622 109 HOH HOH AAA . 
E 4 HOH 123 623 45  HOH HOH AAA . 
E 4 HOH 124 624 95  HOH HOH AAA . 
E 4 HOH 125 625 84  HOH HOH AAA . 
E 4 HOH 126 626 150 HOH HOH AAA . 
E 4 HOH 127 627 138 HOH HOH AAA . 
E 4 HOH 128 628 14  HOH HOH AAA . 
E 4 HOH 129 629 137 HOH HOH AAA . 
E 4 HOH 130 630 113 HOH HOH AAA . 
E 4 HOH 131 631 97  HOH HOH AAA . 
E 4 HOH 132 632 79  HOH HOH AAA . 
E 4 HOH 133 633 114 HOH HOH AAA . 
E 4 HOH 134 634 130 HOH HOH AAA . 
E 4 HOH 135 635 83  HOH HOH AAA . 
E 4 HOH 136 636 66  HOH HOH AAA . 
E 4 HOH 137 637 68  HOH HOH AAA . 
E 4 HOH 138 638 118 HOH HOH AAA . 
E 4 HOH 139 639 143 HOH HOH AAA . 
E 4 HOH 140 640 65  HOH HOH AAA . 
E 4 HOH 141 641 140 HOH HOH AAA . 
E 4 HOH 142 642 139 HOH HOH AAA . 
E 4 HOH 143 643 103 HOH HOH AAA . 
E 4 HOH 144 644 142 HOH HOH AAA . 
E 4 HOH 145 645 29  HOH HOH AAA . 
E 4 HOH 146 646 152 HOH HOH AAA . 
E 4 HOH 147 647 107 HOH HOH AAA . 
E 4 HOH 148 648 101 HOH HOH AAA . 
E 4 HOH 149 649 120 HOH HOH AAA . 
E 4 HOH 150 650 28  HOH HOH AAA . 
E 4 HOH 151 651 55  HOH HOH AAA . 
E 4 HOH 152 652 105 HOH HOH AAA . 
E 4 HOH 153 653 104 HOH HOH AAA . 
E 4 HOH 154 654 148 HOH HOH AAA . 
E 4 HOH 155 655 76  HOH HOH AAA . 
E 4 HOH 156 656 70  HOH HOH AAA . 
E 4 HOH 157 657 110 HOH HOH AAA . 
E 4 HOH 158 658 144 HOH HOH AAA . 
E 4 HOH 159 659 77  HOH HOH AAA . 
# 
loop_
_software.citation_id 
_software.classification 
_software.compiler_name 
_software.compiler_version 
_software.contact_author 
_software.contact_author_email 
_software.date 
_software.description 
_software.dependencies 
_software.hardware 
_software.language 
_software.location 
_software.mods 
_software.name 
_software.os 
_software.os_version 
_software.type 
_software.version 
_software.pdbx_ordinal 
? refinement       ? ? ? ? ? ? ? ? ? ? ? REFMAC  ? ? ? 5.8.0258 1 
? refinement       ? ? ? ? ? ? ? ? ? ? ? REFMAC  ? ? ? 5.8.0258 2 
? 'data scaling'   ? ? ? ? ? ? ? ? ? ? ? Aimless ? ? ? 0.7.4    3 
? 'data reduction' ? ? ? ? ? ? ? ? ? ? ? xia2    ? ? ? .        4 
? phasing          ? ? ? ? ? ? ? ? ? ? ? PHASER  ? ? ? .        5 
# 
_cell.angle_alpha                  90.000 
_cell.angle_alpha_esd              ? 
_cell.angle_beta                   90.000 
_cell.angle_beta_esd               ? 
_cell.angle_gamma                  90.000 
_cell.angle_gamma_esd              ? 
_cell.entry_id                     7ZFN 
_cell.details                      ? 
_cell.formula_units_Z              ? 
_cell.length_a                     37.793 
_cell.length_a_esd                 ? 
_cell.length_b                     43.134 
_cell.length_b_esd                 ? 
_cell.length_c                     78.998 
_cell.length_c_esd                 ? 
_cell.volume                       ? 
_cell.volume_esd                   ? 
_cell.Z_PDB                        4 
_cell.reciprocal_angle_alpha       ? 
_cell.reciprocal_angle_beta        ? 
_cell.reciprocal_angle_gamma       ? 
_cell.reciprocal_angle_alpha_esd   ? 
_cell.reciprocal_angle_beta_esd    ? 
_cell.reciprocal_angle_gamma_esd   ? 
_cell.reciprocal_length_a          ? 
_cell.reciprocal_length_b          ? 
_cell.reciprocal_length_c          ? 
_cell.reciprocal_length_a_esd      ? 
_cell.reciprocal_length_b_esd      ? 
_cell.reciprocal_length_c_esd      ? 
_cell.pdbx_unique_axis             ? 
# 
_symmetry.entry_id                         7ZFN 
_symmetry.cell_setting                     ? 
_symmetry.Int_Tables_number                19 
_symmetry.space_group_name_Hall            ? 
_symmetry.space_group_name_H-M             'P 21 21 21' 
_symmetry.pdbx_full_space_group_name_H-M   ? 
# 
_exptl.absorpt_coefficient_mu     ? 
_exptl.absorpt_correction_T_max   ? 
_exptl.absorpt_correction_T_min   ? 
_exptl.absorpt_correction_type    ? 
_exptl.absorpt_process_details    ? 
_exptl.entry_id                   7ZFN 
_exptl.crystals_number            1 
_exptl.details                    ? 
_exptl.method                     'X-RAY DIFFRACTION' 
_exptl.method_details             ? 
# 
_exptl_crystal.colour                      ? 
_exptl_crystal.density_diffrn              ? 
_exptl_crystal.density_Matthews            2.10 
_exptl_crystal.density_method              ? 
_exptl_crystal.density_percent_sol         41.57 
_exptl_crystal.description                 ? 
_exptl_crystal.F_000                       ? 
_exptl_crystal.id                          1 
_exptl_crystal.preparation                 ? 
_exptl_crystal.size_max                    ? 
_exptl_crystal.size_mid                    ? 
_exptl_crystal.size_min                    ? 
_exptl_crystal.size_rad                    ? 
_exptl_crystal.colour_lustre               ? 
_exptl_crystal.colour_modifier             ? 
_exptl_crystal.colour_primary              ? 
_exptl_crystal.density_meas                ? 
_exptl_crystal.density_meas_esd            ? 
_exptl_crystal.density_meas_gt             ? 
_exptl_crystal.density_meas_lt             ? 
_exptl_crystal.density_meas_temp           ? 
_exptl_crystal.density_meas_temp_esd       ? 
_exptl_crystal.density_meas_temp_gt        ? 
_exptl_crystal.density_meas_temp_lt        ? 
_exptl_crystal.pdbx_crystal_image_url      ? 
_exptl_crystal.pdbx_crystal_image_format   ? 
_exptl_crystal.pdbx_mosaicity              ? 
_exptl_crystal.pdbx_mosaicity_esd          ? 
# 
_exptl_crystal_grow.apparatus       ? 
_exptl_crystal_grow.atmosphere      ? 
_exptl_crystal_grow.crystal_id      1 
_exptl_crystal_grow.details         ? 
_exptl_crystal_grow.method          'VAPOR DIFFUSION, SITTING DROP' 
_exptl_crystal_grow.method_ref      ? 
_exptl_crystal_grow.pH              8.5 
_exptl_crystal_grow.pressure        ? 
_exptl_crystal_grow.pressure_esd    ? 
_exptl_crystal_grow.seeding         ? 
_exptl_crystal_grow.seeding_ref     ? 
_exptl_crystal_grow.temp            293 
_exptl_crystal_grow.temp_details    ? 
_exptl_crystal_grow.temp_esd        ? 
_exptl_crystal_grow.time            ? 
_exptl_crystal_grow.pdbx_details    
;0.1 M Buffer system 3 (1 M Tris, 1 M BICINE, pH 8.5), 34-44% Precipitant Solution 3 (20% PEG 4000, 40%) and 60-80 mM Halogens Mix (NaF, NaBr and NaI) solution
;
_exptl_crystal_grow.pdbx_pH_range   ? 
# 
_diffrn.ambient_environment              ? 
_diffrn.ambient_temp                     100 
_diffrn.ambient_temp_details             ? 
_diffrn.ambient_temp_esd                 ? 
_diffrn.crystal_id                       1 
_diffrn.crystal_support                  ? 
_diffrn.crystal_treatment                ? 
_diffrn.details                          ? 
_diffrn.id                               1 
_diffrn.ambient_pressure                 ? 
_diffrn.ambient_pressure_esd             ? 
_diffrn.ambient_pressure_gt              ? 
_diffrn.ambient_pressure_lt              ? 
_diffrn.ambient_temp_gt                  ? 
_diffrn.ambient_temp_lt                  ? 
_diffrn.pdbx_serial_crystal_experiment   N 
# 
_diffrn_detector.details                      ? 
_diffrn_detector.detector                     PIXEL 
_diffrn_detector.diffrn_id                    1 
_diffrn_detector.type                         'DECTRIS PILATUS 6M' 
_diffrn_detector.area_resol_mean              ? 
_diffrn_detector.dtime                        ? 
_diffrn_detector.pdbx_frames_total            ? 
_diffrn_detector.pdbx_collection_time_total   ? 
_diffrn_detector.pdbx_collection_date         2019-08-04 
_diffrn_detector.pdbx_frequency               ? 
# 
_diffrn_radiation.collimation                      ? 
_diffrn_radiation.diffrn_id                        1 
_diffrn_radiation.filter_edge                      ? 
_diffrn_radiation.inhomogeneity                    ? 
_diffrn_radiation.monochromator                    ? 
_diffrn_radiation.polarisn_norm                    ? 
_diffrn_radiation.polarisn_ratio                   ? 
_diffrn_radiation.probe                            ? 
_diffrn_radiation.type                             ? 
_diffrn_radiation.xray_symbol                      ? 
_diffrn_radiation.wavelength_id                    1 
_diffrn_radiation.pdbx_monochromatic_or_laue_m_l   M 
_diffrn_radiation.pdbx_wavelength_list             ? 
_diffrn_radiation.pdbx_wavelength                  ? 
_diffrn_radiation.pdbx_diffrn_protocol             'SINGLE WAVELENGTH' 
_diffrn_radiation.pdbx_analyzer                    ? 
_diffrn_radiation.pdbx_scattering_type             x-ray 
# 
_diffrn_radiation_wavelength.id           1 
_diffrn_radiation_wavelength.wavelength   0.911635 
_diffrn_radiation_wavelength.wt           1.0 
# 
_diffrn_source.current                     ? 
_diffrn_source.details                     ? 
_diffrn_source.diffrn_id                   1 
_diffrn_source.power                       ? 
_diffrn_source.size                        ? 
_diffrn_source.source                      SYNCHROTRON 
_diffrn_source.target                      ? 
_diffrn_source.type                        'DIAMOND BEAMLINE I04-1' 
_diffrn_source.voltage                     ? 
_diffrn_source.take-off_angle              ? 
_diffrn_source.pdbx_wavelength_list        0.911635 
_diffrn_source.pdbx_wavelength             ? 
_diffrn_source.pdbx_synchrotron_beamline   I04-1 
_diffrn_source.pdbx_synchrotron_site       Diamond 
# 
_reflns.B_iso_Wilson_estimate                          ? 
_reflns.entry_id                                       7ZFN 
_reflns.data_reduction_details                         ? 
_reflns.data_reduction_method                          ? 
_reflns.d_resolution_high                              1.12 
_reflns.d_resolution_low                               39.50 
_reflns.details                                        ? 
_reflns.limit_h_max                                    ? 
_reflns.limit_h_min                                    ? 
_reflns.limit_k_max                                    ? 
_reflns.limit_k_min                                    ? 
_reflns.limit_l_max                                    ? 
_reflns.limit_l_min                                    ? 
_reflns.number_all                                     ? 
_reflns.number_obs                                     50545 
_reflns.observed_criterion                             ? 
_reflns.observed_criterion_F_max                       ? 
_reflns.observed_criterion_F_min                       ? 
_reflns.observed_criterion_I_max                       ? 
_reflns.observed_criterion_I_min                       ? 
_reflns.observed_criterion_sigma_F                     ? 
_reflns.observed_criterion_sigma_I                     ? 
_reflns.percent_possible_obs                           100.0 
_reflns.R_free_details                                 ? 
_reflns.Rmerge_F_all                                   ? 
_reflns.Rmerge_F_obs                                   ? 
_reflns.Friedel_coverage                               ? 
_reflns.number_gt                                      ? 
_reflns.threshold_expression                           ? 
_reflns.pdbx_redundancy                                13.1 
_reflns.pdbx_Rmerge_I_obs                              0.103 
_reflns.pdbx_Rmerge_I_all                              ? 
_reflns.pdbx_Rsym_value                                ? 
_reflns.pdbx_netI_over_av_sigmaI                       ? 
_reflns.pdbx_netI_over_sigmaI                          11.2 
_reflns.pdbx_res_netI_over_av_sigmaI_2                 ? 
_reflns.pdbx_res_netI_over_sigmaI_2                    ? 
_reflns.pdbx_chi_squared                               ? 
_reflns.pdbx_scaling_rejects                           ? 
_reflns.pdbx_d_res_high_opt                            ? 
_reflns.pdbx_d_res_low_opt                             ? 
_reflns.pdbx_d_res_opt_method                          ? 
_reflns.phase_calculation_details                      ? 
_reflns.pdbx_Rrim_I_all                                0.112 
_reflns.pdbx_Rpim_I_all                                0.043 
_reflns.pdbx_d_opt                                     ? 
_reflns.pdbx_number_measured_all                       ? 
_reflns.pdbx_diffrn_id                                 1 
_reflns.pdbx_ordinal                                   1 
_reflns.pdbx_CC_half                                   0.999 
_reflns.pdbx_CC_star                                   ? 
_reflns.pdbx_R_split                                   ? 
_reflns.pdbx_aniso_diffraction_limit_axis_1_ortho[1]   ? 
_reflns.pdbx_aniso_diffraction_limit_axis_1_ortho[2]   ? 
_reflns.pdbx_aniso_diffraction_limit_axis_1_ortho[3]   ? 
_reflns.pdbx_aniso_diffraction_limit_axis_2_ortho[1]   ? 
_reflns.pdbx_aniso_diffraction_limit_axis_2_ortho[2]   ? 
_reflns.pdbx_aniso_diffraction_limit_axis_2_ortho[3]   ? 
_reflns.pdbx_aniso_diffraction_limit_axis_3_ortho[1]   ? 
_reflns.pdbx_aniso_diffraction_limit_axis_3_ortho[2]   ? 
_reflns.pdbx_aniso_diffraction_limit_axis_3_ortho[3]   ? 
_reflns.pdbx_aniso_diffraction_limit_1                 ? 
_reflns.pdbx_aniso_diffraction_limit_2                 ? 
_reflns.pdbx_aniso_diffraction_limit_3                 ? 
_reflns.pdbx_aniso_B_tensor_eigenvector_1_ortho[1]     ? 
_reflns.pdbx_aniso_B_tensor_eigenvector_1_ortho[2]     ? 
_reflns.pdbx_aniso_B_tensor_eigenvector_1_ortho[3]     ? 
_reflns.pdbx_aniso_B_tensor_eigenvector_2_ortho[1]     ? 
_reflns.pdbx_aniso_B_tensor_eigenvector_2_ortho[2]     ? 
_reflns.pdbx_aniso_B_tensor_eigenvector_2_ortho[3]     ? 
_reflns.pdbx_aniso_B_tensor_eigenvector_3_ortho[1]     ? 
_reflns.pdbx_aniso_B_tensor_eigenvector_3_ortho[2]     ? 
_reflns.pdbx_aniso_B_tensor_eigenvector_3_ortho[3]     ? 
_reflns.pdbx_aniso_B_tensor_eigenvalue_1               ? 
_reflns.pdbx_aniso_B_tensor_eigenvalue_2               ? 
_reflns.pdbx_aniso_B_tensor_eigenvalue_3               ? 
_reflns.pdbx_orthogonalization_convention              ? 
_reflns.pdbx_percent_possible_ellipsoidal              ? 
_reflns.pdbx_percent_possible_spherical                ? 
_reflns.pdbx_percent_possible_ellipsoidal_anomalous    ? 
_reflns.pdbx_percent_possible_spherical_anomalous      ? 
_reflns.pdbx_redundancy_anomalous                      ? 
_reflns.pdbx_CC_half_anomalous                         ? 
_reflns.pdbx_absDiff_over_sigma_anomalous              ? 
_reflns.pdbx_percent_possible_anomalous                ? 
_reflns.pdbx_observed_signal_threshold                 ? 
_reflns.pdbx_signal_type                               ? 
_reflns.pdbx_signal_details                            ? 
_reflns.pdbx_signal_software_id                        ? 
# 
loop_
_reflns_shell.d_res_high 
_reflns_shell.d_res_low 
_reflns_shell.meanI_over_sigI_all 
_reflns_shell.meanI_over_sigI_obs 
_reflns_shell.number_measured_all 
_reflns_shell.number_measured_obs 
_reflns_shell.number_possible 
_reflns_shell.number_unique_all 
_reflns_shell.number_unique_obs 
_reflns_shell.percent_possible_all 
_reflns_shell.percent_possible_obs 
_reflns_shell.Rmerge_F_all 
_reflns_shell.Rmerge_F_obs 
_reflns_shell.Rmerge_I_all 
_reflns_shell.Rmerge_I_obs 
_reflns_shell.meanI_over_sigI_gt 
_reflns_shell.meanI_over_uI_all 
_reflns_shell.meanI_over_uI_gt 
_reflns_shell.number_measured_gt 
_reflns_shell.number_unique_gt 
_reflns_shell.percent_possible_gt 
_reflns_shell.Rmerge_F_gt 
_reflns_shell.Rmerge_I_gt 
_reflns_shell.pdbx_redundancy 
_reflns_shell.pdbx_Rsym_value 
_reflns_shell.pdbx_chi_squared 
_reflns_shell.pdbx_netI_over_sigmaI_all 
_reflns_shell.pdbx_netI_over_sigmaI_obs 
_reflns_shell.pdbx_Rrim_I_all 
_reflns_shell.pdbx_Rpim_I_all 
_reflns_shell.pdbx_rejects 
_reflns_shell.pdbx_ordinal 
_reflns_shell.pdbx_diffrn_id 
_reflns_shell.pdbx_CC_half 
_reflns_shell.pdbx_CC_star 
_reflns_shell.pdbx_R_split 
_reflns_shell.pdbx_percent_possible_ellipsoidal 
_reflns_shell.pdbx_percent_possible_spherical 
_reflns_shell.pdbx_percent_possible_ellipsoidal_anomalous 
_reflns_shell.pdbx_percent_possible_spherical_anomalous 
_reflns_shell.pdbx_redundancy_anomalous 
_reflns_shell.pdbx_CC_half_anomalous 
_reflns_shell.pdbx_absDiff_over_sigma_anomalous 
_reflns_shell.pdbx_percent_possible_anomalous 
6.13 39.50 ? ? ? ? ? ? 381  ? ? ? ? ? 0.033 ? ? ? ? ? ? ? ? 11.1 ? ? ? ? 0.035 0.013 ? 1 1 0.998 ? ? ? ? ? ? ? ? ? ? 
1.12 1.14  ? ? ? ? ? ? 2477 ? ? ? ? ? 6.039 ? ? ? ? ? ? ? ? 11.2 ? ? ? ? 6.649 2.759 ? 2 1 0.439 ? ? ? ? ? ? ? ? ? ? 
# 
_refine.aniso_B[1][1]                            1.521 
_refine.aniso_B[1][2]                            0.000 
_refine.aniso_B[1][3]                            -0.000 
_refine.aniso_B[2][2]                            -1.091 
_refine.aniso_B[2][3]                            0.000 
_refine.aniso_B[3][3]                            -0.430 
_refine.B_iso_max                                ? 
_refine.B_iso_mean                               19.312 
_refine.B_iso_min                                ? 
_refine.correlation_coeff_Fo_to_Fc               0.967 
_refine.correlation_coeff_Fo_to_Fc_free          0.950 
_refine.details                                  'Hydrogens have been added in their riding positions' 
_refine.diff_density_max                         ? 
_refine.diff_density_max_esd                     ? 
_refine.diff_density_min                         ? 
_refine.diff_density_min_esd                     ? 
_refine.diff_density_rms                         ? 
_refine.diff_density_rms_esd                     ? 
_refine.entry_id                                 7ZFN 
_refine.pdbx_refine_id                           'X-RAY DIFFRACTION' 
_refine.ls_abs_structure_details                 ? 
_refine.ls_abs_structure_Flack                   ? 
_refine.ls_abs_structure_Flack_esd               ? 
_refine.ls_abs_structure_Rogers                  ? 
_refine.ls_abs_structure_Rogers_esd              ? 
_refine.ls_d_res_high                            1.120 
_refine.ls_d_res_low                             39.50 
_refine.ls_extinction_coef                       ? 
_refine.ls_extinction_coef_esd                   ? 
_refine.ls_extinction_expression                 ? 
_refine.ls_extinction_method                     ? 
_refine.ls_goodness_of_fit_all                   ? 
_refine.ls_goodness_of_fit_all_esd               ? 
_refine.ls_goodness_of_fit_obs                   ? 
_refine.ls_goodness_of_fit_obs_esd               ? 
_refine.ls_hydrogen_treatment                    ? 
_refine.ls_matrix_type                           ? 
_refine.ls_number_constraints                    ? 
_refine.ls_number_parameters                     ? 
_refine.ls_number_reflns_all                     ? 
_refine.ls_number_reflns_obs                     50474 
_refine.ls_number_reflns_R_free                  2526 
_refine.ls_number_reflns_R_work                  47948 
_refine.ls_number_restraints                     ? 
_refine.ls_percent_reflns_obs                    99.958 
_refine.ls_percent_reflns_R_free                 5.005 
_refine.ls_R_factor_all                          0.212 
_refine.ls_R_factor_obs                          ? 
_refine.ls_R_factor_R_free                       0.2436 
_refine.ls_R_factor_R_free_error                 ? 
_refine.ls_R_factor_R_free_error_details         ? 
_refine.ls_R_factor_R_work                       0.2107 
_refine.ls_R_Fsqd_factor_obs                     ? 
_refine.ls_R_I_factor_obs                        ? 
_refine.ls_redundancy_reflns_all                 ? 
_refine.ls_redundancy_reflns_obs                 ? 
_refine.ls_restrained_S_all                      ? 
_refine.ls_restrained_S_obs                      ? 
_refine.ls_shift_over_esd_max                    ? 
_refine.ls_shift_over_esd_mean                   ? 
_refine.ls_structure_factor_coef                 ? 
_refine.ls_weighting_details                     ? 
_refine.ls_weighting_scheme                      ? 
_refine.ls_wR_factor_all                         ? 
_refine.ls_wR_factor_obs                         ? 
_refine.ls_wR_factor_R_free                      ? 
_refine.ls_wR_factor_R_work                      ? 
_refine.occupancy_max                            ? 
_refine.occupancy_min                            ? 
_refine.solvent_model_details                    'MASK BULK SOLVENT' 
_refine.solvent_model_param_bsol                 ? 
_refine.solvent_model_param_ksol                 ? 
_refine.pdbx_R_complete                          ? 
_refine.ls_R_factor_gt                           ? 
_refine.ls_goodness_of_fit_gt                    ? 
_refine.ls_goodness_of_fit_ref                   ? 
_refine.ls_shift_over_su_max                     ? 
_refine.ls_shift_over_su_max_lt                  ? 
_refine.ls_shift_over_su_mean                    ? 
_refine.ls_shift_over_su_mean_lt                 ? 
_refine.pdbx_ls_sigma_I                          ? 
_refine.pdbx_ls_sigma_F                          ? 
_refine.pdbx_ls_sigma_Fsqd                       ? 
_refine.pdbx_data_cutoff_high_absF               ? 
_refine.pdbx_data_cutoff_high_rms_absF           ? 
_refine.pdbx_data_cutoff_low_absF                ? 
_refine.pdbx_isotropic_thermal_model             ? 
_refine.pdbx_ls_cross_valid_method               'FREE R-VALUE' 
_refine.pdbx_method_to_determine_struct          'MOLECULAR REPLACEMENT' 
_refine.pdbx_starting_model                      5LRQ 
_refine.pdbx_stereochemistry_target_values       ? 
_refine.pdbx_R_Free_selection_details            ? 
_refine.pdbx_stereochem_target_val_spec_case     ? 
_refine.pdbx_overall_ESU_R                       0.042 
_refine.pdbx_overall_ESU_R_Free                  0.045 
_refine.pdbx_solvent_vdw_probe_radii             1.200 
_refine.pdbx_solvent_ion_probe_radii             0.800 
_refine.pdbx_solvent_shrinkage_radii             0.800 
_refine.pdbx_real_space_R                        ? 
_refine.pdbx_density_correlation                 ? 
_refine.pdbx_pd_number_of_powder_patterns        ? 
_refine.pdbx_pd_number_of_points                 ? 
_refine.pdbx_pd_meas_number_of_points            ? 
_refine.pdbx_pd_proc_ls_prof_R_factor            ? 
_refine.pdbx_pd_proc_ls_prof_wR_factor           ? 
_refine.pdbx_pd_Marquardt_correlation_coeff      ? 
_refine.pdbx_pd_Fsqrd_R_factor                   ? 
_refine.pdbx_pd_ls_matrix_band_width             ? 
_refine.pdbx_overall_phase_error                 ? 
_refine.pdbx_overall_SU_R_free_Cruickshank_DPI   ? 
_refine.pdbx_overall_SU_R_free_Blow_DPI          ? 
_refine.pdbx_overall_SU_R_Blow_DPI               ? 
_refine.pdbx_TLS_residual_ADP_flag               ? 
_refine.pdbx_diffrn_id                           1 
_refine.overall_SU_B                             1.024 
_refine.overall_SU_ML                            0.045 
_refine.overall_SU_R_Cruickshank_DPI             ? 
_refine.overall_SU_R_free                        ? 
_refine.overall_FOM_free_R_set                   ? 
_refine.overall_FOM_work_R_set                   ? 
_refine.pdbx_average_fsc_overall                 ? 
_refine.pdbx_average_fsc_work                    ? 
_refine.pdbx_average_fsc_free                    ? 
# 
_refine_hist.pdbx_refine_id                   'X-RAY DIFFRACTION' 
_refine_hist.cycle_id                         LAST 
_refine_hist.details                          ? 
_refine_hist.d_res_high                       1.120 
_refine_hist.d_res_low                        39.50 
_refine_hist.number_atoms_solvent             159 
_refine_hist.number_atoms_total               1263 
_refine_hist.number_reflns_all                ? 
_refine_hist.number_reflns_obs                ? 
_refine_hist.number_reflns_R_free             ? 
_refine_hist.number_reflns_R_work             ? 
_refine_hist.R_factor_all                     ? 
_refine_hist.R_factor_obs                     ? 
_refine_hist.R_factor_R_free                  ? 
_refine_hist.R_factor_R_work                  ? 
_refine_hist.pdbx_number_residues_total       ? 
_refine_hist.pdbx_B_iso_mean_ligand           ? 
_refine_hist.pdbx_B_iso_mean_solvent          ? 
_refine_hist.pdbx_number_atoms_protein        1076 
_refine_hist.pdbx_number_atoms_nucleic_acid   0 
_refine_hist.pdbx_number_atoms_ligand         28 
_refine_hist.pdbx_number_atoms_lipid          ? 
_refine_hist.pdbx_number_atoms_carb           ? 
_refine_hist.pdbx_pseudo_atom_details         ? 
# 
loop_
_refine_ls_restr.pdbx_refine_id 
_refine_ls_restr.criterion 
_refine_ls_restr.dev_ideal 
_refine_ls_restr.dev_ideal_target 
_refine_ls_restr.number 
_refine_ls_restr.rejects 
_refine_ls_restr.type 
_refine_ls_restr.weight 
_refine_ls_restr.pdbx_restraint_function 
'X-RAY DIFFRACTION' ? 0.011  0.012  1157 ? r_bond_refined_d               ? ? 
'X-RAY DIFFRACTION' ? 1.937  1.653  1578 ? r_angle_refined_deg            ? ? 
'X-RAY DIFFRACTION' ? 6.823  5.000  134  ? r_dihedral_angle_1_deg         ? ? 
'X-RAY DIFFRACTION' ? 37.168 25.085 59   ? r_dihedral_angle_2_deg         ? ? 
'X-RAY DIFFRACTION' ? 12.846 15.000 202  ? r_dihedral_angle_3_deg         ? ? 
'X-RAY DIFFRACTION' ? 28.796 15.000 3    ? r_dihedral_angle_4_deg         ? ? 
'X-RAY DIFFRACTION' ? 0.149  0.200  146  ? r_chiral_restr                 ? ? 
'X-RAY DIFFRACTION' ? 0.013  0.020  909  ? r_gen_planes_refined           ? ? 
'X-RAY DIFFRACTION' ? 0.231  0.200  576  ? r_nbd_refined                  ? ? 
'X-RAY DIFFRACTION' ? 0.325  0.200  789  ? r_nbtor_refined                ? ? 
'X-RAY DIFFRACTION' ? 0.212  0.200  98   ? r_xyhbond_nbd_refined          ? ? 
'X-RAY DIFFRACTION' ? 0.201  0.200  45   ? r_symmetry_nbd_refined         ? ? 
'X-RAY DIFFRACTION' ? 0.217  0.200  25   ? r_symmetry_xyhbond_nbd_refined ? ? 
'X-RAY DIFFRACTION' ? 1.458  1.465  527  ? r_mcbond_it                    ? ? 
'X-RAY DIFFRACTION' ? 2.140  2.197  661  ? r_mcangle_it                   ? ? 
'X-RAY DIFFRACTION' ? 3.009  1.937  630  ? r_scbond_it                    ? ? 
'X-RAY DIFFRACTION' ? 4.197  2.788  916  ? r_scangle_it                   ? ? 
'X-RAY DIFFRACTION' ? 7.301  23.192 1880 ? r_lrange_it                    ? ? 
# 
loop_
_refine_ls_shell.pdbx_refine_id 
_refine_ls_shell.d_res_high 
_refine_ls_shell.d_res_low 
_refine_ls_shell.number_reflns_all 
_refine_ls_shell.number_reflns_obs 
_refine_ls_shell.number_reflns_R_free 
_refine_ls_shell.number_reflns_R_work 
_refine_ls_shell.percent_reflns_obs 
_refine_ls_shell.percent_reflns_R_free 
_refine_ls_shell.R_factor_all 
_refine_ls_shell.R_factor_obs 
_refine_ls_shell.R_factor_R_free 
_refine_ls_shell.R_factor_R_free_error 
_refine_ls_shell.R_factor_R_work 
_refine_ls_shell.redundancy_reflns_all 
_refine_ls_shell.redundancy_reflns_obs 
_refine_ls_shell.wR_factor_all 
_refine_ls_shell.wR_factor_obs 
_refine_ls_shell.wR_factor_R_free 
_refine_ls_shell.wR_factor_R_work 
_refine_ls_shell.pdbx_R_complete 
_refine_ls_shell.pdbx_total_number_of_bins_used 
_refine_ls_shell.pdbx_phase_error 
_refine_ls_shell.pdbx_fsc_work 
_refine_ls_shell.pdbx_fsc_free 
'X-RAY DIFFRACTION' 1.120 1.149 . . 172 3520 99.8378  . . . 0.399 . 0.380 . . . . . . . . . . . 
'X-RAY DIFFRACTION' 1.149 1.181 . . 174 3408 100.0000 . . . 0.344 . 0.356 . . . . . . . . . . . 
'X-RAY DIFFRACTION' 1.181 1.215 . . 192 3298 100.0000 . . . 0.313 . 0.320 . . . . . . . . . . . 
'X-RAY DIFFRACTION' 1.215 1.252 . . 168 3232 100.0000 . . . 0.328 . 0.302 . . . . . . . . . . . 
'X-RAY DIFFRACTION' 1.252 1.293 . . 172 3107 100.0000 . . . 0.257 . 0.293 . . . . . . . . . . . 
'X-RAY DIFFRACTION' 1.293 1.339 . . 156 3045 100.0000 . . . 0.257 . 0.254 . . . . . . . . . . . 
'X-RAY DIFFRACTION' 1.339 1.389 . . 154 2921 100.0000 . . . 0.284 . 0.240 . . . . . . . . . . . 
'X-RAY DIFFRACTION' 1.389 1.446 . . 152 2816 100.0000 . . . 0.234 . 0.211 . . . . . . . . . . . 
'X-RAY DIFFRACTION' 1.446 1.510 . . 144 2710 100.0000 . . . 0.256 . 0.200 . . . . . . . . . . . 
'X-RAY DIFFRACTION' 1.510 1.584 . . 143 2590 100.0000 . . . 0.211 . 0.188 . . . . . . . . . . . 
'X-RAY DIFFRACTION' 1.584 1.669 . . 135 2446 100.0000 . . . 0.224 . 0.185 . . . . . . . . . . . 
'X-RAY DIFFRACTION' 1.669 1.771 . . 130 2357 100.0000 . . . 0.241 . 0.193 . . . . . . . . . . . 
'X-RAY DIFFRACTION' 1.771 1.893 . . 125 2216 99.9573  . . . 0.205 . 0.191 . . . . . . . . . . . 
'X-RAY DIFFRACTION' 1.893 2.044 . . 104 2059 100.0000 . . . 0.233 . 0.200 . . . . . . . . . . . 
'X-RAY DIFFRACTION' 2.044 2.239 . . 96  1916 100.0000 . . . 0.218 . 0.196 . . . . . . . . . . . 
'X-RAY DIFFRACTION' 2.239 2.503 . . 77  1768 100.0000 . . . 0.245 . 0.202 . . . . . . . . . . . 
'X-RAY DIFFRACTION' 2.503 2.890 . . 81  1540 100.0000 . . . 0.196 . 0.204 . . . . . . . . . . . 
'X-RAY DIFFRACTION' 2.890 3.539 . . 64  1325 100.0000 . . . 0.232 . 0.200 . . . . . . . . . . . 
'X-RAY DIFFRACTION' 3.539 4.999 . . 46  1056 100.0000 . . . 0.205 . 0.155 . . . . . . . . . . . 
'X-RAY DIFFRACTION' 4.999 39.50 . . 41  618  100.0000 . . . 0.343 . 0.229 . . . . . . . . . . . 
# 
_struct.entry_id                     7ZFN 
_struct.title                        'BRD4 in complex with FragLite24' 
_struct.pdbx_model_details           ? 
_struct.pdbx_formula_weight          ? 
_struct.pdbx_formula_weight_method   ? 
_struct.pdbx_model_type_details      ? 
_struct.pdbx_CASP_flag               N 
# 
_struct_keywords.entry_id        7ZFN 
_struct_keywords.text            'FragLites, anomalous, BRD4, Fragment screening, TRANSCRIPTION' 
_struct_keywords.pdbx_keywords   TRANSCRIPTION 
# 
loop_
_struct_asym.id 
_struct_asym.pdbx_blank_PDB_chainid_flag 
_struct_asym.pdbx_modified 
_struct_asym.entity_id 
_struct_asym.details 
A N N 1 ? 
B N N 2 ? 
C N N 3 ? 
D N N 3 ? 
E N N 4 ? 
# 
_struct_ref.id                         1 
_struct_ref.db_name                    UNP 
_struct_ref.db_code                    BRD4_HUMAN 
_struct_ref.pdbx_db_accession          O60885 
_struct_ref.pdbx_db_isoform            ? 
_struct_ref.entity_id                  1 
_struct_ref.pdbx_seq_one_letter_code   
;NPPPPETSNPNKPKRQTNQLQYLLRVVLKTLWKHQFAWPFQQPVDAVKLNLPDYYKIIKTPMDMGTIKKRLENNYYWNAQ
ECIQDFNTMFTNCYIYNKPGDDIVLMAEALEKLFLQKINELPTEE
;
_struct_ref.pdbx_align_begin           44 
# 
_struct_ref_seq.align_id                      1 
_struct_ref_seq.ref_id                        1 
_struct_ref_seq.pdbx_PDB_id_code              7ZFN 
_struct_ref_seq.pdbx_strand_id                AAA 
_struct_ref_seq.seq_align_beg                 5 
_struct_ref_seq.pdbx_seq_align_beg_ins_code   ? 
_struct_ref_seq.seq_align_end                 129 
_struct_ref_seq.pdbx_seq_align_end_ins_code   ? 
_struct_ref_seq.pdbx_db_accession             O60885 
_struct_ref_seq.db_align_beg                  44 
_struct_ref_seq.pdbx_db_align_beg_ins_code    ? 
_struct_ref_seq.db_align_end                  168 
_struct_ref_seq.pdbx_db_align_end_ins_code    ? 
_struct_ref_seq.pdbx_auth_seq_align_beg       44 
_struct_ref_seq.pdbx_auth_seq_align_end       168 
# 
loop_
_struct_ref_seq_dif.align_id 
_struct_ref_seq_dif.pdbx_pdb_id_code 
_struct_ref_seq_dif.mon_id 
_struct_ref_seq_dif.pdbx_pdb_strand_id 
_struct_ref_seq_dif.seq_num 
_struct_ref_seq_dif.pdbx_pdb_ins_code 
_struct_ref_seq_dif.pdbx_seq_db_name 
_struct_ref_seq_dif.pdbx_seq_db_accession_code 
_struct_ref_seq_dif.db_mon_id 
_struct_ref_seq_dif.pdbx_seq_db_seq_num 
_struct_ref_seq_dif.details 
_struct_ref_seq_dif.pdbx_auth_seq_num 
_struct_ref_seq_dif.pdbx_ordinal 
1 7ZFN GLY AAA 1 ? UNP O60885 ? ? 'expression tag' 40 1 
1 7ZFN SER AAA 2 ? UNP O60885 ? ? 'expression tag' 41 2 
1 7ZFN HIS AAA 3 ? UNP O60885 ? ? 'expression tag' 42 3 
1 7ZFN MET AAA 4 ? UNP O60885 ? ? 'expression tag' 43 4 
# 
_pdbx_struct_assembly.id                   1 
_pdbx_struct_assembly.details              author_and_software_defined_assembly 
_pdbx_struct_assembly.method_details       PISA 
_pdbx_struct_assembly.oligomeric_details   monomeric 
_pdbx_struct_assembly.oligomeric_count     1 
# 
loop_
_pdbx_struct_assembly_prop.biol_id 
_pdbx_struct_assembly_prop.type 
_pdbx_struct_assembly_prop.value 
_pdbx_struct_assembly_prop.details 
1 'ABSA (A^2)' 230  ? 
1 MORE         -0   ? 
1 'SSA (A^2)'  7870 ? 
# 
_pdbx_struct_assembly_gen.assembly_id       1 
_pdbx_struct_assembly_gen.oper_expression   1 
_pdbx_struct_assembly_gen.asym_id_list      A,B,C,D,E 
# 
_pdbx_struct_assembly_auth_evidence.id                     1 
_pdbx_struct_assembly_auth_evidence.assembly_id            1 
_pdbx_struct_assembly_auth_evidence.experimental_support   'gel filtration' 
_pdbx_struct_assembly_auth_evidence.details                ? 
# 
_pdbx_struct_oper_list.id                   1 
_pdbx_struct_oper_list.type                 'identity operation' 
_pdbx_struct_oper_list.name                 1_555 
_pdbx_struct_oper_list.symmetry_operation   x,y,z 
_pdbx_struct_oper_list.matrix[1][1]         1.0000000000 
_pdbx_struct_oper_list.matrix[1][2]         0.0000000000 
_pdbx_struct_oper_list.matrix[1][3]         0.0000000000 
_pdbx_struct_oper_list.vector[1]            0.0000000000 
_pdbx_struct_oper_list.matrix[2][1]         0.0000000000 
_pdbx_struct_oper_list.matrix[2][2]         1.0000000000 
_pdbx_struct_oper_list.matrix[2][3]         0.0000000000 
_pdbx_struct_oper_list.vector[2]            0.0000000000 
_pdbx_struct_oper_list.matrix[3][1]         0.0000000000 
_pdbx_struct_oper_list.matrix[3][2]         0.0000000000 
_pdbx_struct_oper_list.matrix[3][3]         1.0000000000 
_pdbx_struct_oper_list.vector[3]            0.0000000000 
# 
loop_
_struct_conf.conf_type_id 
_struct_conf.id 
_struct_conf.pdbx_PDB_helix_id 
_struct_conf.beg_label_comp_id 
_struct_conf.beg_label_asym_id 
_struct_conf.beg_label_seq_id 
_struct_conf.pdbx_beg_PDB_ins_code 
_struct_conf.end_label_comp_id 
_struct_conf.end_label_asym_id 
_struct_conf.end_label_seq_id 
_struct_conf.pdbx_end_PDB_ins_code 
_struct_conf.beg_auth_comp_id 
_struct_conf.beg_auth_asym_id 
_struct_conf.beg_auth_seq_id 
_struct_conf.end_auth_comp_id 
_struct_conf.end_auth_asym_id 
_struct_conf.end_auth_seq_id 
_struct_conf.pdbx_PDB_helix_class 
_struct_conf.details 
_struct_conf.pdbx_PDB_helix_length 
HELX_P HELX_P1 AA1 THR A 21  ? VAL A 30  ? THR AAA 60  VAL AAA 69  1 ? 10 
HELX_P HELX_P2 AA2 VAL A 30  ? LYS A 37  ? VAL AAA 69  LYS AAA 76  1 ? 8  
HELX_P HELX_P3 AA3 ALA A 41  ? GLN A 45  ? ALA AAA 80  GLN AAA 84  5 ? 5  
HELX_P HELX_P4 AA4 ASP A 57  ? ILE A 62  ? ASP AAA 96  ILE AAA 101 1 ? 6  
HELX_P HELX_P5 AA5 ASP A 67  ? ASN A 77  ? ASP AAA 106 ASN AAA 116 1 ? 11 
HELX_P HELX_P6 AA6 ASN A 82  ? ASN A 101 ? ASN AAA 121 ASN AAA 140 1 ? 20 
HELX_P HELX_P7 AA7 ASP A 105 ? GLU A 124 ? ASP AAA 144 GLU AAA 163 1 ? 20 
# 
_struct_conf_type.id          HELX_P 
_struct_conf_type.criteria    ? 
_struct_conf_type.reference   ? 
# 
loop_
_pdbx_validate_close_contact.id 
_pdbx_validate_close_contact.PDB_model_num 
_pdbx_validate_close_contact.auth_atom_id_1 
_pdbx_validate_close_contact.auth_asym_id_1 
_pdbx_validate_close_contact.auth_comp_id_1 
_pdbx_validate_close_contact.auth_seq_id_1 
_pdbx_validate_close_contact.PDB_ins_code_1 
_pdbx_validate_close_contact.label_alt_id_1 
_pdbx_validate_close_contact.auth_atom_id_2 
_pdbx_validate_close_contact.auth_asym_id_2 
_pdbx_validate_close_contact.auth_comp_id_2 
_pdbx_validate_close_contact.auth_seq_id_2 
_pdbx_validate_close_contact.PDB_ins_code_2 
_pdbx_validate_close_contact.label_alt_id_2 
_pdbx_validate_close_contact.dist 
1 1 O   AAA HOH 540 ? ? O   AAA HOH 545 ? ? 1.63 
2 1 C6  AAA IT4 403 ? ? O   AAA HOH 539 ? ? 1.90 
3 1 NE2 AAA GLN 59  ? ? OD1 AAA ASN 117 ? A 2.12 
# 
_pdbx_validate_rmsd_bond.id                        1 
_pdbx_validate_rmsd_bond.PDB_model_num             1 
_pdbx_validate_rmsd_bond.auth_atom_id_1            CD 
_pdbx_validate_rmsd_bond.auth_asym_id_1            AAA 
_pdbx_validate_rmsd_bond.auth_comp_id_1            GLU 
_pdbx_validate_rmsd_bond.auth_seq_id_1             124 
_pdbx_validate_rmsd_bond.PDB_ins_code_1            ? 
_pdbx_validate_rmsd_bond.label_alt_id_1            ? 
_pdbx_validate_rmsd_bond.auth_atom_id_2            OE2 
_pdbx_validate_rmsd_bond.auth_asym_id_2            AAA 
_pdbx_validate_rmsd_bond.auth_comp_id_2            GLU 
_pdbx_validate_rmsd_bond.auth_seq_id_2             124 
_pdbx_validate_rmsd_bond.PDB_ins_code_2            ? 
_pdbx_validate_rmsd_bond.label_alt_id_2            ? 
_pdbx_validate_rmsd_bond.bond_value                1.172 
_pdbx_validate_rmsd_bond.bond_target_value         1.252 
_pdbx_validate_rmsd_bond.bond_deviation            -0.080 
_pdbx_validate_rmsd_bond.bond_standard_deviation   0.011 
_pdbx_validate_rmsd_bond.linker_flag               N 
# 
_pdbx_validate_rmsd_angle.id                         1 
_pdbx_validate_rmsd_angle.PDB_model_num              1 
_pdbx_validate_rmsd_angle.auth_atom_id_1             NE 
_pdbx_validate_rmsd_angle.auth_asym_id_1             AAA 
_pdbx_validate_rmsd_angle.auth_comp_id_1             ARG 
_pdbx_validate_rmsd_angle.auth_seq_id_1              58 
_pdbx_validate_rmsd_angle.PDB_ins_code_1             ? 
_pdbx_validate_rmsd_angle.label_alt_id_1             ? 
_pdbx_validate_rmsd_angle.auth_atom_id_2             CZ 
_pdbx_validate_rmsd_angle.auth_asym_id_2             AAA 
_pdbx_validate_rmsd_angle.auth_comp_id_2             ARG 
_pdbx_validate_rmsd_angle.auth_seq_id_2              58 
_pdbx_validate_rmsd_angle.PDB_ins_code_2             ? 
_pdbx_validate_rmsd_angle.label_alt_id_2             ? 
_pdbx_validate_rmsd_angle.auth_atom_id_3             NH2 
_pdbx_validate_rmsd_angle.auth_asym_id_3             AAA 
_pdbx_validate_rmsd_angle.auth_comp_id_3             ARG 
_pdbx_validate_rmsd_angle.auth_seq_id_3              58 
_pdbx_validate_rmsd_angle.PDB_ins_code_3             ? 
_pdbx_validate_rmsd_angle.label_alt_id_3             ? 
_pdbx_validate_rmsd_angle.angle_value                116.99 
_pdbx_validate_rmsd_angle.angle_target_value         120.30 
_pdbx_validate_rmsd_angle.angle_deviation            -3.31 
_pdbx_validate_rmsd_angle.angle_standard_deviation   0.50 
_pdbx_validate_rmsd_angle.linker_flag                N 
# 
loop_
_pdbx_validate_torsion.id 
_pdbx_validate_torsion.PDB_model_num 
_pdbx_validate_torsion.auth_comp_id 
_pdbx_validate_torsion.auth_asym_id 
_pdbx_validate_torsion.auth_seq_id 
_pdbx_validate_torsion.PDB_ins_code 
_pdbx_validate_torsion.label_alt_id 
_pdbx_validate_torsion.phi 
_pdbx_validate_torsion.psi 
1 1 ASN AAA 52  ? ? -164.78 104.87 
2 1 VAL AAA 69  ? ? -109.45 -61.61 
3 1 ASN AAA 116 ? ? -96.75  30.11  
4 1 ASN AAA 117 ? B -0.19   97.11  
# 
_pdbx_validate_peptide_omega.id               1 
_pdbx_validate_peptide_omega.PDB_model_num    1 
_pdbx_validate_peptide_omega.auth_comp_id_1   GLY 
_pdbx_validate_peptide_omega.auth_asym_id_1   AAA 
_pdbx_validate_peptide_omega.auth_seq_id_1    143 
_pdbx_validate_peptide_omega.PDB_ins_code_1   ? 
_pdbx_validate_peptide_omega.label_alt_id_1   ? 
_pdbx_validate_peptide_omega.auth_comp_id_2   ASP 
_pdbx_validate_peptide_omega.auth_asym_id_2   AAA 
_pdbx_validate_peptide_omega.auth_seq_id_2    144 
_pdbx_validate_peptide_omega.PDB_ins_code_2   ? 
_pdbx_validate_peptide_omega.label_alt_id_2   ? 
_pdbx_validate_peptide_omega.omega            -142.91 
# 
_pdbx_entry_details.entry_id                 7ZFN 
_pdbx_entry_details.has_ligand_of_interest   Y 
_pdbx_entry_details.compound_details         ? 
_pdbx_entry_details.source_details           ? 
_pdbx_entry_details.nonpolymer_details       ? 
_pdbx_entry_details.sequence_details         ? 
# 
loop_
_chem_comp_atom.comp_id 
_chem_comp_atom.atom_id 
_chem_comp_atom.type_symbol 
_chem_comp_atom.pdbx_aromatic_flag 
_chem_comp_atom.pdbx_stereo_config 
_chem_comp_atom.pdbx_ordinal 
ALA N    N  N N 1   
ALA CA   C  N S 2   
ALA C    C  N N 3   
ALA O    O  N N 4   
ALA CB   C  N N 5   
ALA OXT  O  N N 6   
ALA H    H  N N 7   
ALA H2   H  N N 8   
ALA HA   H  N N 9   
ALA HB1  H  N N 10  
ALA HB2  H  N N 11  
ALA HB3  H  N N 12  
ALA HXT  H  N N 13  
ARG N    N  N N 14  
ARG CA   C  N S 15  
ARG C    C  N N 16  
ARG O    O  N N 17  
ARG CB   C  N N 18  
ARG CG   C  N N 19  
ARG CD   C  N N 20  
ARG NE   N  N N 21  
ARG CZ   C  N N 22  
ARG NH1  N  N N 23  
ARG NH2  N  N N 24  
ARG OXT  O  N N 25  
ARG H    H  N N 26  
ARG H2   H  N N 27  
ARG HA   H  N N 28  
ARG HB2  H  N N 29  
ARG HB3  H  N N 30  
ARG HG2  H  N N 31  
ARG HG3  H  N N 32  
ARG HD2  H  N N 33  
ARG HD3  H  N N 34  
ARG HE   H  N N 35  
ARG HH11 H  N N 36  
ARG HH12 H  N N 37  
ARG HH21 H  N N 38  
ARG HH22 H  N N 39  
ARG HXT  H  N N 40  
ASN N    N  N N 41  
ASN CA   C  N S 42  
ASN C    C  N N 43  
ASN O    O  N N 44  
ASN CB   C  N N 45  
ASN CG   C  N N 46  
ASN OD1  O  N N 47  
ASN ND2  N  N N 48  
ASN OXT  O  N N 49  
ASN H    H  N N 50  
ASN H2   H  N N 51  
ASN HA   H  N N 52  
ASN HB2  H  N N 53  
ASN HB3  H  N N 54  
ASN HD21 H  N N 55  
ASN HD22 H  N N 56  
ASN HXT  H  N N 57  
ASP N    N  N N 58  
ASP CA   C  N S 59  
ASP C    C  N N 60  
ASP O    O  N N 61  
ASP CB   C  N N 62  
ASP CG   C  N N 63  
ASP OD1  O  N N 64  
ASP OD2  O  N N 65  
ASP OXT  O  N N 66  
ASP H    H  N N 67  
ASP H2   H  N N 68  
ASP HA   H  N N 69  
ASP HB2  H  N N 70  
ASP HB3  H  N N 71  
ASP HD2  H  N N 72  
ASP HXT  H  N N 73  
CYS N    N  N N 74  
CYS CA   C  N R 75  
CYS C    C  N N 76  
CYS O    O  N N 77  
CYS CB   C  N N 78  
CYS SG   S  N N 79  
CYS OXT  O  N N 80  
CYS H    H  N N 81  
CYS H2   H  N N 82  
CYS HA   H  N N 83  
CYS HB2  H  N N 84  
CYS HB3  H  N N 85  
CYS HG   H  N N 86  
CYS HXT  H  N N 87  
GLN N    N  N N 88  
GLN CA   C  N S 89  
GLN C    C  N N 90  
GLN O    O  N N 91  
GLN CB   C  N N 92  
GLN CG   C  N N 93  
GLN CD   C  N N 94  
GLN OE1  O  N N 95  
GLN NE2  N  N N 96  
GLN OXT  O  N N 97  
GLN H    H  N N 98  
GLN H2   H  N N 99  
GLN HA   H  N N 100 
GLN HB2  H  N N 101 
GLN HB3  H  N N 102 
GLN HG2  H  N N 103 
GLN HG3  H  N N 104 
GLN HE21 H  N N 105 
GLN HE22 H  N N 106 
GLN HXT  H  N N 107 
GLU N    N  N N 108 
GLU CA   C  N S 109 
GLU C    C  N N 110 
GLU O    O  N N 111 
GLU CB   C  N N 112 
GLU CG   C  N N 113 
GLU CD   C  N N 114 
GLU OE1  O  N N 115 
GLU OE2  O  N N 116 
GLU OXT  O  N N 117 
GLU H    H  N N 118 
GLU H2   H  N N 119 
GLU HA   H  N N 120 
GLU HB2  H  N N 121 
GLU HB3  H  N N 122 
GLU HG2  H  N N 123 
GLU HG3  H  N N 124 
GLU HE2  H  N N 125 
GLU HXT  H  N N 126 
GLY N    N  N N 127 
GLY CA   C  N N 128 
GLY C    C  N N 129 
GLY O    O  N N 130 
GLY OXT  O  N N 131 
GLY H    H  N N 132 
GLY H2   H  N N 133 
GLY HA2  H  N N 134 
GLY HA3  H  N N 135 
GLY HXT  H  N N 136 
GOL C1   C  N N 137 
GOL O1   O  N N 138 
GOL C2   C  N N 139 
GOL O2   O  N N 140 
GOL C3   C  N N 141 
GOL O3   O  N N 142 
GOL H11  H  N N 143 
GOL H12  H  N N 144 
GOL HO1  H  N N 145 
GOL H2   H  N N 146 
GOL HO2  H  N N 147 
GOL H31  H  N N 148 
GOL H32  H  N N 149 
GOL HO3  H  N N 150 
HIS N    N  N N 151 
HIS CA   C  N S 152 
HIS C    C  N N 153 
HIS O    O  N N 154 
HIS CB   C  N N 155 
HIS CG   C  Y N 156 
HIS ND1  N  Y N 157 
HIS CD2  C  Y N 158 
HIS CE1  C  Y N 159 
HIS NE2  N  Y N 160 
HIS OXT  O  N N 161 
HIS H    H  N N 162 
HIS H2   H  N N 163 
HIS HA   H  N N 164 
HIS HB2  H  N N 165 
HIS HB3  H  N N 166 
HIS HD1  H  N N 167 
HIS HD2  H  N N 168 
HIS HE1  H  N N 169 
HIS HE2  H  N N 170 
HIS HXT  H  N N 171 
HOH O    O  N N 172 
HOH H1   H  N N 173 
HOH H2   H  N N 174 
ILE N    N  N N 175 
ILE CA   C  N S 176 
ILE C    C  N N 177 
ILE O    O  N N 178 
ILE CB   C  N S 179 
ILE CG1  C  N N 180 
ILE CG2  C  N N 181 
ILE CD1  C  N N 182 
ILE OXT  O  N N 183 
ILE H    H  N N 184 
ILE H2   H  N N 185 
ILE HA   H  N N 186 
ILE HB   H  N N 187 
ILE HG12 H  N N 188 
ILE HG13 H  N N 189 
ILE HG21 H  N N 190 
ILE HG22 H  N N 191 
ILE HG23 H  N N 192 
ILE HD11 H  N N 193 
ILE HD12 H  N N 194 
ILE HD13 H  N N 195 
ILE HXT  H  N N 196 
IT4 C4   C  Y N 197 
IT4 C5   C  Y N 198 
IT4 C6   C  Y N 199 
IT4 C7   C  Y N 200 
IT4 C3   C  Y N 201 
IT4 O1   O  N N 202 
IT4 C1   C  N N 203 
IT4 O2   O  N N 204 
IT4 C2   C  Y N 205 
IT4 BR1  BR N N 206 
IT4 O3   O  N N 207 
IT4 H1   H  N N 208 
IT4 H2   H  N N 209 
IT4 H3   H  N N 210 
IT4 H4   H  N N 211 
IT4 H5   H  N N 212 
LEU N    N  N N 213 
LEU CA   C  N S 214 
LEU C    C  N N 215 
LEU O    O  N N 216 
LEU CB   C  N N 217 
LEU CG   C  N N 218 
LEU CD1  C  N N 219 
LEU CD2  C  N N 220 
LEU OXT  O  N N 221 
LEU H    H  N N 222 
LEU H2   H  N N 223 
LEU HA   H  N N 224 
LEU HB2  H  N N 225 
LEU HB3  H  N N 226 
LEU HG   H  N N 227 
LEU HD11 H  N N 228 
LEU HD12 H  N N 229 
LEU HD13 H  N N 230 
LEU HD21 H  N N 231 
LEU HD22 H  N N 232 
LEU HD23 H  N N 233 
LEU HXT  H  N N 234 
LYS N    N  N N 235 
LYS CA   C  N S 236 
LYS C    C  N N 237 
LYS O    O  N N 238 
LYS CB   C  N N 239 
LYS CG   C  N N 240 
LYS CD   C  N N 241 
LYS CE   C  N N 242 
LYS NZ   N  N N 243 
LYS OXT  O  N N 244 
LYS H    H  N N 245 
LYS H2   H  N N 246 
LYS HA   H  N N 247 
LYS HB2  H  N N 248 
LYS HB3  H  N N 249 
LYS HG2  H  N N 250 
LYS HG3  H  N N 251 
LYS HD2  H  N N 252 
LYS HD3  H  N N 253 
LYS HE2  H  N N 254 
LYS HE3  H  N N 255 
LYS HZ1  H  N N 256 
LYS HZ2  H  N N 257 
LYS HZ3  H  N N 258 
LYS HXT  H  N N 259 
MET N    N  N N 260 
MET CA   C  N S 261 
MET C    C  N N 262 
MET O    O  N N 263 
MET CB   C  N N 264 
MET CG   C  N N 265 
MET SD   S  N N 266 
MET CE   C  N N 267 
MET OXT  O  N N 268 
MET H    H  N N 269 
MET H2   H  N N 270 
MET HA   H  N N 271 
MET HB2  H  N N 272 
MET HB3  H  N N 273 
MET HG2  H  N N 274 
MET HG3  H  N N 275 
MET HE1  H  N N 276 
MET HE2  H  N N 277 
MET HE3  H  N N 278 
MET HXT  H  N N 279 
PHE N    N  N N 280 
PHE CA   C  N S 281 
PHE C    C  N N 282 
PHE O    O  N N 283 
PHE CB   C  N N 284 
PHE CG   C  Y N 285 
PHE CD1  C  Y N 286 
PHE CD2  C  Y N 287 
PHE CE1  C  Y N 288 
PHE CE2  C  Y N 289 
PHE CZ   C  Y N 290 
PHE OXT  O  N N 291 
PHE H    H  N N 292 
PHE H2   H  N N 293 
PHE HA   H  N N 294 
PHE HB2  H  N N 295 
PHE HB3  H  N N 296 
PHE HD1  H  N N 297 
PHE HD2  H  N N 298 
PHE HE1  H  N N 299 
PHE HE2  H  N N 300 
PHE HZ   H  N N 301 
PHE HXT  H  N N 302 
PRO N    N  N N 303 
PRO CA   C  N S 304 
PRO C    C  N N 305 
PRO O    O  N N 306 
PRO CB   C  N N 307 
PRO CG   C  N N 308 
PRO CD   C  N N 309 
PRO OXT  O  N N 310 
PRO H    H  N N 311 
PRO HA   H  N N 312 
PRO HB2  H  N N 313 
PRO HB3  H  N N 314 
PRO HG2  H  N N 315 
PRO HG3  H  N N 316 
PRO HD2  H  N N 317 
PRO HD3  H  N N 318 
PRO HXT  H  N N 319 
SER N    N  N N 320 
SER CA   C  N S 321 
SER C    C  N N 322 
SER O    O  N N 323 
SER CB   C  N N 324 
SER OG   O  N N 325 
SER OXT  O  N N 326 
SER H    H  N N 327 
SER H2   H  N N 328 
SER HA   H  N N 329 
SER HB2  H  N N 330 
SER HB3  H  N N 331 
SER HG   H  N N 332 
SER HXT  H  N N 333 
THR N    N  N N 334 
THR CA   C  N S 335 
THR C    C  N N 336 
THR O    O  N N 337 
THR CB   C  N R 338 
THR OG1  O  N N 339 
THR CG2  C  N N 340 
THR OXT  O  N N 341 
THR H    H  N N 342 
THR H2   H  N N 343 
THR HA   H  N N 344 
THR HB   H  N N 345 
THR HG1  H  N N 346 
THR HG21 H  N N 347 
THR HG22 H  N N 348 
THR HG23 H  N N 349 
THR HXT  H  N N 350 
TRP N    N  N N 351 
TRP CA   C  N S 352 
TRP C    C  N N 353 
TRP O    O  N N 354 
TRP CB   C  N N 355 
TRP CG   C  Y N 356 
TRP CD1  C  Y N 357 
TRP CD2  C  Y N 358 
TRP NE1  N  Y N 359 
TRP CE2  C  Y N 360 
TRP CE3  C  Y N 361 
TRP CZ2  C  Y N 362 
TRP CZ3  C  Y N 363 
TRP CH2  C  Y N 364 
TRP OXT  O  N N 365 
TRP H    H  N N 366 
TRP H2   H  N N 367 
TRP HA   H  N N 368 
TRP HB2  H  N N 369 
TRP HB3  H  N N 370 
TRP HD1  H  N N 371 
TRP HE1  H  N N 372 
TRP HE3  H  N N 373 
TRP HZ2  H  N N 374 
TRP HZ3  H  N N 375 
TRP HH2  H  N N 376 
TRP HXT  H  N N 377 
TYR N    N  N N 378 
TYR CA   C  N S 379 
TYR C    C  N N 380 
TYR O    O  N N 381 
TYR CB   C  N N 382 
TYR CG   C  Y N 383 
TYR CD1  C  Y N 384 
TYR CD2  C  Y N 385 
TYR CE1  C  Y N 386 
TYR CE2  C  Y N 387 
TYR CZ   C  Y N 388 
TYR OH   O  N N 389 
TYR OXT  O  N N 390 
TYR H    H  N N 391 
TYR H2   H  N N 392 
TYR HA   H  N N 393 
TYR HB2  H  N N 394 
TYR HB3  H  N N 395 
TYR HD1  H  N N 396 
TYR HD2  H  N N 397 
TYR HE1  H  N N 398 
TYR HE2  H  N N 399 
TYR HH   H  N N 400 
TYR HXT  H  N N 401 
VAL N    N  N N 402 
VAL CA   C  N S 403 
VAL C    C  N N 404 
VAL O    O  N N 405 
VAL CB   C  N N 406 
VAL CG1  C  N N 407 
VAL CG2  C  N N 408 
VAL OXT  O  N N 409 
VAL H    H  N N 410 
VAL H2   H  N N 411 
VAL HA   H  N N 412 
VAL HB   H  N N 413 
VAL HG11 H  N N 414 
VAL HG12 H  N N 415 
VAL HG13 H  N N 416 
VAL HG21 H  N N 417 
VAL HG22 H  N N 418 
VAL HG23 H  N N 419 
VAL HXT  H  N N 420 
# 
loop_
_chem_comp_bond.comp_id 
_chem_comp_bond.atom_id_1 
_chem_comp_bond.atom_id_2 
_chem_comp_bond.value_order 
_chem_comp_bond.pdbx_aromatic_flag 
_chem_comp_bond.pdbx_stereo_config 
_chem_comp_bond.pdbx_ordinal 
ALA N   CA   sing N N 1   
ALA N   H    sing N N 2   
ALA N   H2   sing N N 3   
ALA CA  C    sing N N 4   
ALA CA  CB   sing N N 5   
ALA CA  HA   sing N N 6   
ALA C   O    doub N N 7   
ALA C   OXT  sing N N 8   
ALA CB  HB1  sing N N 9   
ALA CB  HB2  sing N N 10  
ALA CB  HB3  sing N N 11  
ALA OXT HXT  sing N N 12  
ARG N   CA   sing N N 13  
ARG N   H    sing N N 14  
ARG N   H2   sing N N 15  
ARG CA  C    sing N N 16  
ARG CA  CB   sing N N 17  
ARG CA  HA   sing N N 18  
ARG C   O    doub N N 19  
ARG C   OXT  sing N N 20  
ARG CB  CG   sing N N 21  
ARG CB  HB2  sing N N 22  
ARG CB  HB3  sing N N 23  
ARG CG  CD   sing N N 24  
ARG CG  HG2  sing N N 25  
ARG CG  HG3  sing N N 26  
ARG CD  NE   sing N N 27  
ARG CD  HD2  sing N N 28  
ARG CD  HD3  sing N N 29  
ARG NE  CZ   sing N N 30  
ARG NE  HE   sing N N 31  
ARG CZ  NH1  sing N N 32  
ARG CZ  NH2  doub N N 33  
ARG NH1 HH11 sing N N 34  
ARG NH1 HH12 sing N N 35  
ARG NH2 HH21 sing N N 36  
ARG NH2 HH22 sing N N 37  
ARG OXT HXT  sing N N 38  
ASN N   CA   sing N N 39  
ASN N   H    sing N N 40  
ASN N   H2   sing N N 41  
ASN CA  C    sing N N 42  
ASN CA  CB   sing N N 43  
ASN CA  HA   sing N N 44  
ASN C   O    doub N N 45  
ASN C   OXT  sing N N 46  
ASN CB  CG   sing N N 47  
ASN CB  HB2  sing N N 48  
ASN CB  HB3  sing N N 49  
ASN CG  OD1  doub N N 50  
ASN CG  ND2  sing N N 51  
ASN ND2 HD21 sing N N 52  
ASN ND2 HD22 sing N N 53  
ASN OXT HXT  sing N N 54  
ASP N   CA   sing N N 55  
ASP N   H    sing N N 56  
ASP N   H2   sing N N 57  
ASP CA  C    sing N N 58  
ASP CA  CB   sing N N 59  
ASP CA  HA   sing N N 60  
ASP C   O    doub N N 61  
ASP C   OXT  sing N N 62  
ASP CB  CG   sing N N 63  
ASP CB  HB2  sing N N 64  
ASP CB  HB3  sing N N 65  
ASP CG  OD1  doub N N 66  
ASP CG  OD2  sing N N 67  
ASP OD2 HD2  sing N N 68  
ASP OXT HXT  sing N N 69  
CYS N   CA   sing N N 70  
CYS N   H    sing N N 71  
CYS N   H2   sing N N 72  
CYS CA  C    sing N N 73  
CYS CA  CB   sing N N 74  
CYS CA  HA   sing N N 75  
CYS C   O    doub N N 76  
CYS C   OXT  sing N N 77  
CYS CB  SG   sing N N 78  
CYS CB  HB2  sing N N 79  
CYS CB  HB3  sing N N 80  
CYS SG  HG   sing N N 81  
CYS OXT HXT  sing N N 82  
GLN N   CA   sing N N 83  
GLN N   H    sing N N 84  
GLN N   H2   sing N N 85  
GLN CA  C    sing N N 86  
GLN CA  CB   sing N N 87  
GLN CA  HA   sing N N 88  
GLN C   O    doub N N 89  
GLN C   OXT  sing N N 90  
GLN CB  CG   sing N N 91  
GLN CB  HB2  sing N N 92  
GLN CB  HB3  sing N N 93  
GLN CG  CD   sing N N 94  
GLN CG  HG2  sing N N 95  
GLN CG  HG3  sing N N 96  
GLN CD  OE1  doub N N 97  
GLN CD  NE2  sing N N 98  
GLN NE2 HE21 sing N N 99  
GLN NE2 HE22 sing N N 100 
GLN OXT HXT  sing N N 101 
GLU N   CA   sing N N 102 
GLU N   H    sing N N 103 
GLU N   H2   sing N N 104 
GLU CA  C    sing N N 105 
GLU CA  CB   sing N N 106 
GLU CA  HA   sing N N 107 
GLU C   O    doub N N 108 
GLU C   OXT  sing N N 109 
GLU CB  CG   sing N N 110 
GLU CB  HB2  sing N N 111 
GLU CB  HB3  sing N N 112 
GLU CG  CD   sing N N 113 
GLU CG  HG2  sing N N 114 
GLU CG  HG3  sing N N 115 
GLU CD  OE1  doub N N 116 
GLU CD  OE2  sing N N 117 
GLU OE2 HE2  sing N N 118 
GLU OXT HXT  sing N N 119 
GLY N   CA   sing N N 120 
GLY N   H    sing N N 121 
GLY N   H2   sing N N 122 
GLY CA  C    sing N N 123 
GLY CA  HA2  sing N N 124 
GLY CA  HA3  sing N N 125 
GLY C   O    doub N N 126 
GLY C   OXT  sing N N 127 
GLY OXT HXT  sing N N 128 
GOL C1  O1   sing N N 129 
GOL C1  C2   sing N N 130 
GOL C1  H11  sing N N 131 
GOL C1  H12  sing N N 132 
GOL O1  HO1  sing N N 133 
GOL C2  O2   sing N N 134 
GOL C2  C3   sing N N 135 
GOL C2  H2   sing N N 136 
GOL O2  HO2  sing N N 137 
GOL C3  O3   sing N N 138 
GOL C3  H31  sing N N 139 
GOL C3  H32  sing N N 140 
GOL O3  HO3  sing N N 141 
HIS N   CA   sing N N 142 
HIS N   H    sing N N 143 
HIS N   H2   sing N N 144 
HIS CA  C    sing N N 145 
HIS CA  CB   sing N N 146 
HIS CA  HA   sing N N 147 
HIS C   O    doub N N 148 
HIS C   OXT  sing N N 149 
HIS CB  CG   sing N N 150 
HIS CB  HB2  sing N N 151 
HIS CB  HB3  sing N N 152 
HIS CG  ND1  sing Y N 153 
HIS CG  CD2  doub Y N 154 
HIS ND1 CE1  doub Y N 155 
HIS ND1 HD1  sing N N 156 
HIS CD2 NE2  sing Y N 157 
HIS CD2 HD2  sing N N 158 
HIS CE1 NE2  sing Y N 159 
HIS CE1 HE1  sing N N 160 
HIS NE2 HE2  sing N N 161 
HIS OXT HXT  sing N N 162 
HOH O   H1   sing N N 163 
HOH O   H2   sing N N 164 
ILE N   CA   sing N N 165 
ILE N   H    sing N N 166 
ILE N   H2   sing N N 167 
ILE CA  C    sing N N 168 
ILE CA  CB   sing N N 169 
ILE CA  HA   sing N N 170 
ILE C   O    doub N N 171 
ILE C   OXT  sing N N 172 
ILE CB  CG1  sing N N 173 
ILE CB  CG2  sing N N 174 
ILE CB  HB   sing N N 175 
ILE CG1 CD1  sing N N 176 
ILE CG1 HG12 sing N N 177 
ILE CG1 HG13 sing N N 178 
ILE CG2 HG21 sing N N 179 
ILE CG2 HG22 sing N N 180 
ILE CG2 HG23 sing N N 181 
ILE CD1 HD11 sing N N 182 
ILE CD1 HD12 sing N N 183 
ILE CD1 HD13 sing N N 184 
ILE OXT HXT  sing N N 185 
IT4 C4  C3   doub Y N 186 
IT4 C4  C5   sing Y N 187 
IT4 C3  C2   sing Y N 188 
IT4 BR1 C5   sing N N 189 
IT4 C5  C6   doub Y N 190 
IT4 O2  C1   doub N N 191 
IT4 C2  C1   sing N N 192 
IT4 C2  C7   doub Y N 193 
IT4 C1  O1   sing N N 194 
IT4 C6  C7   sing Y N 195 
IT4 C7  O3   sing N N 196 
IT4 C4  H1   sing N N 197 
IT4 C6  H2   sing N N 198 
IT4 C3  H3   sing N N 199 
IT4 O1  H4   sing N N 200 
IT4 O3  H5   sing N N 201 
LEU N   CA   sing N N 202 
LEU N   H    sing N N 203 
LEU N   H2   sing N N 204 
LEU CA  C    sing N N 205 
LEU CA  CB   sing N N 206 
LEU CA  HA   sing N N 207 
LEU C   O    doub N N 208 
LEU C   OXT  sing N N 209 
LEU CB  CG   sing N N 210 
LEU CB  HB2  sing N N 211 
LEU CB  HB3  sing N N 212 
LEU CG  CD1  sing N N 213 
LEU CG  CD2  sing N N 214 
LEU CG  HG   sing N N 215 
LEU CD1 HD11 sing N N 216 
LEU CD1 HD12 sing N N 217 
LEU CD1 HD13 sing N N 218 
LEU CD2 HD21 sing N N 219 
LEU CD2 HD22 sing N N 220 
LEU CD2 HD23 sing N N 221 
LEU OXT HXT  sing N N 222 
LYS N   CA   sing N N 223 
LYS N   H    sing N N 224 
LYS N   H2   sing N N 225 
LYS CA  C    sing N N 226 
LYS CA  CB   sing N N 227 
LYS CA  HA   sing N N 228 
LYS C   O    doub N N 229 
LYS C   OXT  sing N N 230 
LYS CB  CG   sing N N 231 
LYS CB  HB2  sing N N 232 
LYS CB  HB3  sing N N 233 
LYS CG  CD   sing N N 234 
LYS CG  HG2  sing N N 235 
LYS CG  HG3  sing N N 236 
LYS CD  CE   sing N N 237 
LYS CD  HD2  sing N N 238 
LYS CD  HD3  sing N N 239 
LYS CE  NZ   sing N N 240 
LYS CE  HE2  sing N N 241 
LYS CE  HE3  sing N N 242 
LYS NZ  HZ1  sing N N 243 
LYS NZ  HZ2  sing N N 244 
LYS NZ  HZ3  sing N N 245 
LYS OXT HXT  sing N N 246 
MET N   CA   sing N N 247 
MET N   H    sing N N 248 
MET N   H2   sing N N 249 
MET CA  C    sing N N 250 
MET CA  CB   sing N N 251 
MET CA  HA   sing N N 252 
MET C   O    doub N N 253 
MET C   OXT  sing N N 254 
MET CB  CG   sing N N 255 
MET CB  HB2  sing N N 256 
MET CB  HB3  sing N N 257 
MET CG  SD   sing N N 258 
MET CG  HG2  sing N N 259 
MET CG  HG3  sing N N 260 
MET SD  CE   sing N N 261 
MET CE  HE1  sing N N 262 
MET CE  HE2  sing N N 263 
MET CE  HE3  sing N N 264 
MET OXT HXT  sing N N 265 
PHE N   CA   sing N N 266 
PHE N   H    sing N N 267 
PHE N   H2   sing N N 268 
PHE CA  C    sing N N 269 
PHE CA  CB   sing N N 270 
PHE CA  HA   sing N N 271 
PHE C   O    doub N N 272 
PHE C   OXT  sing N N 273 
PHE CB  CG   sing N N 274 
PHE CB  HB2  sing N N 275 
PHE CB  HB3  sing N N 276 
PHE CG  CD1  doub Y N 277 
PHE CG  CD2  sing Y N 278 
PHE CD1 CE1  sing Y N 279 
PHE CD1 HD1  sing N N 280 
PHE CD2 CE2  doub Y N 281 
PHE CD2 HD2  sing N N 282 
PHE CE1 CZ   doub Y N 283 
PHE CE1 HE1  sing N N 284 
PHE CE2 CZ   sing Y N 285 
PHE CE2 HE2  sing N N 286 
PHE CZ  HZ   sing N N 287 
PHE OXT HXT  sing N N 288 
PRO N   CA   sing N N 289 
PRO N   CD   sing N N 290 
PRO N   H    sing N N 291 
PRO CA  C    sing N N 292 
PRO CA  CB   sing N N 293 
PRO CA  HA   sing N N 294 
PRO C   O    doub N N 295 
PRO C   OXT  sing N N 296 
PRO CB  CG   sing N N 297 
PRO CB  HB2  sing N N 298 
PRO CB  HB3  sing N N 299 
PRO CG  CD   sing N N 300 
PRO CG  HG2  sing N N 301 
PRO CG  HG3  sing N N 302 
PRO CD  HD2  sing N N 303 
PRO CD  HD3  sing N N 304 
PRO OXT HXT  sing N N 305 
SER N   CA   sing N N 306 
SER N   H    sing N N 307 
SER N   H2   sing N N 308 
SER CA  C    sing N N 309 
SER CA  CB   sing N N 310 
SER CA  HA   sing N N 311 
SER C   O    doub N N 312 
SER C   OXT  sing N N 313 
SER CB  OG   sing N N 314 
SER CB  HB2  sing N N 315 
SER CB  HB3  sing N N 316 
SER OG  HG   sing N N 317 
SER OXT HXT  sing N N 318 
THR N   CA   sing N N 319 
THR N   H    sing N N 320 
THR N   H2   sing N N 321 
THR CA  C    sing N N 322 
THR CA  CB   sing N N 323 
THR CA  HA   sing N N 324 
THR C   O    doub N N 325 
THR C   OXT  sing N N 326 
THR CB  OG1  sing N N 327 
THR CB  CG2  sing N N 328 
THR CB  HB   sing N N 329 
THR OG1 HG1  sing N N 330 
THR CG2 HG21 sing N N 331 
THR CG2 HG22 sing N N 332 
THR CG2 HG23 sing N N 333 
THR OXT HXT  sing N N 334 
TRP N   CA   sing N N 335 
TRP N   H    sing N N 336 
TRP N   H2   sing N N 337 
TRP CA  C    sing N N 338 
TRP CA  CB   sing N N 339 
TRP CA  HA   sing N N 340 
TRP C   O    doub N N 341 
TRP C   OXT  sing N N 342 
TRP CB  CG   sing N N 343 
TRP CB  HB2  sing N N 344 
TRP CB  HB3  sing N N 345 
TRP CG  CD1  doub Y N 346 
TRP CG  CD2  sing Y N 347 
TRP CD1 NE1  sing Y N 348 
TRP CD1 HD1  sing N N 349 
TRP CD2 CE2  doub Y N 350 
TRP CD2 CE3  sing Y N 351 
TRP NE1 CE2  sing Y N 352 
TRP NE1 HE1  sing N N 353 
TRP CE2 CZ2  sing Y N 354 
TRP CE3 CZ3  doub Y N 355 
TRP CE3 HE3  sing N N 356 
TRP CZ2 CH2  doub Y N 357 
TRP CZ2 HZ2  sing N N 358 
TRP CZ3 CH2  sing Y N 359 
TRP CZ3 HZ3  sing N N 360 
TRP CH2 HH2  sing N N 361 
TRP OXT HXT  sing N N 362 
TYR N   CA   sing N N 363 
TYR N   H    sing N N 364 
TYR N   H2   sing N N 365 
TYR CA  C    sing N N 366 
TYR CA  CB   sing N N 367 
TYR CA  HA   sing N N 368 
TYR C   O    doub N N 369 
TYR C   OXT  sing N N 370 
TYR CB  CG   sing N N 371 
TYR CB  HB2  sing N N 372 
TYR CB  HB3  sing N N 373 
TYR CG  CD1  doub Y N 374 
TYR CG  CD2  sing Y N 375 
TYR CD1 CE1  sing Y N 376 
TYR CD1 HD1  sing N N 377 
TYR CD2 CE2  doub Y N 378 
TYR CD2 HD2  sing N N 379 
TYR CE1 CZ   doub Y N 380 
TYR CE1 HE1  sing N N 381 
TYR CE2 CZ   sing Y N 382 
TYR CE2 HE2  sing N N 383 
TYR CZ  OH   sing N N 384 
TYR OH  HH   sing N N 385 
TYR OXT HXT  sing N N 386 
VAL N   CA   sing N N 387 
VAL N   H    sing N N 388 
VAL N   H2   sing N N 389 
VAL CA  C    sing N N 390 
VAL CA  CB   sing N N 391 
VAL CA  HA   sing N N 392 
VAL C   O    doub N N 393 
VAL C   OXT  sing N N 394 
VAL CB  CG1  sing N N 395 
VAL CB  CG2  sing N N 396 
VAL CB  HB   sing N N 397 
VAL CG1 HG11 sing N N 398 
VAL CG1 HG12 sing N N 399 
VAL CG1 HG13 sing N N 400 
VAL CG2 HG21 sing N N 401 
VAL CG2 HG22 sing N N 402 
VAL CG2 HG23 sing N N 403 
VAL OXT HXT  sing N N 404 
# 
loop_
_pdbx_audit_support.funding_organization 
_pdbx_audit_support.country 
_pdbx_audit_support.grant_number 
_pdbx_audit_support.ordinal 
'Cancer Research UK' 'United Kingdom' C57659/A27310 1 
'Cancer Research UK' 'United Kingdom' C1362/A20263  2 
'Cancer Research UK' 'United Kingdom' C2215/A21421  3 
# 
_pdbx_entity_instance_feature.ordinal        1 
_pdbx_entity_instance_feature.comp_id        IT4 
_pdbx_entity_instance_feature.asym_id        ? 
_pdbx_entity_instance_feature.seq_num        ? 
_pdbx_entity_instance_feature.auth_comp_id   IT4 
_pdbx_entity_instance_feature.auth_asym_id   ? 
_pdbx_entity_instance_feature.auth_seq_num   ? 
_pdbx_entity_instance_feature.feature_type   'SUBJECT OF INVESTIGATION' 
_pdbx_entity_instance_feature.details        ? 
# 
_pdbx_initial_refinement_model.id               1 
_pdbx_initial_refinement_model.entity_id_list   ? 
_pdbx_initial_refinement_model.type             'experimental model' 
_pdbx_initial_refinement_model.source_name      PDB 
_pdbx_initial_refinement_model.accession_code   5LRQ 
_pdbx_initial_refinement_model.details          ? 
# 
_atom_sites.entry_id                    7ZFN 
_atom_sites.Cartn_transf_matrix[1][1]   ? 
_atom_sites.Cartn_transf_matrix[1][2]   ? 
_atom_sites.Cartn_transf_matrix[1][3]   ? 
_atom_sites.Cartn_transf_matrix[2][1]   ? 
_atom_sites.Cartn_transf_matrix[2][2]   ? 
_atom_sites.Cartn_transf_matrix[2][3]   ? 
_atom_sites.Cartn_transf_matrix[3][1]   ? 
_atom_sites.Cartn_transf_matrix[3][2]   ? 
_atom_sites.Cartn_transf_matrix[3][3]   ? 
_atom_sites.Cartn_transf_vector[1]      ? 
_atom_sites.Cartn_transf_vector[2]      ? 
_atom_sites.Cartn_transf_vector[3]      ? 
_atom_sites.fract_transf_matrix[1][1]   -0.01277111 
_atom_sites.fract_transf_matrix[1][2]   -0.02091088 
_atom_sites.fract_transf_matrix[1][3]   -0.00998826 
_atom_sites.fract_transf_matrix[2][1]   -0.01822471 
_atom_sites.fract_transf_matrix[2][2]   0.00465712 
_atom_sites.fract_transf_matrix[2][3]   0.01355245 
_atom_sites.fract_transf_matrix[3][1]   -0.00488815 
_atom_sites.fract_transf_matrix[3][2]   0.00732804 
_atom_sites.fract_transf_matrix[3][3]   -0.00909154 
_atom_sites.fract_transf_vector[1]      -0.317523 
_atom_sites.fract_transf_vector[2]      0.069406 
_atom_sites.fract_transf_vector[3]      -0.118125 
_atom_sites.solution_primary            ? 
_atom_sites.solution_secondary          ? 
_atom_sites.solution_hydrogens          ? 
_atom_sites.special_details             ? 
# 
loop_
_atom_type.symbol 
_atom_type.pdbx_scat_Z 
_atom_type.pdbx_N_electrons 
_atom_type.scat_Cromer_Mann_a1 
_atom_type.scat_Cromer_Mann_b1 
_atom_type.scat_Cromer_Mann_a2 
_atom_type.scat_Cromer_Mann_b2 
_atom_type.scat_Cromer_Mann_a3 
_atom_type.scat_Cromer_Mann_b3 
_atom_type.scat_Cromer_Mann_a4 
_atom_type.scat_Cromer_Mann_b4 
_atom_type.scat_Cromer_Mann_c 
BR 35 35 17.182 2.172  5.237 16.580 5.639 0.261  3.986 41.433 -1.142  
C  6  6  2.310  20.844 1.020 10.208 1.589 0.569  0.865 51.651 0.216   
N  7  7  12.222 0.006  3.135 9.893  2.014 28.997 1.167 0.583  -11.538 
O  8  8  3.049  13.277 2.287 5.701  1.546 0.324  0.867 32.909 0.251   
S  16 16 6.905  1.468  5.203 22.215 1.438 0.254  1.586 56.172 1.030   
# 
loop_
_atom_site.group_PDB 
_atom_site.id 
_atom_site.type_symbol 
_atom_site.label_atom_id 
_atom_site.label_alt_id 
_atom_site.label_comp_id 
_atom_site.label_asym_id 
_atom_site.label_entity_id 
_atom_site.label_seq_id 
_atom_site.pdbx_PDB_ins_code 
_atom_site.Cartn_x 
_atom_site.Cartn_y 
_atom_site.Cartn_z 
_atom_site.occupancy 
_atom_site.B_iso_or_equiv 
_atom_site.pdbx_formal_charge 
_atom_site.auth_seq_id 
_atom_site.auth_comp_id 
_atom_site.auth_asym_id 
_atom_site.auth_atom_id 
_atom_site.pdbx_PDB_model_num 
_atom_site.calc_flag 
ATOM   1    N  N   . GLY A 1 1   ? 14.391  -9.729  -8.851  1.000 31.689 ? 40  GLY AAA N   1 ? 
ATOM   2    C  CA  . GLY A 1 1   ? 14.323  -8.835  -10.011 1.000 23.851 ? 40  GLY AAA CA  1 ? 
ATOM   3    C  C   . GLY A 1 1   ? 15.629  -8.067  -10.224 1.000 20.436 ? 40  GLY AAA C   1 ? 
ATOM   4    O  O   . GLY A 1 1   ? 16.699  -8.521  -9.814  1.000 21.087 ? 40  GLY AAA O   1 ? 
ATOM   5    N  N   . SER A 1 2   ? 15.509  -6.913  -10.884 1.000 20.206 ? 41  SER AAA N   1 ? 
ATOM   6    C  CA  . SER A 1 2   ? 16.644  -6.089  -11.288 1.000 18.423 ? 41  SER AAA CA  1 ? 
ATOM   7    C  C   . SER A 1 2   ? 17.340  -5.476  -10.086 1.000 16.456 ? 41  SER AAA C   1 ? 
ATOM   8    O  O   . SER A 1 2   ? 16.690  -4.897  -9.213  1.000 16.085 ? 41  SER AAA O   1 ? 
ATOM   9    C  CB  . SER A 1 2   ? 16.211  -5.017  -12.219 1.000 17.670 ? 41  SER AAA CB  1 ? 
ATOM   10   O  OG  . SER A 1 2   ? 17.296  -4.097  -12.424 1.000 16.797 ? 41  SER AAA OG  1 ? 
ATOM   11   N  N   . HIS A 1 3   ? 18.683  -5.424  -10.119 1.000 15.252 ? 42  HIS AAA N   1 ? 
ATOM   12   C  CA  . HIS A 1 3   ? 19.477  -4.693  -9.166  1.000 14.815 ? 42  HIS AAA CA  1 ? 
ATOM   13   C  C   . HIS A 1 3   ? 19.224  -3.184  -9.158  1.000 15.061 ? 42  HIS AAA C   1 ? 
ATOM   14   O  O   . HIS A 1 3   ? 19.629  -2.434  -8.251  1.000 18.265 ? 42  HIS AAA O   1 ? 
ATOM   15   C  CB  . HIS A 1 3   ? 20.985  -5.014  -9.351  1.000 17.709 ? 42  HIS AAA CB  1 ? 
ATOM   16   C  CG  . HIS A 1 3   ? 21.567  -4.266  -10.514 1.000 17.735 ? 42  HIS AAA CG  1 ? 
ATOM   17   N  ND1 . HIS A 1 3   ? 21.263  -4.563  -11.822 1.000 18.761 ? 42  HIS AAA ND1 1 ? 
ATOM   18   C  CD2 . HIS A 1 3   ? 22.483  -3.275  -10.565 1.000 22.811 ? 42  HIS AAA CD2 1 ? 
ATOM   19   C  CE1 . HIS A 1 3   ? 21.948  -3.756  -12.642 1.000 20.829 ? 42  HIS AAA CE1 1 ? 
ATOM   20   N  NE2 . HIS A 1 3   ? 22.645  -2.935  -11.886 1.000 19.879 ? 42  HIS AAA NE2 1 ? 
ATOM   21   N  N   . MET A 1 4   ? 18.575  -2.695  -10.223 1.000 14.027 ? 43  MET AAA N   1 ? 
ATOM   22   C  CA  . MET A 1 4   ? 18.295  -1.276  -10.310 1.000 14.748 ? 43  MET AAA CA  1 ? 
ATOM   23   C  C   . MET A 1 4   ? 17.003  -0.868  -9.610  1.000 15.130 ? 43  MET AAA C   1 ? 
ATOM   24   O  O   . MET A 1 4   ? 16.746  0.325   -9.461  1.000 17.892 ? 43  MET AAA O   1 ? 
ATOM   25   C  CB  . MET A 1 4   ? 18.284  -0.826  -11.764 1.000 17.049 ? 43  MET AAA CB  1 ? 
ATOM   26   C  CG  . MET A 1 4   ? 19.642  -1.020  -12.391 1.000 16.280 ? 43  MET AAA CG  1 ? 
ATOM   27   S  SD  . MET A 1 4   ? 19.857  -0.190  -13.955 1.000 22.444 ? 43  MET AAA SD  1 ? 
ATOM   28   C  CE  . MET A 1 4   ? 18.252  -0.248  -14.721 1.000 27.434 ? 43  MET AAA CE  1 ? 
ATOM   29   N  N   . ASN A 1 5   ? 16.204  -1.844  -9.170  1.000 13.406 ? 44  ASN AAA N   1 ? 
ATOM   30   C  CA  . ASN A 1 5   ? 15.066  -1.548  -8.303  1.000 13.637 ? 44  ASN AAA CA  1 ? 
ATOM   31   C  C   . ASN A 1 5   ? 15.519  -1.760  -6.871  1.000 14.748 ? 44  ASN AAA C   1 ? 
ATOM   32   O  O   . ASN A 1 5   ? 16.357  -2.636  -6.600  1.000 16.271 ? 44  ASN AAA O   1 ? 
ATOM   33   C  CB  . ASN A 1 5   ? 13.888  -2.469  -8.622  1.000 12.783 ? 44  ASN AAA CB  1 ? 
ATOM   34   C  CG  . ASN A 1 5   ? 13.180  -2.106  -9.903  1.000 13.107 ? 44  ASN AAA CG  1 ? 
ATOM   35   O  OD1 . ASN A 1 5   ? 12.955  -0.930  -10.189 1.000 14.757 ? 44  ASN AAA OD1 1 ? 
ATOM   36   N  ND2 . ASN A 1 5   ? 12.841  -3.117  -10.670 1.000 13.158 ? 44  ASN AAA ND2 1 ? 
ATOM   37   N  N   . PRO A 1 6   ? 15.036  -0.986  -5.883  1.000 14.263 ? 45  PRO AAA N   1 ? 
ATOM   38   C  CA  . PRO A 1 6   ? 15.403  -1.237  -4.493  1.000 14.787 ? 45  PRO AAA CA  1 ? 
ATOM   39   C  C   . PRO A 1 6   ? 14.800  -2.544  -4.025  1.000 14.133 ? 45  PRO AAA C   1 ? 
ATOM   40   O  O   . PRO A 1 6   ? 13.824  -3.041  -4.564  1.000 14.833 ? 45  PRO AAA O   1 ? 
ATOM   41   C  CB  . PRO A 1 6   ? 14.804  -0.041  -3.730  1.000 14.923 ? 45  PRO AAA CB  1 ? 
ATOM   42   C  CG  . PRO A 1 6   ? 13.585  0.309   -4.567  1.000 14.805 ? 45  PRO AAA CG  1 ? 
ATOM   43   C  CD  . PRO A 1 6   ? 14.062  0.120   -6.002  1.000 15.291 ? 45  PRO AAA CD  1 ? 
ATOM   44   N  N   . PRO A 1 7   ? 15.325  -3.131  -2.916  1.000 15.703 ? 46  PRO AAA N   1 ? 
ATOM   45   C  CA  . PRO A 1 7   ? 14.614  -4.229  -2.282  1.000 15.066 ? 46  PRO AAA CA  1 ? 
ATOM   46   C  C   . PRO A 1 7   ? 13.253  -3.694  -1.834  1.000 14.431 ? 46  PRO AAA C   1 ? 
ATOM   47   O  O   . PRO A 1 7   ? 13.096  -2.503  -1.546  1.000 15.577 ? 46  PRO AAA O   1 ? 
ATOM   48   C  CB  . PRO A 1 7   ? 15.446  -4.577  -1.031  1.000 17.272 ? 46  PRO AAA CB  1 ? 
ATOM   49   C  CG  . PRO A 1 7   ? 16.169  -3.335  -0.775  1.000 18.902 ? 46  PRO AAA CG  1 ? 
ATOM   50   C  CD  . PRO A 1 7   ? 16.425  -2.607  -2.105  1.000 16.901 ? 46  PRO AAA CD  1 ? 
ATOM   51   N  N   . PRO A 1 8   ? 12.251  -4.572  -1.811  1.000 15.725 ? 47  PRO AAA N   1 ? 
ATOM   52   C  CA  . PRO A 1 8   ? 10.919  -4.144  -1.384  1.000 15.554 ? 47  PRO AAA CA  1 ? 
ATOM   53   C  C   . PRO A 1 8   ? 10.877  -3.775  0.088   1.000 15.942 ? 47  PRO AAA C   1 ? 
ATOM   54   O  O   . PRO A 1 8   ? 11.815  -4.090  0.848   1.000 17.287 ? 47  PRO AAA O   1 ? 
ATOM   55   C  CB  . PRO A 1 8   ? 10.084  -5.380  -1.705  1.000 19.167 ? 47  PRO AAA CB  1 ? 
ATOM   56   C  CG  . PRO A 1 8   ? 11.058  -6.521  -1.522  1.000 21.062 ? 47  PRO AAA CG  1 ? 
ATOM   57   C  CD  . PRO A 1 8   ? 12.294  -5.992  -2.198  1.000 19.015 ? 47  PRO AAA CD  1 ? 
ATOM   58   N  N   . PRO A 1 9   ? 9.797   -3.145  0.574   1.000 13.888 ? 48  PRO AAA N   1 ? 
ATOM   59   C  CA  . PRO A 1 9   ? 9.702   -2.894  2.003   1.000 14.270 ? 48  PRO AAA CA  1 ? 
ATOM   60   C  C   . PRO A 1 9   ? 9.709   -4.255  2.722   1.000 14.615 ? 48  PRO AAA C   1 ? 
ATOM   61   O  O   . PRO A 1 9   ? 9.178   -5.226  2.234   1.000 15.498 ? 48  PRO AAA O   1 ? 
ATOM   62   C  CB  . PRO A 1 9   ? 8.370   -2.091  2.129   1.000 13.417 ? 48  PRO AAA CB  1 ? 
ATOM   63   C  CG  . PRO A 1 9   ? 8.157   -1.509  0.722   1.000 14.693 ? 48  PRO AAA CG  1 ? 
ATOM   64   C  CD  . PRO A 1 9   ? 8.639   -2.604  -0.200  1.000 13.871 ? 48  PRO AAA CD  1 ? 
ATOM   65   N  N   . GLU A 1 10  ? 10.209  -4.173  3.967   1.000 18.233 ? 49  GLU AAA N   1 ? 
ATOM   66   C  CA  . GLU A 1 10  ? 10.233  -5.265  4.930   1.000 18.513 ? 49  GLU AAA CA  1 ? 
ATOM   67   C  C   . GLU A 1 10  ? 8.845   -5.916  5.075   1.000 17.272 ? 49  GLU AAA C   1 ? 
ATOM   68   O  O   . GLU A 1 10  ? 7.871   -5.190  5.348   1.000 15.692 ? 49  GLU AAA O   1 ? 
ATOM   69   C  CB  . GLU A 1 10  ? 10.704  -4.692  6.275   1.000 17.384 ? 49  GLU AAA CB  1 ? 
ATOM   70   C  CG  . GLU A 1 10  ? 11.061  -5.790  7.236   1.000 20.558 ? 49  GLU AAA CG  1 ? 
ATOM   71   C  CD  . GLU A 1 10  ? 11.633  -5.277  8.506   1.000 22.920 ? 49  GLU AAA CD  1 ? 
ATOM   72   O  OE1 . GLU A 1 10  ? 12.854  -5.463  8.743   1.000 26.003 ? 49  GLU AAA OE1 1 ? 
ATOM   73   O  OE2 . GLU A 1 10  ? 10.886  -4.701  9.235   1.000 19.480 ? 49  GLU AAA OE2 1 ? 
ATOM   74   N  N   . THR A 1 11  ? 8.717   -7.232  4.954   1.000 16.257 ? 50  THR AAA N   1 ? 
ATOM   75   C  CA  . THR A 1 11  ? 7.466   -7.916  5.274   1.000 17.644 ? 50  THR AAA CA  1 ? 
ATOM   76   C  C   . THR A 1 11  ? 7.601   -8.972  6.378   1.000 15.697 ? 50  THR AAA C   1 ? 
ATOM   77   O  O   . THR A 1 11  ? 6.596   -9.525  6.747   1.000 16.658 ? 50  THR AAA O   1 ? 
ATOM   78   C  CB  . THR A 1 11  ? 6.807   -8.514  4.039   1.000 18.806 ? 50  THR AAA CB  1 ? 
ATOM   79   O  OG1 . THR A 1 11  ? 7.802   -9.337  3.403   1.000 21.325 ? 50  THR AAA OG1 1 ? 
ATOM   80   C  CG2 . THR A 1 11  ? 6.457   -7.383  3.099   1.000 18.928 ? 50  THR AAA CG2 1 ? 
ATOM   81   N  N   . SER A 1 12  ? 8.834   -9.248  6.772   1.000 17.181 ? 51  SER AAA N   1 ? 
ATOM   82   C  CA  . SER A 1 12  ? 9.125   -10.268 7.765   1.000 17.077 ? 51  SER AAA CA  1 ? 
ATOM   83   C  C   . SER A 1 12  ? 10.268  -9.690  8.568   1.000 18.185 ? 51  SER AAA C   1 ? 
ATOM   84   O  O   . SER A 1 12  ? 11.294  -9.271  8.036   1.000 21.949 ? 51  SER AAA O   1 ? 
ATOM   85   C  CB  . SER A 1 12  ? 9.567   -11.515 7.005   1.000 21.246 ? 51  SER AAA CB  1 ? 
ATOM   86   O  OG  . SER A 1 12  ? 10.132  -12.442 7.919   1.000 24.551 ? 51  SER AAA OG  1 ? 
ATOM   87   N  N   . ASN A 1 13  ? 10.140  -9.746  9.895   1.000 16.381 ? 52  ASN AAA N   1 ? 
ATOM   88   C  CA  . ASN A 1 13  ? 11.218  -9.387  10.783  1.000 15.562 ? 52  ASN AAA CA  1 ? 
ATOM   89   C  C   . ASN A 1 13  ? 10.868  -9.922  12.169  1.000 13.642 ? 52  ASN AAA C   1 ? 
ATOM   90   O  O   . ASN A 1 13  ? 10.039  -9.342  12.882  1.000 13.547 ? 52  ASN AAA O   1 ? 
ATOM   91   C  CB  . ASN A 1 13  ? 11.486  -7.885  10.913  1.000 19.045 ? 52  ASN AAA CB  1 ? 
ATOM   92   C  CG  . ASN A 1 13  ? 12.719  -7.601  11.752  1.000 18.751 ? 52  ASN AAA CG  1 ? 
ATOM   93   O  OD1 . ASN A 1 13  ? 13.135  -8.369  12.617  1.000 20.302 ? 52  ASN AAA OD1 1 ? 
ATOM   94   N  ND2 . ASN A 1 13  ? 13.354  -6.467  11.491  1.000 26.261 ? 52  ASN AAA ND2 1 ? 
ATOM   95   N  N   . PRO A 1 14  ? 11.488  -11.017 12.654  1.000 12.814 ? 53  PRO AAA N   1 ? 
ATOM   96   C  CA  . PRO A 1 14  ? 11.148  -11.539 13.965  1.000 13.615 ? 53  PRO AAA CA  1 ? 
ATOM   97   C  C   . PRO A 1 14  ? 11.435  -10.605 15.128  1.000 14.507 ? 53  PRO AAA C   1 ? 
ATOM   98   O  O   . PRO A 1 14  ? 10.892  -10.849 16.203  1.000 17.915 ? 53  PRO AAA O   1 ? 
ATOM   99   C  CB  . PRO A 1 14  ? 12.044  -12.782 14.124  1.000 14.440 ? 53  PRO AAA CB  1 ? 
ATOM   100  C  CG  . PRO A 1 14  ? 12.172  -13.222 12.710  1.000 15.660 ? 53  PRO AAA CG  1 ? 
ATOM   101  C  CD  . PRO A 1 14  ? 12.348  -11.946 11.894  1.000 14.766 ? 53  PRO AAA CD  1 ? 
ATOM   102  N  N   . ASN A 1 15  ? 12.249  -9.582  14.964  1.000 15.296 ? 54  ASN AAA N   1 ? 
ATOM   103  C  CA  . ASN A 1 15  ? 12.542  -8.699  16.078  1.000 17.512 ? 54  ASN AAA CA  1 ? 
ATOM   104  C  C   . ASN A 1 15  ? 11.396  -7.726  16.337  1.000 18.523 ? 54  ASN AAA C   1 ? 
ATOM   105  O  O   . ASN A 1 15  ? 11.399  -7.060  17.371  1.000 19.614 ? 54  ASN AAA O   1 ? 
ATOM   106  C  CB  . ASN A 1 15  ? 13.832  -7.956  15.829  1.000 19.900 ? 54  ASN AAA CB  1 ? 
ATOM   107  C  CG  . ASN A 1 15  ? 15.011  -8.913  15.912  1.000 19.088 ? 54  ASN AAA CG  1 ? 
ATOM   108  O  OD1 . ASN A 1 15  ? 15.055  -9.827  16.752  1.000 21.843 ? 54  ASN AAA OD1 1 ? 
ATOM   109  N  ND2 . ASN A 1 15  ? 15.996  -8.641  15.071  1.000 23.794 ? 54  ASN AAA ND2 1 ? 
ATOM   110  N  N   . LYS A 1 16  ? 10.526  -7.511  15.346  1.000 15.864 ? 55  LYS AAA N   1 ? 
ATOM   111  C  CA  . LYS A 1 16  ? 9.429   -6.551  15.476  1.000 16.023 ? 55  LYS AAA CA  1 ? 
ATOM   112  C  C   . LYS A 1 16  ? 8.242   -7.215  16.177  1.000 14.745 ? 55  LYS AAA C   1 ? 
ATOM   113  O  O   . LYS A 1 16  ? 7.719   -8.212  15.725  1.000 15.830 ? 55  LYS AAA O   1 ? 
ATOM   114  C  CB  . LYS A 1 16  ? 9.045   -6.092  14.073  1.000 14.334 ? 55  LYS AAA CB  1 ? 
ATOM   115  C  CG  . LYS A 1 16  ? 7.949   -5.003  14.079  1.000 15.122 ? 55  LYS AAA CG  1 ? 
ATOM   116  C  CD  . LYS A 1 16  ? 7.436   -4.657  12.665  1.000 15.187 ? 55  LYS AAA CD  1 ? 
ATOM   117  C  CE  . LYS A 1 16  ? 6.479   -3.472  12.585  1.000 14.878 ? 55  LYS AAA CE  1 ? 
ATOM   118  N  NZ  . LYS A 1 16  ? 5.205   -3.675  13.327  1.000 12.816 ? 55  LYS AAA NZ  1 ? 
ATOM   119  N  N   . PRO A 1 17  ? 7.750   -6.716  17.353  1.000 18.775 ? 56  PRO AAA N   1 ? 
ATOM   120  C  CA  . PRO A 1 17  ? 6.606   -7.357  18.028  1.000 17.675 ? 56  PRO AAA CA  1 ? 
ATOM   121  C  C   . PRO A 1 17  ? 5.328   -7.274  17.192  1.000 17.908 ? 56  PRO AAA C   1 ? 
ATOM   122  O  O   . PRO A 1 17  ? 5.176   -6.312  16.473  1.000 15.757 ? 56  PRO AAA O   1 ? 
ATOM   123  C  CB  . PRO A 1 17  ? 6.477   -6.609  19.365  1.000 19.296 ? 56  PRO AAA CB  1 ? 
ATOM   124  C  CG  . PRO A 1 17  ? 7.761   -5.859  19.526  1.000 22.452 ? 56  PRO AAA CG  1 ? 
ATOM   125  C  CD  . PRO A 1 17  ? 8.340   -5.628  18.139  1.000 17.458 ? 56  PRO AAA CD  1 ? 
ATOM   126  N  N   . LYS A 1 18  ? 4.514   -8.324  17.249  1.000 17.615 ? 57  LYS AAA N   1 ? 
ATOM   127  C  CA  . LYS A 1 18  ? 3.401   -8.409  16.311  1.000 18.724 ? 57  LYS AAA CA  1 ? 
ATOM   128  C  C   . LYS A 1 18  ? 2.135   -8.542  17.120  1.000 18.153 ? 57  LYS AAA C   1 ? 
ATOM   129  O  O   . LYS A 1 18  ? 2.203   -9.146  18.173  1.000 18.141 ? 57  LYS AAA O   1 ? 
ATOM   130  C  CB  . LYS A 1 18  ? 3.542   -9.706  15.502  1.000 17.497 ? 57  LYS AAA CB  1 ? 
ATOM   131  C  CG  . LYS A 1 18  ? 4.903   -9.863  14.900  1.000 16.691 ? 57  LYS AAA CG  1 ? 
ATOM   132  C  CD  . LYS A 1 18  ? 5.165   -8.736  13.913  1.000 19.305 ? 57  LYS AAA CD  1 ? 
ATOM   133  C  CE  . LYS A 1 18  ? 6.189   -9.140  12.892  1.000 17.436 ? 57  LYS AAA CE  1 ? 
ATOM   134  N  NZ  . LYS A 1 18  ? 7.391   -9.677  13.582  1.000 14.018 ? 57  LYS AAA NZ  1 ? 
ATOM   135  N  N   . ARG A 1 19  ? 0.997   -8.151  16.568  1.000 15.429 ? 58  ARG AAA N   1 ? 
ATOM   136  C  CA  . ARG A 1 19  ? -0.234  -8.470  17.266  1.000 15.851 ? 58  ARG AAA CA  1 ? 
ATOM   137  C  C   . ARG A 1 19  ? -1.312  -8.575  16.218  1.000 19.089 ? 58  ARG AAA C   1 ? 
ATOM   138  O  O   . ARG A 1 19  ? -1.274  -7.838  15.251  1.000 24.719 ? 58  ARG AAA O   1 ? 
ATOM   139  C  CB  . ARG A 1 19  ? -0.424  -7.350  18.319  1.000 19.646 ? 58  ARG AAA CB  1 ? 
ATOM   140  C  CG  . ARG A 1 19  ? -1.762  -7.223  19.034  1.000 21.366 ? 58  ARG AAA CG  1 ? 
ATOM   141  C  CD  . ARG A 1 19  ? -1.408  -6.012  19.894  1.000 16.173 ? 58  ARG AAA CD  1 ? 
ATOM   142  N  NE  . ARG A 1 19  ? -1.591  -4.713  19.285  1.000 15.650 ? 58  ARG AAA NE  1 ? 
ATOM   143  C  CZ  . ARG A 1 19  ? -2.220  -3.721  19.848  1.000 15.407 ? 58  ARG AAA CZ  1 ? 
ATOM   144  N  NH1 . ARG A 1 19  ? -2.666  -3.798  21.098  1.000 19.089 ? 58  ARG AAA NH1 1 ? 
ATOM   145  N  NH2 . ARG A 1 19  ? -2.428  -2.643  19.108  1.000 16.143 ? 58  ARG AAA NH2 1 ? 
ATOM   146  N  N   . GLN A 1 20  ? -2.279  -9.446  16.478  1.000 18.566 ? 59  GLN AAA N   1 ? 
ATOM   147  C  CA  . GLN A 1 20  ? -3.549  -9.413  15.785  1.000 21.424 ? 59  GLN AAA CA  1 ? 
ATOM   148  C  C   . GLN A 1 20  ? -4.466  -8.468  16.559  1.000 20.076 ? 59  GLN AAA C   1 ? 
ATOM   149  O  O   . GLN A 1 20  ? -4.490  -8.507  17.794  1.000 23.390 ? 59  GLN AAA O   1 ? 
ATOM   150  C  CB  . GLN A 1 20  ? -4.129  -10.824 15.738  1.000 25.246 ? 59  GLN AAA CB  1 ? 
ATOM   151  C  CG  . GLN A 1 20  ? -5.006  -11.055 14.519  1.000 34.946 ? 59  GLN AAA CG  1 ? 
ATOM   152  C  CD  . GLN A 1 20  ? -4.459  -10.302 13.331  1.000 37.150 ? 59  GLN AAA CD  1 ? 
ATOM   153  O  OE1 . GLN A 1 20  ? -4.954  -9.228  12.955  1.000 33.083 ? 59  GLN AAA OE1 1 ? 
ATOM   154  N  NE2 . GLN A 1 20  ? -3.385  -10.833 12.763  1.000 38.877 ? 59  GLN AAA NE2 1 ? 
ATOM   155  N  N   . THR A 1 21  ? -5.174  -7.568  15.849  1.000 16.885 ? 60  THR AAA N   1 ? 
ATOM   156  C  CA  . THR A 1 21  ? -6.283  -6.834  16.463  1.000 15.126 ? 60  THR AAA CA  1 ? 
ATOM   157  C  C   . THR A 1 21  ? -7.506  -6.997  15.556  1.000 15.276 ? 60  THR AAA C   1 ? 
ATOM   158  O  O   . THR A 1 21  ? -7.391  -7.315  14.360  1.000 14.429 ? 60  THR AAA O   1 ? 
ATOM   159  C  CB  . THR A 1 21  ? -5.964  -5.357  16.741  1.000 15.169 ? 60  THR AAA CB  1 ? 
ATOM   160  O  OG1 . THR A 1 21  ? -5.978  -4.624  15.496  1.000 15.690 ? 60  THR AAA OG1 1 ? 
ATOM   161  C  CG2 . THR A 1 21  ? -4.609  -5.120  17.406  1.000 16.746 ? 60  THR AAA CG2 1 ? 
ATOM   162  N  N   . ASN A 1 22  ? -8.693  -6.730  16.119  1.000 15.028 ? 61  ASN AAA N   1 ? 
ATOM   163  C  CA  . ASN A 1 22  ? -9.909  -6.753  15.302  1.000 14.676 ? 61  ASN AAA CA  1 ? 
ATOM   164  C  C   . ASN A 1 22  ? -9.827  -5.726  14.157  1.000 12.412 ? 61  ASN AAA C   1 ? 
ATOM   165  O  O   . ASN A 1 22  ? -10.370 -5.934  13.088  1.000 13.840 ? 61  ASN AAA O   1 ? 
ATOM   166  C  CB  . ASN A 1 22  ? -11.204 -6.553  16.128  1.000 14.972 ? 61  ASN AAA CB  1 ? 
ATOM   167  C  CG  . ASN A 1 22  ? -11.259 -5.187  16.780  1.000 15.527 ? 61  ASN AAA CG  1 ? 
ATOM   168  O  OD1 . ASN A 1 22  ? -10.318 -4.708  17.406  1.000 17.420 ? 61  ASN AAA OD1 1 ? 
ATOM   169  N  ND2 . ASN A 1 22  ? -12.394 -4.520  16.598  1.000 18.213 ? 61  ASN AAA ND2 1 ? 
ATOM   170  N  N   . GLN A 1 23  ? -9.162  -4.581  14.437  1.000 12.446 ? 62  GLN AAA N   1 ? 
ATOM   171  C  CA  . GLN A 1 23  ? -8.985  -3.575  13.399  1.000 11.978 ? 62  GLN AAA CA  1 ? 
ATOM   172  C  C   . GLN A 1 23  ? -8.112  -4.078  12.254  1.000 12.671 ? 62  GLN AAA C   1 ? 
ATOM   173  O  O   . GLN A 1 23  ? -8.442  -3.834  11.101  1.000 12.744 ? 62  GLN AAA O   1 ? 
ATOM   174  C  CB  . GLN A 1 23  ? -8.415  -2.305  13.987  1.000 12.552 ? 62  GLN AAA CB  1 ? 
ATOM   175  C  CG  . GLN A 1 23  ? -9.344  -1.671  15.023  1.000 14.696 ? 62  GLN AAA CG  1 ? 
ATOM   176  C  CD  . GLN A 1 23  ? -8.809  -0.334  15.452  1.000 14.999 ? 62  GLN AAA CD  1 ? 
ATOM   177  O  OE1 . GLN A 1 23  ? -7.599  -0.115  15.576  1.000 15.201 ? 62  GLN AAA OE1 1 ? 
ATOM   178  N  NE2 . GLN A 1 23  ? -9.737  0.564   15.758  1.000 15.629 ? 62  GLN AAA NE2 1 ? 
ATOM   179  N  N   . LEU A 1 24  ? -7.012  -4.756  12.596  1.000 12.616 ? 63  LEU AAA N   1 ? 
ATOM   180  C  CA  . LEU A 1 24  ? -6.146  -5.366  11.565  1.000 11.942 ? 63  LEU AAA CA  1 ? 
ATOM   181  C  C   . LEU A 1 24  ? -6.885  -6.429  10.766  1.000 13.002 ? 63  LEU AAA C   1 ? 
ATOM   182  O  O   . LEU A 1 24  ? -6.698  -6.533  9.551   1.000 13.499 ? 63  LEU AAA O   1 ? 
ATOM   183  C  CB  . LEU A 1 24  ? -4.835  -5.879  12.152  1.000 13.182 ? 63  LEU AAA CB  1 ? 
ATOM   184  C  CG  . LEU A 1 24  ? -3.891  -4.739  12.505  1.000 12.199 ? 63  LEU AAA CG  1 ? 
ATOM   185  C  CD1 . LEU A 1 24  ? -2.830  -5.171  13.511  1.000 15.708 ? 63  LEU AAA CD1 1 ? 
ATOM   186  C  CD2 . LEU A 1 24  ? -3.233  -4.172  11.224  1.000 13.298 ? 63  LEU AAA CD2 1 ? 
ATOM   187  N  N   . GLN A 1 25  ? -7.745  -7.225  11.431  1.000 13.163 ? 64  GLN AAA N   1 ? 
ATOM   188  C  CA  . GLN A 1 25  ? -8.540  -8.223  10.726  1.000 15.008 ? 64  GLN AAA CA  1 ? 
ATOM   189  C  C   . GLN A 1 25  ? -9.480  -7.538  9.729   1.000 14.908 ? 64  GLN AAA C   1 ? 
ATOM   190  O  O   . GLN A 1 25  ? -9.594  -7.995  8.596   1.000 15.621 ? 64  GLN AAA O   1 ? 
ATOM   191  C  CB  . GLN A 1 25  ? -9.280  -9.071  11.767  1.000 17.924 ? 64  GLN AAA CB  1 ? 
ATOM   192  C  CG  . GLN A 1 25  ? -8.374  -10.075 12.474  1.000 22.188 ? 64  GLN AAA CG  1 ? 
ATOM   193  C  CD  . GLN A 1 25  ? -9.069  -10.650 13.685  0.500 22.408 ? 64  GLN AAA CD  1 ? 
ATOM   194  O  OE1 . GLN A 1 25  ? -10.236 -10.372 13.937  0.500 24.499 ? 64  GLN AAA OE1 1 ? 
ATOM   195  N  NE2 . GLN A 1 25  ? -8.347  -11.449 14.452  0.500 26.268 ? 64  GLN AAA NE2 1 ? 
ATOM   196  N  N   . TYR A 1 26  ? -10.116 -6.426  10.155  1.000 13.695 ? 65  TYR AAA N   1 ? 
ATOM   197  C  CA  . TYR A 1 26  ? -10.959 -5.659  9.253   1.000 13.823 ? 65  TYR AAA CA  1 ? 
ATOM   198  C  C   . TYR A 1 26  ? -10.146 -5.108  8.067   1.000 13.883 ? 65  TYR AAA C   1 ? 
ATOM   199  O  O   . TYR A 1 26  ? -10.612 -5.103  6.932   1.000 13.816 ? 65  TYR AAA O   1 ? 
ATOM   200  C  CB  . TYR A 1 26  ? -11.625 -4.549  10.063  1.000 14.149 ? 65  TYR AAA CB  1 ? 
ATOM   201  C  CG  . TYR A 1 26  ? -12.473 -3.569  9.268   1.000 14.596 ? 65  TYR AAA CG  1 ? 
ATOM   202  C  CD1 . TYR A 1 26  ? -11.947 -2.399  8.728   1.000 15.554 ? 65  TYR AAA CD1 1 ? 
ATOM   203  C  CD2 . TYR A 1 26  ? -13.846 -3.775  9.144   1.000 17.276 ? 65  TYR AAA CD2 1 ? 
ATOM   204  C  CE1 . TYR A 1 26  ? -12.752 -1.484  8.056   1.000 15.856 ? 65  TYR AAA CE1 1 ? 
ATOM   205  C  CE2 . TYR A 1 26  ? -14.655 -2.873  8.455   1.000 15.793 ? 65  TYR AAA CE2 1 ? 
ATOM   206  C  CZ  . TYR A 1 26  ? -14.110 -1.725  7.911   1.000 15.484 ? 65  TYR AAA CZ  1 ? 
ATOM   207  O  OH  . TYR A 1 26  ? -14.886 -0.799  7.257   1.000 16.220 ? 65  TYR AAA OH  1 ? 
ATOM   208  N  N   . LEU A 1 27  ? -8.944  -4.570  8.340   1.000 12.063 ? 66  LEU AAA N   1 ? 
ATOM   209  C  CA  . LEU A 1 27  ? -8.110  -4.087  7.237   1.000 12.723 ? 66  LEU AAA CA  1 ? 
ATOM   210  C  C   . LEU A 1 27  ? -7.820  -5.171  6.204   1.000 13.376 ? 66  LEU AAA C   1 ? 
ATOM   211  O  O   . LEU A 1 27  ? -7.692  -4.825  5.025   1.000 14.248 ? 66  LEU AAA O   1 ? 
ATOM   212  C  CB  . LEU A 1 27  ? -6.840  -3.472  7.814   1.000 12.831 ? 66  LEU AAA CB  1 ? 
ATOM   213  C  CG  . LEU A 1 27  ? -7.055  -2.069  8.379   1.000 13.468 ? 66  LEU AAA CG  1 ? 
ATOM   214  C  CD1 . LEU A 1 27  ? -5.998  -1.659  9.384   1.000 15.584 ? 66  LEU AAA CD1 1 ? 
ATOM   215  C  CD2 . LEU A 1 27  ? -7.065  -1.078  7.224   1.000 18.504 ? 66  LEU AAA CD2 1 ? 
ATOM   216  N  N   . LEU A 1 28  ? -7.633  -6.425  6.611   1.000 13.092 ? 67  LEU AAA N   1 ? 
ATOM   217  C  CA  . LEU A 1 28  ? -7.406  -7.505  5.659   1.000 13.714 ? 67  LEU AAA CA  1 ? 
ATOM   218  C  C   . LEU A 1 28  ? -8.709  -7.923  4.974   1.000 15.106 ? 67  LEU AAA C   1 ? 
ATOM   219  O  O   . LEU A 1 28  ? -8.785  -7.969  3.735   1.000 16.275 ? 67  LEU AAA O   1 ? 
ATOM   220  C  CB  . LEU A 1 28  ? -6.714  -8.681  6.341   1.000 14.442 ? 67  LEU AAA CB  1 ? 
ATOM   221  C  CG  . LEU A 1 28  ? -6.485  -9.906  5.435   1.000 16.018 ? 67  LEU AAA CG  1 ? 
ATOM   222  C  CD1 . LEU A 1 28  ? -5.699  -9.507  4.193   1.000 16.114 ? 67  LEU AAA CD1 1 ? 
ATOM   223  C  CD2 . LEU A 1 28  ? -5.756  -10.978 6.206   1.000 19.067 ? 67  LEU AAA CD2 1 ? 
ATOM   224  N  N   . ARG A 1 29  ? -9.722  -8.294  5.768   1.000 15.024 ? 68  ARG AAA N   1 ? 
ATOM   225  C  CA  . ARG A 1 29  ? -10.899 -8.992  5.252   1.000 16.816 ? 68  ARG AAA CA  1 ? 
ATOM   226  C  C   . ARG A 1 29  ? -11.878 -8.022  4.589   1.000 16.998 ? 68  ARG AAA C   1 ? 
ATOM   227  O  O   . ARG A 1 29  ? -12.686 -8.482  3.783   1.000 20.158 ? 68  ARG AAA O   1 ? 
ATOM   228  C  CB  . ARG A 1 29  ? -11.585 -9.791  6.373   1.000 19.743 ? 68  ARG AAA CB  1 ? 
ATOM   229  C  CG  . ARG A 1 29  ? -10.707 -10.843 7.041   1.000 22.203 ? 68  ARG AAA CG  1 ? 
ATOM   230  C  CD  . ARG A 1 29  ? -11.479 -11.565 8.136   1.000 29.258 ? 68  ARG AAA CD  1 ? 
ATOM   231  N  NE  . ARG A 1 29  ? -10.894 -12.848 8.538   0.500 30.386 ? 68  ARG AAA NE  1 ? 
ATOM   232  C  CZ  . ARG A 1 29  ? -11.471 -14.044 8.373   0.500 33.252 ? 68  ARG AAA CZ  1 ? 
ATOM   233  N  NH1 . ARG A 1 29  ? -12.671 -14.140 7.828   0.500 36.447 ? 68  ARG AAA NH1 1 ? 
ATOM   234  N  NH2 . ARG A 1 29  ? -10.854 -15.144 8.768   0.500 35.248 ? 68  ARG AAA NH2 1 ? 
ATOM   235  N  N   . VAL A 1 30  ? -11.843 -6.737  4.959   1.000 14.912 ? 69  VAL AAA N   1 ? 
ATOM   236  C  CA  . VAL A 1 30  ? -12.741 -5.766  4.358   1.000 16.081 ? 69  VAL AAA CA  1 ? 
ATOM   237  C  C   . VAL A 1 30  ? -11.957 -4.817  3.448   1.000 16.089 ? 69  VAL AAA C   1 ? 
ATOM   238  O  O   . VAL A 1 30  ? -12.293 -4.625  2.270   1.000 17.746 ? 69  VAL AAA O   1 ? 
ATOM   239  C  CB  . VAL A 1 30  ? -13.600 -5.010  5.394   1.000 15.379 ? 69  VAL AAA CB  1 ? 
ATOM   240  C  CG1 . VAL A 1 30  ? -14.553 -4.060  4.682   1.000 16.446 ? 69  VAL AAA CG1 1 ? 
ATOM   241  C  CG2 . VAL A 1 30  ? -14.444 -6.002  6.197   1.000 16.183 ? 69  VAL AAA CG2 1 ? 
ATOM   242  N  N   . VAL A 1 31  ? -11.008 -4.067  4.021   1.000 14.695 ? 70  VAL AAA N   1 ? 
ATOM   243  C  CA  . VAL A 1 31  ? -10.391 -2.985  3.275   1.000 14.674 ? 70  VAL AAA CA  1 ? 
ATOM   244  C  C   . VAL A 1 31  ? -9.530  -3.504  2.118   1.000 14.048 ? 70  VAL AAA C   1 ? 
ATOM   245  O  O   . VAL A 1 31  ? -9.753  -3.139  0.951   1.000 16.181 ? 70  VAL AAA O   1 ? 
ATOM   246  C  CB  . VAL A 1 31  ? -9.593  -2.046  4.192   1.000 14.032 ? 70  VAL AAA CB  1 ? 
ATOM   247  C  CG1 . VAL A 1 31  ? -8.942  -0.883  3.417   1.000 15.979 ? 70  VAL AAA CG1 1 ? 
ATOM   248  C  CG2 . VAL A 1 31  ? -10.452 -1.534  5.353   1.000 15.530 ? 70  VAL AAA CG2 1 ? 
ATOM   249  N  N   . LEU A 1 32  ? -8.536  -4.333  2.415   1.000 14.869 ? 71  LEU AAA N   1 ? 
ATOM   250  C  CA  . LEU A 1 32  ? -7.635  -4.812  1.380   1.000 15.561 ? 71  LEU AAA CA  1 ? 
ATOM   251  C  C   . LEU A 1 32  ? -8.431  -5.634  0.376   1.000 16.482 ? 71  LEU AAA C   1 ? 
ATOM   252  O  O   . LEU A 1 32  ? -8.265  -5.446  -0.846  1.000 15.783 ? 71  LEU AAA O   1 ? 
ATOM   253  C  CB  . LEU A 1 32  ? -6.504  -5.651  1.970   1.000 16.795 ? 71  LEU AAA CB  1 ? 
ATOM   254  C  CG  . LEU A 1 32  ? -5.528  -6.144  0.889   1.000 18.584 ? 71  LEU AAA CG  1 ? 
ATOM   255  C  CD1 . LEU A 1 32  ? -4.743  -4.998  0.285   1.000 19.627 ? 71  LEU AAA CD1 1 ? 
ATOM   256  C  CD2 . LEU A 1 32  ? -4.665  -7.266  1.428   1.000 22.410 ? 71  LEU AAA CD2 1 ? 
ATOM   257  N  N   . LYS A 1 33  ? -9.349  -6.468  0.849   1.000 15.878 ? 72  LYS AAA N   1 ? 
ATOM   258  C  CA  . LYS A 1 33  ? -10.098 -7.349  -0.055  1.000 18.550 ? 72  LYS AAA CA  1 ? 
ATOM   259  C  C   . LYS A 1 33  ? -10.876 -6.523  -1.074  1.000 19.225 ? 72  LYS AAA C   1 ? 
ATOM   260  O  O   . LYS A 1 33  ? -10.896 -6.887  -2.257  1.000 23.465 ? 72  LYS AAA O   1 ? 
ATOM   261  C  CB  . LYS A 1 33  ? -11.110 -8.169  0.754   1.000 21.011 ? 72  LYS AAA CB  1 ? 
ATOM   262  C  CG  . LYS A 1 33  ? -11.880 -9.222  -0.040  0.500 19.818 ? 72  LYS AAA CG  1 ? 
ATOM   263  C  CD  . LYS A 1 33  ? -12.818 -10.021 0.842   0.500 22.388 ? 72  LYS AAA CD  1 ? 
ATOM   264  C  CE  . LYS A 1 33  ? -13.225 -11.343 0.234   0.500 22.256 ? 72  LYS AAA CE  1 ? 
ATOM   265  N  NZ  . LYS A 1 33  ? -14.028 -11.098 -0.980  0.500 24.988 ? 72  LYS AAA NZ  1 ? 
ATOM   266  N  N   . THR A 1 34  ? -11.484 -5.427  -0.621  1.000 16.783 ? 73  THR AAA N   1 ? 
ATOM   267  C  CA  . THR A 1 34  ? -12.282 -4.535  -1.460  1.000 19.404 ? 73  THR AAA CA  1 ? 
ATOM   268  C  C   . THR A 1 34  ? -11.380 -3.871  -2.496  1.000 17.442 ? 73  THR AAA C   1 ? 
ATOM   269  O  O   . THR A 1 34  ? -11.696 -3.796  -3.680  1.000 18.389 ? 73  THR AAA O   1 ? 
ATOM   270  C  CB  . THR A 1 34  ? -13.017 -3.459  -0.641  1.000 20.508 ? 73  THR AAA CB  1 ? 
ATOM   271  O  OG1 . THR A 1 34  ? -14.030 -4.095  0.137   1.000 25.779 ? 73  THR AAA OG1 1 ? 
ATOM   272  C  CG2 . THR A 1 34  ? -13.644 -2.370  -1.495  1.000 25.680 ? 73  THR AAA CG2 1 ? 
ATOM   273  N  N   . LEU A 1 35  ? -10.275 -3.278  -2.043  1.000 15.162 ? 74  LEU AAA N   1 ? 
ATOM   274  C  CA  . LEU A 1 35  ? -9.448  -2.529  -2.983  1.000 14.216 ? 74  LEU AAA CA  1 ? 
ATOM   275  C  C   . LEU A 1 35  ? -8.728  -3.474  -3.952  1.000 13.920 ? 74  LEU AAA C   1 ? 
ATOM   276  O  O   . LEU A 1 35  ? -8.513  -3.104  -5.108  1.000 15.430 ? 74  LEU AAA O   1 ? 
ATOM   277  C  CB  . LEU A 1 35  ? -8.393  -1.714  -2.211  1.000 13.713 ? 74  LEU AAA CB  1 ? 
ATOM   278  C  CG  . LEU A 1 35  ? -8.796  -0.283  -1.832  1.000 16.256 ? 74  LEU AAA CG  1 ? 
ATOM   279  C  CD1 . LEU A 1 35  ? -9.999  -0.218  -0.893  1.000 17.300 ? 74  LEU AAA CD1 1 ? 
ATOM   280  C  CD2 . LEU A 1 35  ? -7.633  0.515   -1.234  1.000 16.804 ? 74  LEU AAA CD2 1 ? 
ATOM   281  N  N   . TRP A 1 36  ? -8.345  -4.668  -3.506  1.000 14.520 ? 75  TRP AAA N   1 ? 
ATOM   282  C  CA  . TRP A 1 36  ? -7.559  -5.561  -4.342  1.000 14.977 ? 75  TRP AAA CA  1 ? 
ATOM   283  C  C   . TRP A 1 36  ? -8.319  -5.973  -5.604  1.000 16.456 ? 75  TRP AAA C   1 ? 
ATOM   284  O  O   . TRP A 1 36  ? -7.703  -6.139  -6.659  1.000 17.181 ? 75  TRP AAA O   1 ? 
ATOM   285  C  CB  . TRP A 1 36  ? -7.172  -6.812  -3.550  1.000 16.154 ? 75  TRP AAA CB  1 ? 
ATOM   286  C  CG  . TRP A 1 36  ? -6.187  -7.714  -4.221  1.000 17.182 ? 75  TRP AAA CG  1 ? 
ATOM   287  C  CD1 . TRP A 1 36  ? -6.464  -8.779  -5.035  1.000 18.263 ? 75  TRP AAA CD1 1 ? 
ATOM   288  C  CD2 . TRP A 1 36  ? -4.764  -7.616  -4.170  1.000 14.673 ? 75  TRP AAA CD2 1 ? 
ATOM   289  N  NE1 . TRP A 1 36  ? -5.296  -9.367  -5.450  1.000 18.624 ? 75  TRP AAA NE1 1 ? 
ATOM   290  C  CE2 . TRP A 1 36  ? -4.230  -8.669  -4.920  1.000 16.144 ? 75  TRP AAA CE2 1 ? 
ATOM   291  C  CE3 . TRP A 1 36  ? -3.890  -6.723  -3.534  1.000 14.064 ? 75  TRP AAA CE3 1 ? 
ATOM   292  C  CZ2 . TRP A 1 36  ? -2.863  -8.867  -5.057  1.000 16.038 ? 75  TRP AAA CZ2 1 ? 
ATOM   293  C  CZ3 . TRP A 1 36  ? -2.536  -6.919  -3.656  1.000 14.915 ? 75  TRP AAA CZ3 1 ? 
ATOM   294  C  CH2 . TRP A 1 36  ? -2.028  -7.960  -4.432  1.000 15.016 ? 75  TRP AAA CH2 1 ? 
ATOM   295  N  N   . LYS A 1 37  ? -9.642  -6.123  -5.483  1.000 17.155 ? 76  LYS AAA N   1 ? 
ATOM   296  C  CA  . LYS A 1 37  ? -10.432 -6.658  -6.586  1.000 17.688 ? 76  LYS AAA CA  1 ? 
ATOM   297  C  C   . LYS A 1 37  ? -10.969 -5.511  -7.435  1.000 18.493 ? 76  LYS AAA C   1 ? 
ATOM   298  O  O   . LYS A 1 37  ? -11.625 -5.770  -8.455  1.000 21.362 ? 76  LYS AAA O   1 ? 
ATOM   299  C  CB  . LYS A 1 37  ? -11.566 -7.538  -6.038  1.000 20.702 ? 76  LYS AAA CB  1 ? 
ATOM   300  C  CG  . LYS A 1 37  ? -12.638 -6.817  -5.243  1.000 23.036 ? 76  LYS AAA CG  1 ? 
ATOM   301  C  CD  . LYS A 1 37  ? -13.671 -7.897  -4.827  1.000 30.461 ? 76  LYS AAA CD  1 ? 
ATOM   302  C  CE  . LYS A 1 37  ? -14.514 -7.614  -3.595  1.000 36.497 ? 76  LYS AAA CE  1 ? 
ATOM   303  N  NZ  . LYS A 1 37  ? -15.582 -6.622  -3.854  1.000 38.145 ? 76  LYS AAA NZ  1 ? 
ATOM   304  N  N   . HIS A 1 38  ? -10.701 -4.248  -7.086  1.000 17.319 ? 77  HIS AAA N   1 ? 
ATOM   305  C  CA  . HIS A 1 38  ? -11.133 -3.125  -7.902  1.000 16.205 ? 77  HIS AAA CA  1 ? 
ATOM   306  C  C   . HIS A 1 38  ? -10.510 -3.170  -9.303  1.000 15.556 ? 77  HIS AAA C   1 ? 
ATOM   307  O  O   . HIS A 1 38  ? -9.396  -3.627  -9.510  1.000 15.505 ? 77  HIS AAA O   1 ? 
ATOM   308  C  CB  . HIS A 1 38  ? -10.766 -1.818  -7.181  1.000 16.390 ? 77  HIS AAA CB  1 ? 
ATOM   309  C  CG  . HIS A 1 38  ? -11.478 -0.639  -7.739  1.000 17.393 ? 77  HIS AAA CG  1 ? 
ATOM   310  N  ND1 . HIS A 1 38  ? -11.061 -0.003  -8.891  1.000 15.946 ? 77  HIS AAA ND1 1 ? 
ATOM   311  C  CD2 . HIS A 1 38  ? -12.580 0.028   -7.319  1.000 20.366 ? 77  HIS AAA CD2 1 ? 
ATOM   312  C  CE1 . HIS A 1 38  ? -11.862 0.985   -9.166  1.000 17.062 ? 77  HIS AAA CE1 1 ? 
ATOM   313  N  NE2 . HIS A 1 38  ? -12.784 1.054   -8.175  1.000 20.007 ? 77  HIS AAA NE2 1 ? 
ATOM   314  N  N   . GLN A 1 39  ? -11.309 -2.713  -10.298 1.000 15.958 ? 78  GLN AAA N   1 ? 
ATOM   315  C  CA  . GLN A 1 39  ? -10.863 -2.691  -11.687 1.000 17.100 ? 78  GLN AAA CA  1 ? 
ATOM   316  C  C   . GLN A 1 39  ? -9.527  -1.968  -11.830 1.000 14.536 ? 78  GLN AAA C   1 ? 
ATOM   317  O  O   . GLN A 1 39  ? -8.719  -2.352  -12.666 1.000 15.611 ? 78  GLN AAA O   1 ? 
ATOM   318  C  CB  . GLN A 1 39  ? -11.904 -2.017  -12.607 1.000 17.314 ? 78  GLN AAA CB  1 ? 
ATOM   319  C  CG  . GLN A 1 39  ? -11.457 -1.898  -14.058 1.000 24.213 ? 78  GLN AAA CG  1 ? 
ATOM   320  C  CD  . GLN A 1 39  ? -12.559 -1.346  -14.927 1.000 27.070 ? 78  GLN AAA CD  1 ? 
ATOM   321  O  OE1 . GLN A 1 39  ? -13.023 -2.027  -15.856 1.000 30.561 ? 78  GLN AAA OE1 1 ? 
ATOM   322  N  NE2 . GLN A 1 39  ? -13.016 -0.138  -14.612 1.000 21.457 ? 78  GLN AAA NE2 1 ? 
ATOM   323  N  N   . PHE A 1 40  ? -9.282  -0.959  -10.973 1.000 14.500 ? 79  PHE AAA N   1 ? 
ATOM   324  C  CA  . PHE A 1 40  ? -8.085  -0.139  -11.119 1.000 13.970 ? 79  PHE AAA CA  1 ? 
ATOM   325  C  C   . PHE A 1 40  ? -6.959  -0.546  -10.158 1.000 12.353 ? 79  PHE AAA C   1 ? 
ATOM   326  O  O   . PHE A 1 40  ? -6.009  0.251   -9.985  1.000 13.071 ? 79  PHE AAA O   1 ? 
ATOM   327  C  CB  . PHE A 1 40  ? -8.426  1.323   -10.861 1.000 13.698 ? 79  PHE AAA CB  1 ? 
ATOM   328  C  CG  . PHE A 1 40  ? -9.322  1.956   -11.888 1.000 13.941 ? 79  PHE AAA CG  1 ? 
ATOM   329  C  CD1 . PHE A 1 40  ? -9.461  1.453   -13.179 1.000 14.177 ? 79  PHE AAA CD1 1 ? 
ATOM   330  C  CD2 . PHE A 1 40  ? -10.005 3.130   -11.561 1.000 14.559 ? 79  PHE AAA CD2 1 ? 
ATOM   331  C  CE1 . PHE A 1 40  ? -10.252 2.131   -14.109 1.000 16.611 ? 79  PHE AAA CE1 1 ? 
ATOM   332  C  CE2 . PHE A 1 40  ? -10.797 3.799   -12.485 1.000 17.606 ? 79  PHE AAA CE2 1 ? 
ATOM   333  C  CZ  . PHE A 1 40  ? -10.936 3.282   -13.759 1.000 17.656 ? 79  PHE AAA CZ  1 ? 
ATOM   334  N  N   . ALA A 1 41  ? -7.063  -1.736  -9.535  1.000 12.998 ? 80  ALA AAA N   1 ? 
ATOM   335  C  CA  . ALA A 1 41  ? -6.068  -2.147  -8.554  1.000 12.802 ? 80  ALA AAA CA  1 ? 
ATOM   336  C  C   . ALA A 1 41  ? -4.717  -2.512  -9.144  1.000 14.393 ? 80  ALA AAA C   1 ? 
ATOM   337  O  O   . ALA A 1 41  ? -3.706  -2.431  -8.429  1.000 13.560 ? 80  ALA AAA O   1 ? 
ATOM   338  C  CB  . ALA A 1 41  ? -6.553  -3.297  -7.691  1.000 15.176 ? 80  ALA AAA CB  1 ? 
ATOM   339  N  N   . TRP A 1 42  ? -4.689  -3.027  -10.392 1.000 13.957 ? 81  TRP AAA N   1 ? 
ATOM   340  C  CA  . TRP A 1 42  ? -3.510  -3.722  -10.867 1.000 12.682 ? 81  TRP AAA CA  1 ? 
ATOM   341  C  C   . TRP A 1 42  ? -2.209  -2.910  -10.774 1.000 13.748 ? 81  TRP AAA C   1 ? 
ATOM   342  O  O   . TRP A 1 42  ? -1.173  -3.517  -10.437 1.000 14.710 ? 81  TRP AAA O   1 ? 
ATOM   343  C  CB  . TRP A 1 42  ? -3.732  -4.367  -12.254 1.000 13.785 ? 81  TRP AAA CB  1 ? 
ATOM   344  C  CG  . TRP A 1 42  ? -3.971  -3.359  -13.346 1.000 14.231 ? 81  TRP AAA CG  1 ? 
ATOM   345  C  CD1 . TRP A 1 42  ? -5.197  -2.893  -13.767 1.000 15.685 ? 81  TRP AAA CD1 1 ? 
ATOM   346  C  CD2 . TRP A 1 42  ? -2.997  -2.618  -14.113 1.000 16.386 ? 81  TRP AAA CD2 1 ? 
ATOM   347  N  NE1 . TRP A 1 42  ? -5.056  -1.948  -14.742 1.000 16.580 ? 81  TRP AAA NE1 1 ? 
ATOM   348  C  CE2 . TRP A 1 42  ? -3.729  -1.749  -14.967 1.000 15.985 ? 81  TRP AAA CE2 1 ? 
ATOM   349  C  CE3 . TRP A 1 42  ? -1.596  -2.608  -14.178 1.000 18.519 ? 81  TRP AAA CE3 1 ? 
ATOM   350  C  CZ2 . TRP A 1 42  ? -3.121  -0.900  -15.885 1.000 19.463 ? 81  TRP AAA CZ2 1 ? 
ATOM   351  C  CZ3 . TRP A 1 42  ? -1.001  -1.736  -15.063 1.000 20.267 ? 81  TRP AAA CZ3 1 ? 
ATOM   352  C  CH2 . TRP A 1 42  ? -1.745  -0.916  -15.913 1.000 19.653 ? 81  TRP AAA CH2 1 ? 
ATOM   353  N  N   . PRO A 1 43  ? -2.126  -1.591  -11.021 1.000 12.461 ? 82  PRO AAA N   1 ? 
ATOM   354  C  CA  . PRO A 1 43  ? -0.833  -0.917  -10.894 1.000 13.264 ? 82  PRO AAA CA  1 ? 
ATOM   355  C  C   . PRO A 1 43  ? -0.290  -0.898  -9.461  1.000 12.224 ? 82  PRO AAA C   1 ? 
ATOM   356  O  O   . PRO A 1 43  ? 0.892   -0.564  -9.277  1.000 13.870 ? 82  PRO AAA O   1 ? 
ATOM   357  C  CB  . PRO A 1 43  ? -1.108  0.538   -11.321 1.000 13.596 ? 82  PRO AAA CB  1 ? 
ATOM   358  C  CG  . PRO A 1 43  ? -2.395  0.398   -12.159 1.000 13.172 ? 82  PRO AAA CG  1 ? 
ATOM   359  C  CD  . PRO A 1 43  ? -3.198  -0.678  -11.455 1.000 12.004 ? 82  PRO AAA CD  1 ? 
ATOM   360  N  N   . PHE A 1 44  ? -1.180  -1.175  -8.492  1.000 12.112 ? 83  PHE AAA N   1 ? 
ATOM   361  C  CA  . PHE A 1 44  ? -0.839  -1.025  -7.088  1.000 11.105 ? 83  PHE AAA CA  1 ? 
ATOM   362  C  C   . PHE A 1 44  ? -0.662  -2.377  -6.417  1.000 11.361 ? 83  PHE AAA C   1 ? 
ATOM   363  O  O   . PHE A 1 44  ? -0.454  -2.403  -5.195  1.000 11.291 ? 83  PHE AAA O   1 ? 
ATOM   364  C  CB  . PHE A 1 44  ? -1.950  -0.227  -6.388  1.000 10.917 ? 83  PHE AAA CB  1 ? 
ATOM   365  C  CG  . PHE A 1 44  ? -2.172  1.095   -7.065  1.000 10.935 ? 83  PHE AAA CG  1 ? 
ATOM   366  C  CD1 . PHE A 1 44  ? -1.282  2.161   -6.871  1.000 12.362 ? 83  PHE AAA CD1 1 ? 
ATOM   367  C  CD2 . PHE A 1 44  ? -3.239  1.267   -7.944  1.000 11.738 ? 83  PHE AAA CD2 1 ? 
ATOM   368  C  CE1 . PHE A 1 44  ? -1.461  3.361   -7.561  1.000 13.790 ? 83  PHE AAA CE1 1 ? 
ATOM   369  C  CE2 . PHE A 1 44  ? -3.428  2.473   -8.614  1.000 12.700 ? 83  PHE AAA CE2 1 ? 
ATOM   370  C  CZ  . PHE A 1 44  ? -2.544  3.502   -8.419  1.000 12.960 ? 83  PHE AAA CZ  1 ? 
ATOM   371  N  N   . GLN A 1 45  ? -0.725  -3.504  -7.161  1.000 11.082 ? 84  GLN AAA N   1 ? 
ATOM   372  C  CA  . GLN A 1 45  ? -0.687  -4.819  -6.544  1.000 11.721 ? 84  GLN AAA CA  1 ? 
ATOM   373  C  C   . GLN A 1 45  ? 0.731   -5.375  -6.335  1.000 11.388 ? 84  GLN AAA C   1 ? 
ATOM   374  O  O   . GLN A 1 45  ? 0.902   -6.466  -5.761  1.000 12.915 ? 84  GLN AAA O   1 ? 
ATOM   375  C  CB  . GLN A 1 45  ? -1.509  -5.830  -7.349  1.000 12.209 ? 84  GLN AAA CB  1 ? 
ATOM   376  C  CG  . GLN A 1 45  ? -3.015  -5.631  -7.201  1.000 14.044 ? 84  GLN AAA CG  1 ? 
ATOM   377  C  CD  . GLN A 1 45  ? -3.809  -6.515  -8.149  1.000 14.516 ? 84  GLN AAA CD  1 ? 
ATOM   378  O  OE1 . GLN A 1 45  ? -3.305  -6.869  -9.215  1.000 16.898 ? 84  GLN AAA OE1 1 ? 
ATOM   379  N  NE2 . GLN A 1 45  ? -5.046  -6.816  -7.755  1.000 16.815 ? 84  GLN AAA NE2 1 ? 
ATOM   380  N  N   . GLN A 1 46  ? 1.743   -4.579  -6.670  1.000 11.724 ? 85  GLN AAA N   1 ? 
ATOM   381  C  CA  . GLN A 1 46  ? 3.134   -4.970  -6.490  1.000 11.423 ? 85  GLN AAA CA  1 ? 
ATOM   382  C  C   . GLN A 1 46  ? 3.971   -3.700  -6.494  1.000 11.582 ? 85  GLN AAA C   1 ? 
ATOM   383  O  O   . GLN A 1 46  ? 3.514   -2.668  -6.975  1.000 11.310 ? 85  GLN AAA O   1 ? 
ATOM   384  C  CB  . GLN A 1 46  ? 3.541   -5.953  -7.606  1.000 13.826 ? 85  GLN AAA CB  1 ? 
ATOM   385  C  CG  . GLN A 1 46  ? 3.466   -5.352  -9.019  1.000 14.637 ? 85  GLN AAA CG  1 ? 
ATOM   386  C  CD  . GLN A 1 46  ? 2.047   -5.236  -9.537  1.000 14.450 ? 85  GLN AAA CD  1 ? 
ATOM   387  O  OE1 . GLN A 1 46  ? 1.296   -6.205  -9.493  1.000 15.751 ? 85  GLN AAA OE1 1 ? 
ATOM   388  N  NE2 . GLN A 1 46  ? 1.673   -4.033  -9.977  1.000 14.841 ? 85  GLN AAA NE2 1 ? 
ATOM   389  N  N   . PRO A 1 47  ? 5.231   -3.746  -6.008  1.000 11.437 ? 86  PRO AAA N   1 ? 
ATOM   390  C  CA  . PRO A 1 47  ? 6.125   -2.571  -6.082  1.000 12.722 ? 86  PRO AAA CA  1 ? 
ATOM   391  C  C   . PRO A 1 47  ? 6.249   -2.072  -7.524  1.000 12.564 ? 86  PRO AAA C   1 ? 
ATOM   392  O  O   . PRO A 1 47  ? 6.190   -2.863  -8.489  1.000 13.223 ? 86  PRO AAA O   1 ? 
ATOM   393  C  CB  . PRO A 1 47  ? 7.472   -3.143  -5.599  1.000 14.911 ? 86  PRO AAA CB  1 ? 
ATOM   394  C  CG  . PRO A 1 47  ? 7.052   -4.226  -4.643  1.000 14.202 ? 86  PRO AAA CG  1 ? 
ATOM   395  C  CD  . PRO A 1 47  ? 5.858   -4.895  -5.307  1.000 13.989 ? 86  PRO AAA CD  1 ? 
ATOM   396  N  N   . VAL A 1 48  ? 6.458   -0.767  -7.635  1.000 12.085 ? 87  VAL AAA N   1 ? 
ATOM   397  C  CA  . VAL A 1 48  ? 6.710   -0.166  -8.937  1.000 14.037 ? 87  VAL AAA CA  1 ? 
ATOM   398  C  C   . VAL A 1 48  ? 8.031   -0.720  -9.494  1.000 14.274 ? 87  VAL AAA C   1 ? 
ATOM   399  O  O   . VAL A 1 48  ? 9.083   -0.614  -8.845  1.000 14.161 ? 87  VAL AAA O   1 ? 
ATOM   400  C  CB  . VAL A 1 48  ? 6.735   1.360   -8.825  1.000 14.468 ? 87  VAL AAA CB  1 ? 
ATOM   401  C  CG1 . VAL A 1 48  ? 7.219   2.026   -10.115 1.000 15.058 ? 87  VAL AAA CG1 1 ? 
ATOM   402  C  CG2 . VAL A 1 48  ? 5.359   1.882   -8.467  1.000 14.374 ? 87  VAL AAA CG2 1 ? 
ATOM   403  N  N   . ASP A 1 49  ? 7.927   -1.355  -10.671 1.000 14.333 ? 88  ASP AAA N   1 ? 
ATOM   404  C  CA  . ASP A 1 49  ? 9.148   -1.832  -11.315 1.000 13.641 ? 88  ASP AAA CA  1 ? 
ATOM   405  C  C   . ASP A 1 49  ? 9.606   -0.706  -12.248 1.000 13.365 ? 88  ASP AAA C   1 ? 
ATOM   406  O  O   . ASP A 1 49  ? 9.128   -0.592  -13.364 1.000 13.596 ? 88  ASP AAA O   1 ? 
ATOM   407  C  CB  . ASP A 1 49  ? 8.873   -3.126  -12.076 1.000 16.025 ? 88  ASP AAA CB  1 ? 
ATOM   408  C  CG  . ASP A 1 49  ? 10.124  -3.719  -12.722 1.000 18.889 ? 88  ASP AAA CG  1 ? 
ATOM   409  O  OD1 . ASP A 1 49  ? 11.079  -2.988  -12.935 1.000 16.738 ? 88  ASP AAA OD1 1 ? 
ATOM   410  O  OD2 . ASP A 1 49  ? 10.093  -4.923  -13.063 1.000 24.456 ? 88  ASP AAA OD2 1 ? 
ATOM   411  N  N   . ALA A 1 50  ? 10.474  0.157   -11.709 1.000 13.408 ? 89  ALA AAA N   1 ? 
ATOM   412  C  CA  . ALA A 1 50  ? 10.926  1.345   -12.428 1.000 14.719 ? 89  ALA AAA CA  1 ? 
ATOM   413  C  C   . ALA A 1 50  ? 11.766  0.972   -13.658 1.000 14.572 ? 89  ALA AAA C   1 ? 
ATOM   414  O  O   . ALA A 1 50  ? 11.794  1.760   -14.616 1.000 14.997 ? 89  ALA AAA O   1 ? 
ATOM   415  C  CB  . ALA A 1 50  ? 11.688  2.251   -11.488 1.000 17.165 ? 89  ALA AAA CB  1 ? 
ATOM   416  N  N   . VAL A 1 51  ? 12.387  -0.211  -13.665 1.000 14.836 ? 90  VAL AAA N   1 ? 
ATOM   417  C  CA  . VAL A 1 51  ? 13.143  -0.635  -14.845 1.000 15.357 ? 90  VAL AAA CA  1 ? 
ATOM   418  C  C   . VAL A 1 51  ? 12.177  -0.973  -15.967 1.000 15.034 ? 90  VAL AAA C   1 ? 
ATOM   419  O  O   . VAL A 1 51  ? 12.286  -0.439  -17.072 1.000 15.569 ? 90  VAL AAA O   1 ? 
ATOM   420  C  CB  . VAL A 1 51  ? 14.073  -1.831  -14.501 1.000 15.100 ? 90  VAL AAA CB  1 ? 
ATOM   421  C  CG1 . VAL A 1 51  ? 14.815  -2.352  -15.730 1.000 18.198 ? 90  VAL AAA CG1 1 ? 
ATOM   422  C  CG2 . VAL A 1 51  ? 15.031  -1.428  -13.394 1.000 17.504 ? 90  VAL AAA CG2 1 ? 
ATOM   423  N  N   . LYS A 1 52  ? 11.195  -1.826  -15.666 1.000 14.555 ? 91  LYS AAA N   1 ? 
ATOM   424  C  CA  . LYS A 1 52  ? 10.306  -2.257  -16.722 1.000 16.938 ? 91  LYS AAA CA  1 ? 
ATOM   425  C  C   . LYS A 1 52  ? 9.494   -1.070  -17.257 1.000 17.516 ? 91  LYS AAA C   1 ? 
ATOM   426  O  O   . LYS A 1 52  ? 9.178   -1.016  -18.435 1.000 16.725 ? 91  LYS AAA O   1 ? 
ATOM   427  C  CB  . LYS A 1 52  ? 9.364   -3.353  -16.235 1.000 20.672 ? 91  LYS AAA CB  1 ? 
ATOM   428  C  CG  . LYS A 1 52  ? 8.774   -4.167  -17.375 1.000 25.455 ? 91  LYS AAA CG  1 ? 
ATOM   429  C  CD  . LYS A 1 52  ? 8.179   -5.466  -16.944 1.000 27.685 ? 91  LYS AAA CD  1 ? 
ATOM   430  C  CE  . LYS A 1 52  ? 7.813   -6.342  -18.127 1.000 26.163 ? 91  LYS AAA CE  1 ? 
ATOM   431  N  NZ  . LYS A 1 52  ? 6.826   -7.353  -17.694 1.000 27.960 ? 91  LYS AAA NZ  1 ? 
ATOM   432  N  N   . LEU A 1 53  ? 9.084   -0.149  -16.385 1.000 14.446 ? 92  LEU AAA N   1 ? 
ATOM   433  C  CA  . LEU A 1 53  ? 8.304   1.025   -16.773 1.000 16.763 ? 92  LEU AAA CA  1 ? 
ATOM   434  C  C   . LEU A 1 53  ? 9.126   2.175   -17.368 1.000 17.633 ? 92  LEU AAA C   1 ? 
ATOM   435  O  O   . LEU A 1 53  ? 8.575   3.213   -17.749 1.000 17.458 ? 92  LEU AAA O   1 ? 
ATOM   436  C  CB  . LEU A 1 53  ? 7.513   1.501   -15.552 1.000 16.967 ? 92  LEU AAA CB  1 ? 
ATOM   437  C  CG  . LEU A 1 53  ? 6.419   0.542   -15.098 1.000 17.683 ? 92  LEU AAA CG  1 ? 
ATOM   438  C  CD1 . LEU A 1 53  ? 5.900   0.869   -13.706 1.000 21.832 ? 92  LEU AAA CD1 1 ? 
ATOM   439  C  CD2 . LEU A 1 53  ? 5.284   0.491   -16.098 1.000 22.176 ? 92  LEU AAA CD2 1 ? 
ATOM   440  N  N   . ASN A 1 54  ? 10.443  1.995   -17.445 1.000 16.012 ? 93  ASN AAA N   1 ? 
ATOM   441  C  CA  . ASN A 1 54  ? 11.338  3.039   -17.926 1.000 17.384 ? 93  ASN AAA CA  1 ? 
ATOM   442  C  C   . ASN A 1 54  ? 11.163  4.342   -17.142 1.000 17.615 ? 93  ASN AAA C   1 ? 
ATOM   443  O  O   . ASN A 1 54  ? 10.972  5.424   -17.730 1.000 19.215 ? 93  ASN AAA O   1 ? 
ATOM   444  C  CB  . ASN A 1 54  ? 11.242  3.269   -19.447 1.000 21.092 ? 93  ASN AAA CB  1 ? 
ATOM   445  C  CG  . ASN A 1 54  ? 12.338  4.193   -19.959 1.000 25.001 ? 93  ASN AAA CG  1 ? 
ATOM   446  O  OD1 . ASN A 1 54  ? 13.416  4.311   -19.364 1.000 28.071 ? 93  ASN AAA OD1 1 ? 
ATOM   447  N  ND2 . ASN A 1 54  ? 12.082  4.867   -21.071 1.000 30.678 ? 93  ASN AAA ND2 1 ? 
ATOM   448  N  N   . LEU A 1 55  ? 11.177  4.244   -15.805 1.000 14.870 ? 94  LEU AAA N   1 ? 
ATOM   449  C  CA  . LEU A 1 55  ? 11.035  5.413   -14.950 1.000 14.473 ? 94  LEU AAA CA  1 ? 
ATOM   450  C  C   . LEU A 1 55  ? 12.299  5.463   -14.126 1.000 15.135 ? 94  LEU AAA C   1 ? 
ATOM   451  O  O   . LEU A 1 55  ? 12.253  5.189   -12.933 1.000 13.433 ? 94  LEU AAA O   1 ? 
ATOM   452  C  CB  . LEU A 1 55  ? 9.801   5.253   -14.051 1.000 15.867 ? 94  LEU AAA CB  1 ? 
ATOM   453  C  CG  . LEU A 1 55  ? 8.463   5.156   -14.789 1.000 18.206 ? 94  LEU AAA CG  1 ? 
ATOM   454  C  CD1 . LEU A 1 55  ? 7.315   4.920   -13.800 1.000 19.383 ? 94  LEU AAA CD1 1 ? 
ATOM   455  C  CD2 . LEU A 1 55  ? 8.234   6.372   -15.672 1.000 20.865 ? 94  LEU AAA CD2 1 ? 
ATOM   456  N  N   . PRO A 1 56  ? 13.487  5.735   -14.714 1.000 14.734 ? 95  PRO AAA N   1 ? 
ATOM   457  C  CA  . PRO A 1 56  ? 14.718  5.641   -13.937 1.000 14.520 ? 95  PRO AAA CA  1 ? 
ATOM   458  C  C   . PRO A 1 56  ? 14.826  6.601   -12.765 1.000 15.374 ? 95  PRO AAA C   1 ? 
ATOM   459  O  O   . PRO A 1 56  ? 15.563  6.354   -11.829 1.000 17.375 ? 95  PRO AAA O   1 ? 
ATOM   460  C  CB  . PRO A 1 56  ? 15.837  5.958   -14.972 1.000 16.745 ? 95  PRO AAA CB  1 ? 
ATOM   461  C  CG  . PRO A 1 56  ? 15.117  6.742   -15.981 1.000 16.839 ? 95  PRO AAA CG  1 ? 
ATOM   462  C  CD  . PRO A 1 56  ? 13.734  6.096   -16.125 1.000 18.388 ? 95  PRO AAA CD  1 ? 
ATOM   463  N  N   . ASP A 1 57  ? 14.022  7.663   -12.772 1.000 14.444 ? 96  ASP AAA N   1 ? 
ATOM   464  C  CA  . ASP A 1 57  ? 14.039  8.623   -11.672 1.000 13.335 ? 96  ASP AAA CA  1 ? 
ATOM   465  C  C   . ASP A 1 57  ? 13.049  8.259   -10.544 1.000 13.880 ? 96  ASP AAA C   1 ? 
ATOM   466  O  O   . ASP A 1 57  ? 13.002  8.985   -9.568  1.000 14.426 ? 96  ASP AAA O   1 ? 
ATOM   467  C  CB  . ASP A 1 57  ? 13.756  10.069  -12.110 1.000 15.792 ? 96  ASP AAA CB  1 ? 
ATOM   468  C  CG  . ASP A 1 57  ? 12.336  10.291  -12.607 1.000 17.755 ? 96  ASP AAA CG  1 ? 
ATOM   469  O  OD1 . ASP A 1 57  ? 11.624  9.298   -12.904 1.000 17.897 ? 96  ASP AAA OD1 1 ? 
ATOM   470  O  OD2 . ASP A 1 57  ? 11.945  11.467  -12.709 1.000 23.413 ? 96  ASP AAA OD2 1 ? 
ATOM   471  N  N   . TYR A 1 58  ? 12.309  7.149   -10.667 1.000 13.620 ? 97  TYR AAA N   1 ? 
ATOM   472  C  CA  . TYR A 1 58  ? 11.193  6.936   -9.751  1.000 13.135 ? 97  TYR AAA CA  1 ? 
ATOM   473  C  C   . TYR A 1 58  ? 11.694  6.866   -8.314  1.000 13.909 ? 97  TYR AAA C   1 ? 
ATOM   474  O  O   . TYR A 1 58  ? 11.154  7.540   -7.429  1.000 13.481 ? 97  TYR AAA O   1 ? 
ATOM   475  C  CB  . TYR A 1 58  ? 10.430  5.662   -10.138 1.000 13.206 ? 97  TYR AAA CB  1 ? 
ATOM   476  C  CG  . TYR A 1 58  ? 9.229   5.440   -9.240  1.000 13.179 ? 97  TYR AAA CG  1 ? 
ATOM   477  C  CD1 . TYR A 1 58  ? 8.036   6.138   -9.443  1.000 12.557 ? 97  TYR AAA CD1 1 ? 
ATOM   478  C  CD2 . TYR A 1 58  ? 9.315   4.623   -8.124  1.000 14.035 ? 97  TYR AAA CD2 1 ? 
ATOM   479  C  CE1 . TYR A 1 58  ? 6.943   5.985   -8.589  1.000 12.474 ? 97  TYR AAA CE1 1 ? 
ATOM   480  C  CE2 . TYR A 1 58  ? 8.247   4.490   -7.244  1.000 14.367 ? 97  TYR AAA CE2 1 ? 
ATOM   481  C  CZ  . TYR A 1 58  ? 7.065   5.169   -7.483  1.000 13.847 ? 97  TYR AAA CZ  1 ? 
ATOM   482  O  OH  . TYR A 1 58  ? 5.998   5.056   -6.594  1.000 15.682 ? 97  TYR AAA OH  1 ? 
ATOM   483  N  N   . TYR A 1 59  ? 12.722  6.024   -8.085  1.000 13.892 ? 98  TYR AAA N   1 ? 
ATOM   484  C  CA  . TYR A 1 59  ? 13.247  5.834   -6.735  1.000 14.418 ? 98  TYR AAA CA  1 ? 
ATOM   485  C  C   . TYR A 1 59  ? 14.226  6.947   -6.334  1.000 15.329 ? 98  TYR AAA C   1 ? 
ATOM   486  O  O   . TYR A 1 59  ? 14.709  6.902   -5.203  1.000 17.545 ? 98  TYR AAA O   1 ? 
ATOM   487  C  CB  . TYR A 1 59  ? 13.764  4.405   -6.511  1.000 13.912 ? 98  TYR AAA CB  1 ? 
ATOM   488  C  CG  . TYR A 1 59  ? 12.649  3.399   -6.551  1.000 13.957 ? 98  TYR AAA CG  1 ? 
ATOM   489  C  CD1 . TYR A 1 59  ? 11.718  3.355   -5.511  1.000 14.644 ? 98  TYR AAA CD1 1 ? 
ATOM   490  C  CD2 . TYR A 1 59  ? 12.471  2.505   -7.603  1.000 12.921 ? 98  TYR AAA CD2 1 ? 
ATOM   491  C  CE1 . TYR A 1 59  ? 10.687  2.433   -5.544  1.000 14.150 ? 98  TYR AAA CE1 1 ? 
ATOM   492  C  CE2 . TYR A 1 59  ? 11.445  1.554   -7.647  1.000 13.174 ? 98  TYR AAA CE2 1 ? 
ATOM   493  C  CZ  . TYR A 1 59  ? 10.528  1.540   -6.586  1.000 12.908 ? 98  TYR AAA CZ  1 ? 
ATOM   494  O  OH  . TYR A 1 59  ? 9.527   0.617   -6.572  1.000 14.987 ? 98  TYR AAA OH  1 ? 
ATOM   495  N  N   . LYS A 1 60  ? 14.514  7.912   -7.208  1.000 15.886 ? 99  LYS AAA N   1 ? 
ATOM   496  C  CA  . LYS A 1 60  ? 15.197  9.150   -6.843  1.000 16.516 ? 99  LYS AAA CA  1 ? 
ATOM   497  C  C   . LYS A 1 60  ? 14.200  10.079  -6.138  1.000 18.381 ? 99  LYS AAA C   1 ? 
ATOM   498  O  O   . LYS A 1 60  ? 14.591  10.839  -5.254  1.000 22.048 ? 99  LYS AAA O   1 ? 
ATOM   499  C  CB  . LYS A 1 60  ? 15.729  9.831   -8.112  1.000 19.632 ? 99  LYS AAA CB  1 ? 
ATOM   500  C  CG  . LYS A 1 60  ? 16.590  11.072  -7.964  1.000 22.977 ? 99  LYS AAA CG  1 ? 
ATOM   501  C  CD  . LYS A 1 60  ? 17.937  10.814  -7.318  1.000 27.960 ? 99  LYS AAA CD  1 ? 
ATOM   502  C  CE  . LYS A 1 60  ? 18.774  12.070  -7.207  1.000 32.468 ? 99  LYS AAA CE  1 ? 
ATOM   503  N  NZ  . LYS A 1 60  ? 19.517  12.103  -5.922  1.000 35.552 ? 99  LYS AAA NZ  1 ? 
ATOM   504  N  N   A ILE A 1 61  ? 12.928  10.054  -6.606  0.500 16.291 ? 100 ILE AAA N   1 ? 
ATOM   505  N  N   B ILE A 1 61  ? 12.908  10.014  -6.527  0.500 16.527 ? 100 ILE AAA N   1 ? 
ATOM   506  C  CA  A ILE A 1 61  ? 11.822  10.885  -6.142  0.500 15.680 ? 100 ILE AAA CA  1 ? 
ATOM   507  C  CA  B ILE A 1 61  ? 11.880  10.918  -6.027  0.500 15.724 ? 100 ILE AAA CA  1 ? 
ATOM   508  C  C   A ILE A 1 61  ? 11.148  10.233  -4.924  0.500 14.699 ? 100 ILE AAA C   1 ? 
ATOM   509  C  C   B ILE A 1 61  ? 11.023  10.266  -4.942  0.500 14.638 ? 100 ILE AAA C   1 ? 
ATOM   510  O  O   A ILE A 1 61  ? 11.016  10.839  -3.849  0.500 17.185 ? 100 ILE AAA O   1 ? 
ATOM   511  O  O   B ILE A 1 61  ? 10.557  10.957  -4.031  0.500 16.380 ? 100 ILE AAA O   1 ? 
ATOM   512  C  CB  A ILE A 1 61  ? 10.854  11.126  -7.331  0.500 16.018 ? 100 ILE AAA CB  1 ? 
ATOM   513  C  CB  B ILE A 1 61  ? 11.018  11.419  -7.196  0.500 15.906 ? 100 ILE AAA CB  1 ? 
ATOM   514  C  CG1 A ILE A 1 61  ? 11.583  11.643  -8.578  0.500 16.422 ? 100 ILE AAA CG1 1 ? 
ATOM   515  C  CG1 B ILE A 1 61  ? 11.833  12.298  -8.147  0.500 16.382 ? 100 ILE AAA CG1 1 ? 
ATOM   516  C  CG2 A ILE A 1 61  ? 9.722   12.071  -6.951  0.500 16.348 ? 100 ILE AAA CG2 1 ? 
ATOM   517  C  CG2 B ILE A 1 61  ? 9.792   12.150  -6.682  0.500 17.147 ? 100 ILE AAA CG2 1 ? 
ATOM   518  C  CD1 A ILE A 1 61  ? 12.472  12.832  -8.306  0.500 18.565 ? 100 ILE AAA CD1 1 ? 
ATOM   519  C  CD1 B ILE A 1 61  ? 11.236  12.426  -9.510  0.500 15.413 ? 100 ILE AAA CD1 1 ? 
ATOM   520  N  N   . ILE A 1 62  ? 10.771  8.963   -5.088  1.000 14.257 ? 101 ILE AAA N   1 ? 
ATOM   521  C  CA  . ILE A 1 62  ? 9.975   8.248   -4.099  1.000 13.343 ? 101 ILE AAA CA  1 ? 
ATOM   522  C  C   . ILE A 1 62  ? 10.924  7.463   -3.190  1.000 13.912 ? 101 ILE AAA C   1 ? 
ATOM   523  O  O   . ILE A 1 62  ? 11.459  6.428   -3.580  1.000 14.980 ? 101 ILE AAA O   1 ? 
ATOM   524  C  CB  . ILE A 1 62  ? 8.938   7.359   -4.820  1.000 13.431 ? 101 ILE AAA CB  1 ? 
ATOM   525  C  CG1 . ILE A 1 62  ? 7.959   8.221   -5.638  1.000 13.805 ? 101 ILE AAA CG1 1 ? 
ATOM   526  C  CG2 . ILE A 1 62  ? 8.172   6.484   -3.816  1.000 13.132 ? 101 ILE AAA CG2 1 ? 
ATOM   527  C  CD1 . ILE A 1 62  ? 7.295   9.362   -4.856  1.000 14.719 ? 101 ILE AAA CD1 1 ? 
ATOM   528  N  N   . LYS A 1 63  ? 11.133  7.982   -1.982  1.000 13.145 ? 102 LYS AAA N   1 ? 
ATOM   529  C  CA  . LYS A 1 63  ? 12.072  7.364   -1.042  1.000 13.902 ? 102 LYS AAA CA  1 ? 
ATOM   530  C  C   . LYS A 1 63  ? 11.332  6.541   0.001   1.000 15.302 ? 102 LYS AAA C   1 ? 
ATOM   531  O  O   . LYS A 1 63  ? 11.966  5.867   0.807   1.000 17.440 ? 102 LYS AAA O   1 ? 
ATOM   532  C  CB  . LYS A 1 63  ? 12.872  8.454   -0.339  1.000 15.686 ? 102 LYS AAA CB  1 ? 
ATOM   533  C  CG  . LYS A 1 63  ? 13.779  9.237   -1.253  1.000 19.460 ? 102 LYS AAA CG  1 ? 
ATOM   534  C  CD  . LYS A 1 63  ? 14.675  8.308   -2.003  1.000 22.376 ? 102 LYS AAA CD  1 ? 
ATOM   535  C  CE  . LYS A 1 63  ? 15.823  9.048   -2.636  1.000 27.853 ? 102 LYS AAA CE  1 ? 
ATOM   536  N  NZ  . LYS A 1 63  ? 16.593  8.103   -3.462  1.000 22.923 ? 102 LYS AAA NZ  1 ? 
ATOM   537  N  N   . THR A 1 64  ? 10.007  6.552   0.023   1.000 15.680 ? 103 THR AAA N   1 ? 
ATOM   538  C  CA  . THR A 1 64  ? 9.238   5.692   0.908   1.000 17.420 ? 103 THR AAA CA  1 ? 
ATOM   539  C  C   . THR A 1 64  ? 8.220   4.896   0.091   1.000 14.927 ? 103 THR AAA C   1 ? 
ATOM   540  O  O   . THR A 1 64  ? 7.011   5.129   0.158   1.000 14.871 ? 103 THR AAA O   1 ? 
ATOM   541  C  CB  . THR A 1 64  ? 8.597   6.472   2.059   1.000 21.646 ? 103 THR AAA CB  1 ? 
ATOM   542  O  OG1 . THR A 1 64  ? 7.557   7.263   1.505   1.000 31.973 ? 103 THR AAA OG1 1 ? 
ATOM   543  C  CG2 . THR A 1 64  ? 9.580   7.362   2.779   1.000 20.906 ? 103 THR AAA CG2 1 ? 
ATOM   544  N  N   . PRO A 1 65  ? 8.652   3.915   -0.720  1.000 13.267 ? 104 PRO AAA N   1 ? 
ATOM   545  C  CA  . PRO A 1 65  ? 7.748   3.178   -1.596  1.000 14.181 ? 104 PRO AAA CA  1 ? 
ATOM   546  C  C   . PRO A 1 65  ? 6.799   2.335   -0.776  1.000 12.763 ? 104 PRO AAA C   1 ? 
ATOM   547  O  O   . PRO A 1 65  ? 7.124   1.805   0.277   1.000 12.964 ? 104 PRO AAA O   1 ? 
ATOM   548  C  CB  . PRO A 1 65  ? 8.620   2.254   -2.430  1.000 16.104 ? 104 PRO AAA CB  1 ? 
ATOM   549  C  CG  . PRO A 1 65  ? 10.052  2.537   -2.001  1.000 15.698 ? 104 PRO AAA CG  1 ? 
ATOM   550  C  CD  . PRO A 1 65  ? 10.085  3.489   -0.843  1.000 14.558 ? 104 PRO AAA CD  1 ? 
ATOM   551  N  N   . MET A 1 66  ? 5.588   2.158   -1.302  1.000 11.937 ? 105 MET AAA N   1 ? 
ATOM   552  C  CA  . MET A 1 66  ? 4.653   1.217   -0.696  1.000 10.585 ? 105 MET AAA CA  1 ? 
ATOM   553  C  C   . MET A 1 66  ? 3.660   0.808   -1.759  1.000 10.188 ? 105 MET AAA C   1 ? 
ATOM   554  O  O   . MET A 1 66  ? 3.351   1.614   -2.675  1.000 11.752 ? 105 MET AAA O   1 ? 
ATOM   555  C  CB  . MET A 1 66  ? 3.920   1.882   0.482   1.000 11.015 ? 105 MET AAA CB  1 ? 
ATOM   556  C  CG  . MET A 1 66  ? 3.043   0.911   1.317   1.000 12.435 ? 105 MET AAA CG  1 ? 
ATOM   557  S  SD  . MET A 1 66  ? 3.843   -0.643  1.829   1.000 11.520 ? 105 MET AAA SD  1 ? 
ATOM   558  C  CE  . MET A 1 66  ? 5.264   -0.039  2.731   1.000 13.568 ? 105 MET AAA CE  1 ? 
ATOM   559  N  N   . ASP A 1 67  ? 3.103   -0.366  -1.620  1.000 10.092 ? 106 ASP AAA N   1 ? 
ATOM   560  C  CA  . ASP A 1 67  ? 2.184   -0.959  -2.595  1.000 11.026 ? 106 ASP AAA CA  1 ? 
ATOM   561  C  C   . ASP A 1 67  ? 1.275   -1.923  -1.867  1.000 10.270 ? 106 ASP AAA C   1 ? 
ATOM   562  O  O   . ASP A 1 67  ? 1.589   -2.370  -0.760  1.000 10.062 ? 106 ASP AAA O   1 ? 
ATOM   563  C  CB  . ASP A 1 67  ? 2.967   -1.637  -3.748  1.000 11.050 ? 106 ASP AAA CB  1 ? 
ATOM   564  C  CG  . ASP A 1 67  ? 3.682   -2.876  -3.223  1.000 10.234 ? 106 ASP AAA CG  1 ? 
ATOM   565  O  OD1 . ASP A 1 67  ? 4.781   -2.651  -2.627  1.000 11.991 ? 106 ASP AAA OD1 1 ? 
ATOM   566  O  OD2 . ASP A 1 67  ? 3.132   -3.963  -3.312  1.000 10.863 ? 106 ASP AAA OD2 1 ? 
ATOM   567  N  N   . MET A 1 68  ? 0.166   -2.335  -2.501  1.000 10.814 ? 107 MET AAA N   1 ? 
ATOM   568  C  CA  . MET A 1 68  ? -0.779  -3.250  -1.894  1.000 10.634 ? 107 MET AAA CA  1 ? 
ATOM   569  C  C   . MET A 1 68  ? -0.295  -4.684  -1.823  1.000 11.169 ? 107 MET AAA C   1 ? 
ATOM   570  O  O   . MET A 1 68  ? -0.800  -5.418  -0.989  1.000 11.963 ? 107 MET AAA O   1 ? 
ATOM   571  C  CB  . MET A 1 68  ? -2.143  -3.230  -2.588  1.000 12.319 ? 107 MET AAA CB  1 ? 
ATOM   572  C  CG  . MET A 1 68  ? -2.854  -1.897  -2.500  1.000 12.287 ? 107 MET AAA CG  1 ? 
ATOM   573  S  SD  . MET A 1 68  ? -4.644  -2.009  -2.714  1.000 13.281 ? 107 MET AAA SD  1 ? 
ATOM   574  C  CE  . MET A 1 68  ? -4.732  -2.632  -4.406  1.000 12.910 ? 107 MET AAA CE  1 ? 
ATOM   575  N  N   . GLY A 1 69  ? 0.634   -5.083  -2.712  1.000 11.468 ? 108 GLY AAA N   1 ? 
ATOM   576  C  CA  . GLY A 1 69  ? 1.243   -6.399  -2.563  1.000 12.925 ? 108 GLY AAA CA  1 ? 
ATOM   577  C  C   . GLY A 1 69  ? 2.027   -6.532  -1.252  1.000 12.121 ? 108 GLY AAA C   1 ? 
ATOM   578  O  O   . GLY A 1 69  ? 1.868   -7.530  -0.502  1.000 12.522 ? 108 GLY AAA O   1 ? 
ATOM   579  N  N   . THR A 1 70  ? 2.799   -5.495  -0.949  1.000 11.295 ? 109 THR AAA N   1 ? 
ATOM   580  C  CA  . THR A 1 70  ? 3.477   -5.420  0.341   1.000 11.119 ? 109 THR AAA CA  1 ? 
ATOM   581  C  C   . THR A 1 70  ? 2.492   -5.394  1.510   1.000 11.069 ? 109 THR AAA C   1 ? 
ATOM   582  O  O   . THR A 1 70  ? 2.661   -6.116  2.487   1.000 11.452 ? 109 THR AAA O   1 ? 
ATOM   583  C  CB  . THR A 1 70  ? 4.405   -4.221  0.353   1.000 11.667 ? 109 THR AAA CB  1 ? 
ATOM   584  O  OG1 . THR A 1 70  ? 5.346   -4.377  -0.716  1.000 12.765 ? 109 THR AAA OG1 1 ? 
ATOM   585  C  CG2 . THR A 1 70  ? 5.139   -4.075  1.675   1.000 12.911 ? 109 THR AAA CG2 1 ? 
ATOM   586  N  N   . ILE A 1 71  ? 1.434   -4.575  1.388   1.000 11.035 ? 110 ILE AAA N   1 ? 
ATOM   587  C  CA  . ILE A 1 71  ? 0.470   -4.483  2.488   1.000 10.935 ? 110 ILE AAA CA  1 ? 
ATOM   588  C  C   . ILE A 1 71  ? -0.223  -5.831  2.698   1.000 10.974 ? 110 ILE AAA C   1 ? 
ATOM   589  O  O   . ILE A 1 71  ? -0.400  -6.275  3.844   1.000 11.929 ? 110 ILE AAA O   1 ? 
ATOM   590  C  CB  . ILE A 1 71  ? -0.560  -3.363  2.181   1.000 10.357 ? 110 ILE AAA CB  1 ? 
ATOM   591  C  CG1 . ILE A 1 71  ? 0.143   -2.015  2.254   1.000 10.217 ? 110 ILE AAA CG1 1 ? 
ATOM   592  C  CG2 . ILE A 1 71  ? -1.704  -3.410  3.211   1.000 11.216 ? 110 ILE AAA CG2 1 ? 
ATOM   593  C  CD1 . ILE A 1 71  ? -0.707  -0.904  1.632   1.000 11.176 ? 110 ILE AAA CD1 1 ? 
ATOM   594  N  N   . LYS A 1 72  ? -0.575  -6.519  1.592   1.000 12.465 ? 111 LYS AAA N   1 ? 
ATOM   595  C  CA  . LYS A 1 72  ? -1.199  -7.823  1.683   1.000 13.230 ? 111 LYS AAA CA  1 ? 
ATOM   596  C  C   . LYS A 1 72  ? -0.311  -8.799  2.442   1.000 15.274 ? 111 LYS AAA C   1 ? 
ATOM   597  O  O   . LYS A 1 72  ? -0.821  -9.506  3.308   1.000 15.412 ? 111 LYS AAA O   1 ? 
ATOM   598  C  CB  . LYS A 1 72  ? -1.566  -8.285  0.282   1.000 15.372 ? 111 LYS AAA CB  1 ? 
ATOM   599  C  CG  . LYS A 1 72  ? -2.283  -9.621  0.229   1.000 17.077 ? 111 LYS AAA CG  1 ? 
ATOM   600  C  CD  . LYS A 1 72  ? -2.638  -10.004 -1.214  1.000 19.482 ? 111 LYS AAA CD  1 ? 
ATOM   601  C  CE  . LYS A 1 72  ? -3.418  -11.313 -1.340  1.000 25.323 ? 111 LYS AAA CE  1 ? 
ATOM   602  N  NZ  . LYS A 1 72  ? -2.508  -12.470 -1.254  1.000 29.032 ? 111 LYS AAA NZ  1 ? 
ATOM   603  N  N   . LYS A 1 73  ? 0.983   -8.821  2.105   1.000 14.085 ? 112 LYS AAA N   1 ? 
ATOM   604  C  CA  . LYS A 1 73  ? 1.916   -9.686  2.815   1.000 15.711 ? 112 LYS AAA CA  1 ? 
ATOM   605  C  C   . LYS A 1 73  ? 1.994   -9.308  4.287   1.000 13.891 ? 112 LYS AAA C   1 ? 
ATOM   606  O  O   . LYS A 1 73  ? 2.055   -10.163 5.174   1.000 14.323 ? 112 LYS AAA O   1 ? 
ATOM   607  C  CB  . LYS A 1 73  ? 3.293   -9.597  2.145   1.000 16.820 ? 112 LYS AAA CB  1 ? 
ATOM   608  C  CG  . LYS A 1 73  ? 3.418   -10.395 0.849   1.000 22.294 ? 112 LYS AAA CG  1 ? 
ATOM   609  C  CD  . LYS A 1 73  ? 4.849   -10.283 0.285   1.000 26.181 ? 112 LYS AAA CD  1 ? 
ATOM   610  C  CE  . LYS A 1 73  ? 5.037   -10.840 -1.112  1.000 32.453 ? 112 LYS AAA CE  1 ? 
ATOM   611  N  NZ  . LYS A 1 73  ? 4.931   -9.769  -2.132  1.000 39.830 ? 112 LYS AAA NZ  1 ? 
ATOM   612  N  N   . ARG A 1 74  ? 2.073   -8.011  4.565   1.000 13.504 ? 113 ARG AAA N   1 ? 
ATOM   613  C  CA  . ARG A 1 74  ? 2.173   -7.536  5.938   1.000 12.975 ? 113 ARG AAA CA  1 ? 
ATOM   614  C  C   . ARG A 1 74  ? 0.951   -7.980  6.734   1.000 13.397 ? 113 ARG AAA C   1 ? 
ATOM   615  O  O   . ARG A 1 74  ? 1.097   -8.404  7.886   1.000 13.930 ? 113 ARG AAA O   1 ? 
ATOM   616  C  CB  . ARG A 1 74  ? 2.398   -6.033  6.010   1.000 11.362 ? 113 ARG AAA CB  1 ? 
ATOM   617  C  CG  . ARG A 1 74  ? 3.803   -5.619  5.602   1.000 11.526 ? 113 ARG AAA CG  1 ? 
ATOM   618  C  CD  . ARG A 1 74  ? 4.010   -4.123  5.718   1.000 11.332 ? 113 ARG AAA CD  1 ? 
ATOM   619  N  NE  . ARG A 1 74  ? 5.402   -3.776  5.488   1.000 11.043 ? 113 ARG AAA NE  1 ? 
ATOM   620  C  CZ  . ARG A 1 74  ? 5.937   -2.596  5.761   1.000 10.878 ? 113 ARG AAA CZ  1 ? 
ATOM   621  N  NH1 . ARG A 1 74  ? 5.215   -1.547  6.133   1.000 13.482 ? 113 ARG AAA NH1 1 ? 
ATOM   622  N  NH2 . ARG A 1 74  ? 7.255   -2.478  5.660   1.000 13.342 ? 113 ARG AAA NH2 1 ? 
ATOM   623  N  N   . LEU A 1 75  ? -0.230  -7.890  6.148   1.000 12.685 ? 114 LEU AAA N   1 ? 
ATOM   624  C  CA  . LEU A 1 75  ? -1.446  -8.310  6.842   1.000 12.957 ? 114 LEU AAA CA  1 ? 
ATOM   625  C  C   . LEU A 1 75  ? -1.525  -9.830  6.973   1.000 13.928 ? 114 LEU AAA C   1 ? 
ATOM   626  O  O   . LEU A 1 75  ? -1.837  -10.327 8.076   1.000 16.710 ? 114 LEU AAA O   1 ? 
ATOM   627  C  CB  . LEU A 1 75  ? -2.680  -7.781  6.096   1.000 11.774 ? 114 LEU AAA CB  1 ? 
ATOM   628  C  CG  . LEU A 1 75  ? -2.902  -6.273  6.249   1.000 11.694 ? 114 LEU AAA CG  1 ? 
ATOM   629  C  CD1 . LEU A 1 75  ? -3.967  -5.814  5.225   1.000 13.194 ? 114 LEU AAA CD1 1 ? 
ATOM   630  C  CD2 . LEU A 1 75  ? -3.395  -5.971  7.683   1.000 12.697 ? 114 LEU AAA CD2 1 ? 
ATOM   631  N  N   . GLU A 1 76  ? -1.209  -10.570 5.907   1.000 14.917 ? 115 GLU AAA N   1 ? 
ATOM   632  C  CA  . GLU A 1 76  ? -1.322  -12.031 5.927   1.000 17.507 ? 115 GLU AAA CA  1 ? 
ATOM   633  C  C   . GLU A 1 76  ? -0.267  -12.644 6.841   1.000 18.064 ? 115 GLU AAA C   1 ? 
ATOM   634  O  O   . GLU A 1 76  ? -0.533  -13.655 7.506   1.000 22.047 ? 115 GLU AAA O   1 ? 
ATOM   635  C  CB  . GLU A 1 76  ? -1.312  -12.627 4.517   1.000 18.622 ? 115 GLU AAA CB  1 ? 
ATOM   636  C  CG  . GLU A 1 76  ? -2.516  -12.184 3.686   1.000 19.418 ? 115 GLU AAA CG  1 ? 
ATOM   637  C  CD  . GLU A 1 76  ? -2.464  -12.679 2.260   1.000 21.768 ? 115 GLU AAA CD  1 ? 
ATOM   638  O  OE1 . GLU A 1 76  ? -1.404  -13.026 1.838   1.000 26.130 ? 115 GLU AAA OE1 1 ? 
ATOM   639  O  OE2 . GLU A 1 76  ? -3.484  -12.641 1.606   1.000 27.823 ? 115 GLU AAA OE2 1 ? 
ATOM   640  N  N   . ASN A 1 77  ? 0.918   -12.022 6.924   1.000 17.704 ? 116 ASN AAA N   1 ? 
ATOM   641  C  CA  . ASN A 1 77  ? 2.012   -12.514 7.757   1.000 19.370 ? 116 ASN AAA CA  1 ? 
ATOM   642  C  C   . ASN A 1 77  ? 2.089   -11.836 9.121   1.000 19.627 ? 116 ASN AAA C   1 ? 
ATOM   643  O  O   . ASN A 1 77  ? 3.160   -11.927 9.737   1.000 25.483 ? 116 ASN AAA O   1 ? 
ATOM   644  C  CB  . ASN A 1 77  ? 3.382   -12.133 7.187   1.000 26.472 ? 116 ASN AAA CB  1 ? 
ATOM   645  C  CG  . ASN A 1 77  ? 3.714   -12.732 5.847   1.000 34.258 ? 116 ASN AAA CG  1 ? 
ATOM   646  O  OD1 . ASN A 1 77  ? 3.011   -13.613 5.348   1.000 37.055 ? 116 ASN AAA OD1 1 ? 
ATOM   647  N  ND2 . ASN A 1 77  ? 4.756   -12.191 5.233   1.000 35.253 ? 116 ASN AAA ND2 1 ? 
ATOM   648  N  N   A ASN A 1 78  ? 1.067   -11.065 9.540   0.500 18.165 ? 117 ASN AAA N   1 ? 
ATOM   649  N  N   B ASN A 1 78  ? 0.964   -11.396 9.679   0.500 18.877 ? 117 ASN AAA N   1 ? 
ATOM   650  C  CA  A ASN A 1 78  ? 0.895   -10.468 10.869  0.500 17.681 ? 117 ASN AAA CA  1 ? 
ATOM   651  C  CA  B ASN A 1 78  ? 0.970   -10.337 10.677  0.500 17.376 ? 117 ASN AAA CA  1 ? 
ATOM   652  C  C   A ASN A 1 78  ? 2.029   -9.515  11.276  0.500 17.126 ? 117 ASN AAA C   1 ? 
ATOM   653  C  C   B ASN A 1 78  ? 2.341   -9.786  11.028  0.500 15.671 ? 117 ASN AAA C   1 ? 
ATOM   654  O  O   A ASN A 1 78  ? 2.408   -9.486  12.453  0.500 21.007 ? 117 ASN AAA O   1 ? 
ATOM   655  O  O   B ASN A 1 78  ? 3.096   -10.167 11.940  0.500 13.868 ? 117 ASN AAA O   1 ? 
ATOM   656  C  CB  A ASN A 1 78  ? 0.593   -11.544 11.925  0.500 19.698 ? 117 ASN AAA CB  1 ? 
ATOM   657  C  CB  B ASN A 1 78  ? -0.094  -10.308 11.757  0.500 20.485 ? 117 ASN AAA CB  1 ? 
ATOM   658  C  CG  A ASN A 1 78  ? -0.699  -12.276 11.632  0.500 20.030 ? 117 ASN AAA CG  1 ? 
ATOM   659  C  CG  B ASN A 1 78  ? -0.117  -8.962  12.466  0.500 20.324 ? 117 ASN AAA CG  1 ? 
ATOM   660  O  OD1 A ASN A 1 78  ? -1.780  -11.686 11.667  0.500 22.785 ? 117 ASN AAA OD1 1 ? 
ATOM   661  O  OD1 B ASN A 1 78  ? -0.428  -7.882  11.908  0.500 17.202 ? 117 ASN AAA OD1 1 ? 
ATOM   662  N  ND2 A ASN A 1 78  ? -0.588  -13.566 11.349  0.500 22.427 ? 117 ASN AAA ND2 1 ? 
ATOM   663  N  ND2 B ASN A 1 78  ? 0.232   -9.017  13.735  0.500 23.930 ? 117 ASN AAA ND2 1 ? 
ATOM   664  N  N   . TYR A 1 79  ? 2.539   -8.700  10.332  1.000 13.811 ? 118 TYR AAA N   1 ? 
ATOM   665  C  CA  . TYR A 1 79  ? 3.693   -7.849  10.506  1.000 13.303 ? 118 TYR AAA CA  1 ? 
ATOM   666  C  C   . TYR A 1 79  ? 3.418   -6.694  11.460  1.000 11.836 ? 118 TYR AAA C   1 ? 
ATOM   667  O  O   . TYR A 1 79  ? 4.343   -6.107  12.010  1.000 11.851 ? 118 TYR AAA O   1 ? 
ATOM   668  C  CB  . TYR A 1 79  ? 4.100   -7.351  9.120   1.000 12.865 ? 118 TYR AAA CB  1 ? 
ATOM   669  C  CG  . TYR A 1 79  ? 5.268   -6.400  9.112   1.000 12.566 ? 118 TYR AAA CG  1 ? 
ATOM   670  C  CD1 . TYR A 1 79  ? 6.569   -6.889  9.197   1.000 12.329 ? 118 TYR AAA CD1 1 ? 
ATOM   671  C  CD2 . TYR A 1 79  ? 5.105   -5.015  8.983   1.000 12.520 ? 118 TYR AAA CD2 1 ? 
ATOM   672  C  CE1 . TYR A 1 79  ? 7.656   -6.035  9.188   1.000 13.230 ? 118 TYR AAA CE1 1 ? 
ATOM   673  C  CE2 . TYR A 1 79  ? 6.176   -4.155  9.003   1.000 13.117 ? 118 TYR AAA CE2 1 ? 
ATOM   674  C  CZ  . TYR A 1 79  ? 7.462   -4.667  9.015   1.000 12.972 ? 118 TYR AAA CZ  1 ? 
ATOM   675  O  OH  . TYR A 1 79  ? 8.489   -3.769  9.028   1.000 15.022 ? 118 TYR AAA OH  1 ? 
ATOM   676  N  N   . TYR A 1 80  ? 2.146   -6.271  11.554  1.000 12.125 ? 119 TYR AAA N   1 ? 
ATOM   677  C  CA  . TYR A 1 80  ? 1.802   -5.012  12.216  1.000 12.295 ? 119 TYR AAA CA  1 ? 
ATOM   678  C  C   . TYR A 1 80  ? 1.550   -5.234  13.701  1.000 13.286 ? 119 TYR AAA C   1 ? 
ATOM   679  O  O   . TYR A 1 80  ? 1.142   -6.333  14.100  1.000 15.208 ? 119 TYR AAA O   1 ? 
ATOM   680  C  CB  . TYR A 1 80  ? 0.542   -4.441  11.555  1.000 12.926 ? 119 TYR AAA CB  1 ? 
ATOM   681  C  CG  . TYR A 1 80  ? 0.708   -4.033  10.117  1.000 11.414 ? 119 TYR AAA CG  1 ? 
ATOM   682  C  CD1 . TYR A 1 80  ? 1.551   -2.996  9.735   1.000 11.296 ? 119 TYR AAA CD1 1 ? 
ATOM   683  C  CD2 . TYR A 1 80  ? -0.043  -4.682  9.141   1.000 11.533 ? 119 TYR AAA CD2 1 ? 
ATOM   684  C  CE1 . TYR A 1 80  ? 1.589   -2.557  8.421   1.000 10.619 ? 119 TYR AAA CE1 1 ? 
ATOM   685  C  CE2 . TYR A 1 80  ? -0.025  -4.273  7.818   1.000 11.349 ? 119 TYR AAA CE2 1 ? 
ATOM   686  C  CZ  . TYR A 1 80  ? 0.795   -3.212  7.477   1.000 10.941 ? 119 TYR AAA CZ  1 ? 
ATOM   687  O  OH  . TYR A 1 80  ? 0.782   -2.798  6.173   1.000 12.307 ? 119 TYR AAA OH  1 ? 
ATOM   688  N  N   . TRP A 1 81  ? 1.754   -4.133  14.449  1.000 12.471 ? 120 TRP AAA N   1 ? 
ATOM   689  C  CA  . TRP A 1 81  ? 1.257   -4.056  15.836  1.000 12.239 ? 120 TRP AAA CA  1 ? 
ATOM   690  C  C   . TRP A 1 81  ? -0.138  -3.422  15.889  1.000 12.429 ? 120 TRP AAA C   1 ? 
ATOM   691  O  O   . TRP A 1 81  ? -0.947  -3.756  16.757  1.000 13.374 ? 120 TRP AAA O   1 ? 
ATOM   692  C  CB  . TRP A 1 81  ? 2.232   -3.228  16.704  1.000 12.921 ? 120 TRP AAA CB  1 ? 
ATOM   693  C  CG  . TRP A 1 81  ? 1.875   -3.220  18.179  1.000 13.893 ? 120 TRP AAA CG  1 ? 
ATOM   694  C  CD1 . TRP A 1 81  ? 1.218   -2.212  18.856  1.000 14.911 ? 120 TRP AAA CD1 1 ? 
ATOM   695  C  CD2 . TRP A 1 81  ? 2.119   -4.276  19.117  1.000 13.041 ? 120 TRP AAA CD2 1 ? 
ATOM   696  N  NE1 . TRP A 1 81  ? 1.058   -2.618  20.160  1.000 15.429 ? 120 TRP AAA NE1 1 ? 
ATOM   697  C  CE2 . TRP A 1 81  ? 1.559   -3.863  20.352  1.000 14.096 ? 120 TRP AAA CE2 1 ? 
ATOM   698  C  CE3 . TRP A 1 81  ? 2.706   -5.547  19.050  1.000 14.393 ? 120 TRP AAA CE3 1 ? 
ATOM   699  C  CZ2 . TRP A 1 81  ? 1.657   -4.645  21.490  1.000 16.161 ? 120 TRP AAA CZ2 1 ? 
ATOM   700  C  CZ3 . TRP A 1 81  ? 2.763   -6.339  20.179  1.000 14.450 ? 120 TRP AAA CZ3 1 ? 
ATOM   701  C  CH2 . TRP A 1 81  ? 2.198   -5.888  21.389  1.000 15.964 ? 120 TRP AAA CH2 1 ? 
ATOM   702  N  N   . ASN A 1 82  ? -0.418  -2.468  14.998  1.000 13.385 ? 121 ASN AAA N   1 ? 
ATOM   703  C  CA  . ASN A 1 82  ? -1.711  -1.798  15.097  1.000 13.174 ? 121 ASN AAA CA  1 ? 
ATOM   704  C  C   . ASN A 1 82  ? -2.211  -1.351  13.729  1.000 13.338 ? 121 ASN AAA C   1 ? 
ATOM   705  O  O   . ASN A 1 82  ? -1.488  -1.396  12.726  1.000 13.510 ? 121 ASN AAA O   1 ? 
ATOM   706  C  CB  . ASN A 1 82  ? -1.665  -0.628  16.082  1.000 13.943 ? 121 ASN AAA CB  1 ? 
ATOM   707  C  CG  . ASN A 1 82  ? -0.714  0.473   15.687  1.000 11.980 ? 121 ASN AAA CG  1 ? 
ATOM   708  O  OD1 . ASN A 1 82  ? -0.564  0.770   14.485  1.000 13.996 ? 121 ASN AAA OD1 1 ? 
ATOM   709  N  ND2 . ASN A 1 82  ? -0.072  1.188   16.585  1.000 13.519 ? 121 ASN AAA ND2 1 ? 
ATOM   710  N  N   . ALA A 1 83  ? -3.459  -0.891  13.694  1.000 12.557 ? 122 ALA AAA N   1 ? 
ATOM   711  C  CA  . ALA A 1 83  ? -4.108  -0.520  12.451  1.000 13.382 ? 122 ALA AAA CA  1 ? 
ATOM   712  C  C   . ALA A 1 83  ? -3.471  0.739   11.893  1.000 12.540 ? 122 ALA AAA C   1 ? 
ATOM   713  O  O   . ALA A 1 83  ? -3.401  0.868   10.659  1.000 12.911 ? 122 ALA AAA O   1 ? 
ATOM   714  C  CB  . ALA A 1 83  ? -5.568  -0.266  12.729  1.000 15.302 ? 122 ALA AAA CB  1 ? 
ATOM   715  N  N   . GLN A 1 84  ? -3.004  1.664   12.720  1.000 11.615 ? 123 GLN AAA N   1 ? 
ATOM   716  C  CA  . GLN A 1 84  ? -2.407  2.896   12.266  1.000 13.275 ? 123 GLN AAA CA  1 ? 
ATOM   717  C  C   . GLN A 1 84  ? -1.215  2.617   11.349  1.000 11.087 ? 123 GLN AAA C   1 ? 
ATOM   718  O  O   . GLN A 1 84  ? -1.034  3.312   10.353  1.000 11.564 ? 123 GLN AAA O   1 ? 
ATOM   719  C  CB  . GLN A 1 84  ? -1.969  3.828   13.394  1.000 15.489 ? 123 GLN AAA CB  1 ? 
ATOM   720  C  CG  . GLN A 1 84  ? -1.538  5.218   12.894  1.000 20.679 ? 123 GLN AAA CG  1 ? 
ATOM   721  C  CD  . GLN A 1 84  ? -2.430  5.765   11.785  0.500 21.802 ? 123 GLN AAA CD  1 ? 
ATOM   722  O  OE1 . GLN A 1 84  ? -2.010  5.987   10.625  0.500 22.899 ? 123 GLN AAA OE1 1 ? 
ATOM   723  N  NE2 . GLN A 1 84  ? -3.714  5.877   12.085  0.500 24.410 ? 123 GLN AAA NE2 1 ? 
ATOM   724  N  N   . GLU A 1 85  ? -0.398  1.616   11.681  1.000 11.222 ? 124 GLU AAA N   1 ? 
ATOM   725  C  CA  . GLU A 1 85  ? 0.756   1.296   10.827  1.000 11.748 ? 124 GLU AAA CA  1 ? 
ATOM   726  C  C   . GLU A 1 85  ? 0.274   0.929   9.412   1.000 11.043 ? 124 GLU AAA C   1 ? 
ATOM   727  O  O   . GLU A 1 85  ? 0.909   1.302   8.409   1.000 11.145 ? 124 GLU AAA O   1 ? 
ATOM   728  C  CB  . GLU A 1 85  ? 1.526   0.100   11.410  1.000 11.794 ? 124 GLU AAA CB  1 ? 
ATOM   729  C  CG  . GLU A 1 85  ? 2.350   0.367   12.685  1.000 12.397 ? 124 GLU AAA CG  1 ? 
ATOM   730  C  CD  . GLU A 1 85  ? 2.954   -0.998  13.052  1.000 14.287 ? 124 GLU AAA CD  1 ? 
ATOM   731  O  OE1 . GLU A 1 85  ? 4.084   -1.302  12.644  1.000 20.059 ? 124 GLU AAA OE1 1 ? 
ATOM   732  O  OE2 . GLU A 1 85  ? 2.257   -1.793  13.559  1.000 19.652 ? 124 GLU AAA OE2 1 ? 
ATOM   733  N  N   . CYS A 1 86  ? -0.776  0.141   9.317   1.000 10.443 ? 125 CYS AAA N   1 ? 
ATOM   734  C  CA  . CYS A 1 86  ? -1.281  -0.327  8.035   1.000 10.802 ? 125 CYS AAA CA  1 ? 
ATOM   735  C  C   . CYS A 1 86  ? -1.974  0.808   7.294   1.000 11.136 ? 125 CYS AAA C   1 ? 
ATOM   736  O  O   . CYS A 1 86  ? -1.757  0.985   6.086   1.000 10.956 ? 125 CYS AAA O   1 ? 
ATOM   737  C  CB  . CYS A 1 86  ? -2.240  -1.482  8.292   1.000 11.548 ? 125 CYS AAA CB  1 ? 
ATOM   738  S  SG  . CYS A 1 86  ? -3.006  -2.101  6.782   1.000 12.603 ? 125 CYS AAA SG  1 ? 
ATOM   739  N  N   . ILE A 1 87  ? -2.800  1.608   7.988   1.000 10.526 ? 126 ILE AAA N   1 ? 
ATOM   740  C  CA  . ILE A 1 87  ? -3.414  2.766   7.341   1.000 11.278 ? 126 ILE AAA CA  1 ? 
ATOM   741  C  C   . ILE A 1 87  ? -2.336  3.700   6.803   1.000 11.186 ? 126 ILE AAA C   1 ? 
ATOM   742  O  O   . ILE A 1 87  ? -2.457  4.255   5.697   1.000 11.529 ? 126 ILE AAA O   1 ? 
ATOM   743  C  CB  . ILE A 1 87  ? -4.336  3.468   8.356   1.000 11.795 ? 126 ILE AAA CB  1 ? 
ATOM   744  C  CG1 . ILE A 1 87  ? -5.524  2.560   8.635   1.000 12.887 ? 126 ILE AAA CG1 1 ? 
ATOM   745  C  CG2 . ILE A 1 87  ? -4.769  4.858   7.870   1.000 12.340 ? 126 ILE AAA CG2 1 ? 
ATOM   746  C  CD1 . ILE A 1 87  ? -6.293  2.973   9.919   1.000 14.851 ? 126 ILE AAA CD1 1 ? 
ATOM   747  N  N   . GLN A 1 88  ? -1.243  3.879   7.539   1.000 11.381 ? 127 GLN AAA N   1 ? 
ATOM   748  C  CA  . GLN A 1 88  ? -0.142  4.719   7.075   1.000 12.418 ? 127 GLN AAA CA  1 ? 
ATOM   749  C  C   . GLN A 1 88  ? 0.457   4.147   5.789   1.000 11.275 ? 127 GLN AAA C   1 ? 
ATOM   750  O  O   . GLN A 1 88  ? 0.759   4.901   4.880   1.000 11.709 ? 127 GLN AAA O   1 ? 
ATOM   751  C  CB  . GLN A 1 88  ? 0.980   4.845   8.116   1.000 13.332 ? 127 GLN AAA CB  1 ? 
ATOM   752  C  CG  . GLN A 1 88  ? 2.133   5.747   7.639   1.000 19.074 ? 127 GLN AAA CG  1 ? 
ATOM   753  C  CD  . GLN A 1 88  ? 1.637   7.093   7.146   1.000 26.266 ? 127 GLN AAA CD  1 ? 
ATOM   754  O  OE1 . GLN A 1 88  ? 1.630   7.429   5.941   1.000 29.492 ? 127 GLN AAA OE1 1 ? 
ATOM   755  N  NE2 . GLN A 1 88  ? 1.151   7.876   8.091   1.000 26.741 ? 127 GLN AAA NE2 1 ? 
ATOM   756  N  N   . ASP A 1 89  ? 0.561   2.811   5.662   1.000 10.385 ? 128 ASP AAA N   1 ? 
ATOM   757  C  CA  . ASP A 1 89  ? 1.083   2.215   4.418   1.000 10.800 ? 128 ASP AAA CA  1 ? 
ATOM   758  C  C   . ASP A 1 89  ? 0.161   2.536   3.244   1.000 10.364 ? 128 ASP AAA C   1 ? 
ATOM   759  O  O   . ASP A 1 89  ? 0.636   2.927   2.184   1.000 10.453 ? 128 ASP AAA O   1 ? 
ATOM   760  C  CB  . ASP A 1 89  ? 1.243   0.702   4.565   1.000 10.578 ? 128 ASP AAA CB  1 ? 
ATOM   761  C  CG  . ASP A 1 89  ? 2.468   0.302   5.419   1.000 11.135 ? 128 ASP AAA CG  1 ? 
ATOM   762  O  OD1 . ASP A 1 89  ? 3.350   1.175   5.652   1.000 12.593 ? 128 ASP AAA OD1 1 ? 
ATOM   763  O  OD2 . ASP A 1 89  ? 2.475   -0.862  5.848   1.000 12.208 ? 128 ASP AAA OD2 1 ? 
ATOM   764  N  N   . PHE A 1 90  ? -1.153  2.423   3.427   1.000 10.110 ? 129 PHE AAA N   1 ? 
ATOM   765  C  CA  . PHE A 1 90  ? -2.069  2.808   2.346   1.000 9.788  ? 129 PHE AAA CA  1 ? 
ATOM   766  C  C   . PHE A 1 90  ? -1.874  4.271   1.976   1.000 10.260 ? 129 PHE AAA C   1 ? 
ATOM   767  O  O   . PHE A 1 90  ? -1.784  4.622   0.787   1.000 10.620 ? 129 PHE AAA O   1 ? 
ATOM   768  C  CB  . PHE A 1 90  ? -3.518  2.552   2.723   1.000 11.073 ? 129 PHE AAA CB  1 ? 
ATOM   769  C  CG  . PHE A 1 90  ? -3.985  1.134   2.528   1.000 10.018 ? 129 PHE AAA CG  1 ? 
ATOM   770  C  CD1 . PHE A 1 90  ? -4.352  0.621   1.281   1.000 11.747 ? 129 PHE AAA CD1 1 ? 
ATOM   771  C  CD2 . PHE A 1 90  ? -4.064  0.267   3.621   1.000 11.269 ? 129 PHE AAA CD2 1 ? 
ATOM   772  C  CE1 . PHE A 1 90  ? -4.813  -0.673  1.119   1.000 12.275 ? 129 PHE AAA CE1 1 ? 
ATOM   773  C  CE2 . PHE A 1 90  ? -4.520  -1.048  3.461   1.000 11.515 ? 129 PHE AAA CE2 1 ? 
ATOM   774  C  CZ  . PHE A 1 90  ? -4.894  -1.520  2.209   1.000 13.010 ? 129 PHE AAA CZ  1 ? 
ATOM   775  N  N   . ASN A 1 91  ? -1.813  5.158   2.969   1.000 10.795 ? 130 ASN AAA N   1 ? 
ATOM   776  C  CA  . ASN A 1 91  ? -1.686  6.581   2.692   1.000 12.508 ? 130 ASN AAA CA  1 ? 
ATOM   777  C  C   . ASN A 1 91  ? -0.374  6.862   1.974   1.000 12.321 ? 130 ASN AAA C   1 ? 
ATOM   778  O  O   . ASN A 1 91  ? -0.330  7.727   1.099   1.000 12.699 ? 130 ASN AAA O   1 ? 
ATOM   779  C  CB  . ASN A 1 91  ? -1.919  7.431   3.936   1.000 14.145 ? 130 ASN AAA CB  1 ? 
ATOM   780  C  CG  . ASN A 1 91  ? -3.407  7.427   4.265   1.000 17.606 ? 130 ASN AAA CG  1 ? 
ATOM   781  O  OD1 . ASN A 1 91  ? -4.251  7.460   3.364   1.000 25.824 ? 130 ASN AAA OD1 1 ? 
ATOM   782  N  ND2 . ASN A 1 91  ? -3.755  7.313   5.515   1.000 21.964 ? 130 ASN AAA ND2 1 ? 
ATOM   783  N  N   . THR A 1 92  ? 0.685   6.167   2.360   1.000 11.544 ? 131 THR AAA N   1 ? 
ATOM   784  C  CA  . THR A 1 92  ? 1.980   6.376   1.700   1.000 12.222 ? 131 THR AAA CA  1 ? 
ATOM   785  C  C   . THR A 1 92  ? 1.849   5.992   0.219   1.000 10.546 ? 131 THR AAA C   1 ? 
ATOM   786  O  O   . THR A 1 92  ? 2.373   6.701   -0.659  1.000 11.154 ? 131 THR AAA O   1 ? 
ATOM   787  C  CB  . THR A 1 92  ? 3.057   5.516   2.373   1.000 12.004 ? 131 THR AAA CB  1 ? 
ATOM   788  O  OG1 . THR A 1 92  ? 3.240   6.030   3.695   1.000 14.059 ? 131 THR AAA OG1 1 ? 
ATOM   789  C  CG2 . THR A 1 92  ? 4.369   5.475   1.593   1.000 12.918 ? 131 THR AAA CG2 1 ? 
ATOM   790  N  N   . MET A 1 93  ? 1.211   4.846   -0.073  1.000 9.900  ? 132 MET AAA N   1 ? 
ATOM   791  C  CA  . MET A 1 93  ? 1.051   4.399   -1.453  1.000 10.686 ? 132 MET AAA CA  1 ? 
ATOM   792  C  C   . MET A 1 93  ? 0.305   5.463   -2.248  1.000 10.958 ? 132 MET AAA C   1 ? 
ATOM   793  O  O   . MET A 1 93  ? 0.731   5.819   -3.345  1.000 10.748 ? 132 MET AAA O   1 ? 
ATOM   794  C  CB  . MET A 1 93  ? 0.244   3.114   -1.451  1.000 10.118 ? 132 MET AAA CB  1 ? 
ATOM   795  C  CG  . MET A 1 93  ? -0.072  2.531   -2.828  1.000 11.293 ? 132 MET AAA CG  1 ? 
ATOM   796  S  SD  . MET A 1 93  ? -1.031  1.076   -2.785  1.000 11.448 ? 132 MET AAA SD  1 ? 
ATOM   797  C  CE  . MET A 1 93  ? -2.659  1.783   -2.557  1.000 13.901 ? 132 MET AAA CE  1 ? 
ATOM   798  N  N   . PHE A 1 94  ? -0.800  5.996   -1.709  1.000 10.385 ? 133 PHE AAA N   1 ? 
ATOM   799  C  CA  . PHE A 1 94  ? -1.550  7.000   -2.472  1.000 10.880 ? 133 PHE AAA CA  1 ? 
ATOM   800  C  C   . PHE A 1 94  ? -0.689  8.241   -2.674  1.000 11.386 ? 133 PHE AAA C   1 ? 
ATOM   801  O  O   . PHE A 1 94  ? -0.632  8.791   -3.802  1.000 11.673 ? 133 PHE AAA O   1 ? 
ATOM   802  C  CB  . PHE A 1 94  ? -2.870  7.359   -1.777  1.000 11.305 ? 133 PHE AAA CB  1 ? 
ATOM   803  C  CG  . PHE A 1 94  ? -3.839  6.217   -1.686  1.000 11.074 ? 133 PHE AAA CG  1 ? 
ATOM   804  C  CD1 . PHE A 1 94  ? -4.161  5.476   -2.809  1.000 12.853 ? 133 PHE AAA CD1 1 ? 
ATOM   805  C  CD2 . PHE A 1 94  ? -4.438  5.856   -0.477  1.000 11.929 ? 133 PHE AAA CD2 1 ? 
ATOM   806  C  CE1 . PHE A 1 94  ? -5.065  4.419   -2.749  1.000 15.611 ? 133 PHE AAA CE1 1 ? 
ATOM   807  C  CE2 . PHE A 1 94  ? -5.306  4.774   -0.423  1.000 13.352 ? 133 PHE AAA CE2 1 ? 
ATOM   808  C  CZ  . PHE A 1 94  ? -5.636  4.074   -1.558  1.000 14.498 ? 133 PHE AAA CZ  1 ? 
ATOM   809  N  N   . THR A 1 95  ? -0.067  8.753   -1.598  1.000 12.133 ? 134 THR AAA N   1 ? 
ATOM   810  C  CA  A THR A 1 95  ? 0.693   9.982   -1.707  0.500 13.352 ? 134 THR AAA CA  1 ? 
ATOM   811  C  CA  B THR A 1 95  ? 0.778   9.943   -1.621  0.500 12.008 ? 134 THR AAA CA  1 ? 
ATOM   812  C  C   . THR A 1 95  ? 1.878   9.799   -2.664  1.000 13.038 ? 134 THR AAA C   1 ? 
ATOM   813  O  O   . THR A 1 95  ? 2.166   10.711  -3.431  1.000 13.288 ? 134 THR AAA O   1 ? 
ATOM   814  C  CB  A THR A 1 95  ? 0.948   10.605  -0.329  0.500 14.828 ? 134 THR AAA CB  1 ? 
ATOM   815  C  CB  B THR A 1 95  ? 1.465   10.258  -0.278  0.500 11.603 ? 134 THR AAA CB  1 ? 
ATOM   816  O  OG1 A THR A 1 95  ? 1.664   9.566   0.320   0.500 19.701 ? 134 THR AAA OG1 1 ? 
ATOM   817  O  OG1 B THR A 1 95  ? 0.376   10.495  0.602   0.500 12.607 ? 134 THR AAA OG1 1 ? 
ATOM   818  C  CG2 A THR A 1 95  ? -0.327  10.902  0.435   0.500 15.331 ? 134 THR AAA CG2 1 ? 
ATOM   819  C  CG2 B THR A 1 95  ? 2.309   11.511  -0.317  0.500 12.394 ? 134 THR AAA CG2 1 ? 
ATOM   820  N  N   . ASN A 1 96  ? 2.543   8.658   -2.697  1.000 11.325 ? 135 ASN AAA N   1 ? 
ATOM   821  C  CA  . ASN A 1 96  ? 3.604   8.468   -3.663  1.000 12.015 ? 135 ASN AAA CA  1 ? 
ATOM   822  C  C   . ASN A 1 96  ? 3.095   8.703   -5.083  1.000 12.027 ? 135 ASN AAA C   1 ? 
ATOM   823  O  O   . ASN A 1 96  ? 3.776   9.319   -5.908  1.000 11.821 ? 135 ASN AAA O   1 ? 
ATOM   824  C  CB  . ASN A 1 96  ? 4.153   7.055   -3.570  1.000 13.841 ? 135 ASN AAA CB  1 ? 
ATOM   825  C  CG  . ASN A 1 96  ? 4.949   6.721   -2.315  1.000 13.622 ? 135 ASN AAA CG  1 ? 
ATOM   826  O  OD1 . ASN A 1 96  ? 5.365   7.641   -1.620  1.000 15.434 ? 135 ASN AAA OD1 1 ? 
ATOM   827  N  ND2 . ASN A 1 96  ? 5.143   5.438   -2.156  1.000 17.317 ? 135 ASN AAA ND2 1 ? 
ATOM   828  N  N   . CYS A 1 97  ? 1.929   8.136   -5.391  1.000 10.846 ? 136 CYS AAA N   1 ? 
ATOM   829  C  CA  . CYS A 1 97  ? 1.356   8.265   -6.719  1.000 11.409 ? 136 CYS AAA CA  1 ? 
ATOM   830  C  C   . CYS A 1 97  ? 1.096   9.739   -7.056  1.000 11.499 ? 136 CYS AAA C   1 ? 
ATOM   831  O  O   . CYS A 1 97  ? 1.410   10.182  -8.152  1.000 11.314 ? 136 CYS AAA O   1 ? 
ATOM   832  C  CB  . CYS A 1 97  ? 0.098   7.420   -6.777  1.000 11.249 ? 136 CYS AAA CB  1 ? 
ATOM   833  S  SG  . CYS A 1 97  ? -0.680  7.383   -8.405  1.000 13.926 ? 136 CYS AAA SG  1 ? 
ATOM   834  N  N   . TYR A 1 98  ? 0.529   10.464  -6.093  1.000 10.934 ? 137 TYR AAA N   1 ? 
ATOM   835  C  CA  . TYR A 1 98  ? 0.167   11.843  -6.316  1.000 13.086 ? 137 TYR AAA CA  1 ? 
ATOM   836  C  C   . TYR A 1 98  ? 1.399   12.729  -6.397  1.000 14.083 ? 137 TYR AAA C   1 ? 
ATOM   837  O  O   . TYR A 1 98  ? 1.358   13.736  -7.114  1.000 14.571 ? 137 TYR AAA O   1 ? 
ATOM   838  C  CB  . TYR A 1 98  ? -0.759  12.367  -5.214  1.000 12.767 ? 137 TYR AAA CB  1 ? 
ATOM   839  C  CG  . TYR A 1 98  ? -1.984  11.514  -5.036  1.000 12.370 ? 137 TYR AAA CG  1 ? 
ATOM   840  C  CD1 . TYR A 1 98  ? -2.591  10.851  -6.085  1.000 12.336 ? 137 TYR AAA CD1 1 ? 
ATOM   841  C  CD2 . TYR A 1 98  ? -2.577  11.394  -3.793  1.000 12.306 ? 137 TYR AAA CD2 1 ? 
ATOM   842  C  CE1 . TYR A 1 98  ? -3.733  10.066  -5.938  1.000 12.599 ? 137 TYR AAA CE1 1 ? 
ATOM   843  C  CE2 . TYR A 1 98  ? -3.748  10.658  -3.639  1.000 12.307 ? 137 TYR AAA CE2 1 ? 
ATOM   844  C  CZ  . TYR A 1 98  ? -4.318  9.976   -4.696  1.000 12.368 ? 137 TYR AAA CZ  1 ? 
ATOM   845  O  OH  . TYR A 1 98  ? -5.446  9.197   -4.579  1.000 15.438 ? 137 TYR AAA OH  1 ? 
ATOM   846  N  N   . ILE A 1 99  ? 2.492   12.365  -5.735  1.000 13.126 ? 138 ILE AAA N   1 ? 
ATOM   847  C  CA  . ILE A 1 99  ? 3.701   13.178  -5.817  1.000 13.392 ? 138 ILE AAA CA  1 ? 
ATOM   848  C  C   . ILE A 1 99  ? 4.420   12.938  -7.135  1.000 13.727 ? 138 ILE AAA C   1 ? 
ATOM   849  O  O   . ILE A 1 99  ? 4.908   13.909  -7.737  1.000 16.047 ? 138 ILE AAA O   1 ? 
ATOM   850  C  CB  . ILE A 1 99  ? 4.616   12.832  -4.623  1.000 16.384 ? 138 ILE AAA CB  1 ? 
ATOM   851  C  CG1 . ILE A 1 99  ? 4.023   13.463  -3.359  1.000 19.118 ? 138 ILE AAA CG1 1 ? 
ATOM   852  C  CG2 . ILE A 1 99  ? 6.052   13.284  -4.867  1.000 17.849 ? 138 ILE AAA CG2 1 ? 
ATOM   853  C  CD1 . ILE A 1 99  ? 4.720   13.119  -2.103  1.000 23.966 ? 138 ILE AAA CD1 1 ? 
ATOM   854  N  N   . TYR A 1 100 ? 4.488   11.689  -7.600  1.000 13.464 ? 139 TYR AAA N   1 ? 
ATOM   855  C  CA  . TYR A 1 100 ? 5.304   11.371  -8.756  1.000 13.014 ? 139 TYR AAA CA  1 ? 
ATOM   856  C  C   . TYR A 1 100 ? 4.600   11.758  -10.050 1.000 14.250 ? 139 TYR AAA C   1 ? 
ATOM   857  O  O   . TYR A 1 100 ? 5.273   12.167  -11.006 1.000 14.491 ? 139 TYR AAA O   1 ? 
ATOM   858  C  CB  . TYR A 1 100 ? 5.683   9.882   -8.796  1.000 13.021 ? 139 TYR AAA CB  1 ? 
ATOM   859  C  CG  . TYR A 1 100 ? 6.602   9.555   -9.942  1.000 12.170 ? 139 TYR AAA CG  1 ? 
ATOM   860  C  CD1 . TYR A 1 100 ? 7.950   9.894   -9.867  1.000 13.413 ? 139 TYR AAA CD1 1 ? 
ATOM   861  C  CD2 . TYR A 1 100 ? 6.129   8.959   -11.092 1.000 13.442 ? 139 TYR AAA CD2 1 ? 
ATOM   862  C  CE1 . TYR A 1 100 ? 8.787   9.683   -10.932 1.000 14.314 ? 139 TYR AAA CE1 1 ? 
ATOM   863  C  CE2 . TYR A 1 100 ? 6.972   8.707   -12.162 1.000 13.786 ? 139 TYR AAA CE2 1 ? 
ATOM   864  C  CZ  . TYR A 1 100 ? 8.311   9.073   -12.072 1.000 13.824 ? 139 TYR AAA CZ  1 ? 
ATOM   865  O  OH  . TYR A 1 100 ? 9.172   8.879   -13.148 1.000 15.753 ? 139 TYR AAA OH  1 ? 
ATOM   866  N  N   . ASN A 1 101 ? 3.272   11.618  -10.112 1.000 13.527 ? 140 ASN AAA N   1 ? 
ATOM   867  C  CA  . ASN A 1 101 ? 2.533   11.724  -11.362 1.000 13.400 ? 140 ASN AAA CA  1 ? 
ATOM   868  C  C   . ASN A 1 101 ? 1.816   13.058  -11.459 1.000 15.658 ? 140 ASN AAA C   1 ? 
ATOM   869  O  O   . ASN A 1 101 ? 1.477   13.701  -10.459 1.000 18.366 ? 140 ASN AAA O   1 ? 
ATOM   870  C  CB  . ASN A 1 101 ? 1.577   10.553  -11.534 1.000 13.690 ? 140 ASN AAA CB  1 ? 
ATOM   871  C  CG  . ASN A 1 101 ? 2.311   9.248   -11.536 1.000 13.078 ? 140 ASN AAA CG  1 ? 
ATOM   872  O  OD1 . ASN A 1 101 ? 2.843   8.864   -12.579 1.000 15.177 ? 140 ASN AAA OD1 1 ? 
ATOM   873  N  ND2 . ASN A 1 101 ? 2.306   8.540   -10.429 1.000 13.896 ? 140 ASN AAA ND2 1 ? 
ATOM   874  N  N   . LYS A 1 102 ? 1.520   13.486  -12.678 1.000 16.962 ? 141 LYS AAA N   1 ? 
ATOM   875  C  CA  . LYS A 1 102 ? 0.761   14.711  -12.910 1.000 17.524 ? 141 LYS AAA CA  1 ? 
ATOM   876  C  C   . LYS A 1 102 ? -0.706  14.509  -12.542 1.000 15.963 ? 141 LYS AAA C   1 ? 
ATOM   877  O  O   . LYS A 1 102 ? -1.325  13.464  -12.806 1.000 15.792 ? 141 LYS AAA O   1 ? 
ATOM   878  C  CB  . LYS A 1 102 ? 0.830   15.081  -14.395 1.000 18.969 ? 141 LYS AAA CB  1 ? 
ATOM   879  C  CG  . LYS A 1 102 ? 2.207   15.487  -14.912 1.000 27.381 ? 141 LYS AAA CG  1 ? 
ATOM   880  C  CD  . LYS A 1 102 ? 2.108   16.042  -16.325 0.500 28.483 ? 141 LYS AAA CD  1 ? 
ATOM   881  C  CE  . LYS A 1 102 ? 3.350   16.780  -16.770 0.500 33.121 ? 141 LYS AAA CE  1 ? 
ATOM   882  N  NZ  . LYS A 1 102 ? 4.234   15.891  -17.554 1.000 39.497 ? 141 LYS AAA NZ  1 ? 
ATOM   883  N  N   . PRO A 1 103 ? -1.378  15.539  -11.979 1.000 16.133 ? 142 PRO AAA N   1 ? 
ATOM   884  C  CA  . PRO A 1 103 ? -2.790  15.427  -11.622 1.000 17.245 ? 142 PRO AAA CA  1 ? 
ATOM   885  C  C   . PRO A 1 103 ? -3.709  14.967  -12.753 1.000 19.391 ? 142 PRO AAA C   1 ? 
ATOM   886  O  O   . PRO A 1 103 ? -4.644  14.202  -12.507 1.000 23.493 ? 142 PRO AAA O   1 ? 
ATOM   887  C  CB  . PRO A 1 103 ? -3.140  16.817  -11.019 1.000 20.023 ? 142 PRO AAA CB  1 ? 
ATOM   888  C  CG  . PRO A 1 103 ? -2.013  17.701  -11.475 1.000 22.651 ? 142 PRO AAA CG  1 ? 
ATOM   889  C  CD  . PRO A 1 103 ? -0.787  16.806  -11.497 1.000 16.292 ? 142 PRO AAA CD  1 ? 
ATOM   890  N  N   . GLY A 1 104 ? -3.444  15.290  -14.008 1.000 20.290 ? 143 GLY AAA N   1 ? 
ATOM   891  C  CA  . GLY A 1 104 ? -4.361  14.607  -14.961 1.000 26.484 ? 143 GLY AAA CA  1 ? 
ATOM   892  C  C   . GLY A 1 104 ? -4.414  13.051  -15.063 1.000 23.836 ? 143 GLY AAA C   1 ? 
ATOM   893  O  O   . GLY A 1 104 ? -5.372  12.428  -15.601 1.000 23.462 ? 143 GLY AAA O   1 ? 
ATOM   894  N  N   . ASP A 1 105 ? -3.338  12.401  -14.631 1.000 18.669 ? 144 ASP AAA N   1 ? 
ATOM   895  C  CA  . ASP A 1 105 ? -2.864  11.212  -15.297 1.000 18.444 ? 144 ASP AAA CA  1 ? 
ATOM   896  C  C   . ASP A 1 105 ? -3.727  10.000  -14.948 1.000 14.494 ? 144 ASP AAA C   1 ? 
ATOM   897  O  O   . ASP A 1 105 ? -4.318  9.892   -13.874 1.000 13.806 ? 144 ASP AAA O   1 ? 
ATOM   898  C  CB  . ASP A 1 105 ? -1.423  10.873  -14.906 1.000 18.684 ? 144 ASP AAA CB  1 ? 
ATOM   899  C  CG  . ASP A 1 105 ? -0.349  11.745  -15.520 1.000 23.115 ? 144 ASP AAA CG  1 ? 
ATOM   900  O  OD1 . ASP A 1 105 ? -0.703  12.574  -16.394 1.000 25.789 ? 144 ASP AAA OD1 1 ? 
ATOM   901  O  OD2 . ASP A 1 105 ? 0.820   11.587  -15.108 1.000 25.469 ? 144 ASP AAA OD2 1 ? 
ATOM   902  N  N   . ASP A 1 106 ? -3.777  9.016   -15.837 1.000 13.565 ? 145 ASP AAA N   1 ? 
ATOM   903  C  CA  . ASP A 1 106 ? -4.564  7.827   -15.599 1.000 13.306 ? 145 ASP AAA CA  1 ? 
ATOM   904  C  C   . ASP A 1 106 ? -4.236  7.183   -14.253 1.000 13.033 ? 145 ASP AAA C   1 ? 
ATOM   905  O  O   . ASP A 1 106 ? -5.144  6.804   -13.513 1.000 12.493 ? 145 ASP AAA O   1 ? 
ATOM   906  C  CB  . ASP A 1 106 ? -4.364  6.769   -16.689 1.000 13.542 ? 145 ASP AAA CB  1 ? 
ATOM   907  C  CG  . ASP A 1 106 ? -5.130  7.082   -17.971 1.000 16.298 ? 145 ASP AAA CG  1 ? 
ATOM   908  O  OD1 . ASP A 1 106 ? -6.011  7.917   -17.949 1.000 15.593 ? 145 ASP AAA OD1 1 ? 
ATOM   909  O  OD2 . ASP A 1 106 ? -4.782  6.438   -18.992 1.000 17.427 ? 145 ASP AAA OD2 1 ? 
ATOM   910  N  N   . ILE A 1 107 ? -2.947  7.039   -13.933 1.000 12.260 ? 146 ILE AAA N   1 ? 
ATOM   911  C  CA  . ILE A 1 107 ? -2.592  6.331   -12.699 1.000 12.254 ? 146 ILE AAA CA  1 ? 
ATOM   912  C  C   . ILE A 1 107 ? -3.156  7.100   -11.484 1.000 11.784 ? 146 ILE AAA C   1 ? 
ATOM   913  O  O   . ILE A 1 107 ? -3.519  6.520   -10.468 1.000 11.302 ? 146 ILE AAA O   1 ? 
ATOM   914  C  CB  . ILE A 1 107 ? -1.075  6.100   -12.660 1.000 14.007 ? 146 ILE AAA CB  1 ? 
ATOM   915  C  CG1 . ILE A 1 107 ? -0.724  5.138   -11.533 1.000 15.812 ? 146 ILE AAA CG1 1 ? 
ATOM   916  C  CG2 . ILE A 1 107 ? -0.250  7.373   -12.528 1.000 13.703 ? 146 ILE AAA CG2 1 ? 
ATOM   917  C  CD1 . ILE A 1 107 ? -1.156  3.746   -11.769 1.000 19.245 ? 146 ILE AAA CD1 1 ? 
ATOM   918  N  N   . VAL A 1 108 ? -3.159  8.428   -11.581 1.000 11.637 ? 147 VAL AAA N   1 ? 
ATOM   919  C  CA  . VAL A 1 108 ? -3.695  9.260   -10.510 1.000 11.853 ? 147 VAL AAA CA  1 ? 
ATOM   920  C  C   . VAL A 1 108 ? -5.190  9.029   -10.359 1.000 12.229 ? 147 VAL AAA C   1 ? 
ATOM   921  O  O   . VAL A 1 108 ? -5.714  8.916   -9.242  1.000 12.345 ? 147 VAL AAA O   1 ? 
ATOM   922  C  CB  . VAL A 1 108 ? -3.336  10.741  -10.712 1.000 12.513 ? 147 VAL AAA CB  1 ? 
ATOM   923  C  CG1 . VAL A 1 108 ? -4.024  11.638  -9.694  1.000 12.608 ? 147 VAL AAA CG1 1 ? 
ATOM   924  C  CG2 . VAL A 1 108 ? -1.832  10.939  -10.608 1.000 12.846 ? 147 VAL AAA CG2 1 ? 
ATOM   925  N  N   . LEU A 1 109 ? -5.929  9.028   -11.485 1.000 12.064 ? 148 LEU AAA N   1 ? 
ATOM   926  C  CA  . LEU A 1 109 ? -7.373  8.789   -11.403 1.000 12.303 ? 148 LEU AAA CA  1 ? 
ATOM   927  C  C   . LEU A 1 109 ? -7.641  7.401   -10.815 1.000 11.891 ? 148 LEU AAA C   1 ? 
ATOM   928  O  O   . LEU A 1 109 ? -8.581  7.206   -10.060 1.000 12.244 ? 148 LEU AAA O   1 ? 
ATOM   929  C  CB  . LEU A 1 109 ? -7.955  8.852   -12.824 1.000 13.743 ? 148 LEU AAA CB  1 ? 
ATOM   930  C  CG  . LEU A 1 109 ? -7.875  10.231  -13.486 1.000 16.147 ? 148 LEU AAA CG  1 ? 
ATOM   931  C  CD1 . LEU A 1 109 ? -8.323  10.096  -14.930 1.000 18.669 ? 148 LEU AAA CD1 1 ? 
ATOM   932  C  CD2 . LEU A 1 109 ? -8.746  11.228  -12.726 1.000 20.993 ? 148 LEU AAA CD2 1 ? 
ATOM   933  N  N   . MET A 1 110 ? -6.764  6.432   -11.112 1.000 11.605 ? 149 MET AAA N   1 ? 
ATOM   934  C  CA  . MET A 1 110 ? -6.931  5.089   -10.572 1.000 11.749 ? 149 MET AAA CA  1 ? 
ATOM   935  C  C   . MET A 1 110 ? -6.709  5.068   -9.056  1.000 10.534 ? 149 MET AAA C   1 ? 
ATOM   936  O  O   . MET A 1 110 ? -7.538  4.522   -8.304  1.000 11.124 ? 149 MET AAA O   1 ? 
ATOM   937  C  CB  . MET A 1 110 ? -5.967  4.142   -11.274 1.000 12.201 ? 149 MET AAA CB  1 ? 
ATOM   938  C  CG  . MET A 1 110 ? -6.334  3.985   -12.755 1.000 12.716 ? 149 MET AAA CG  1 ? 
ATOM   939  S  SD  . MET A 1 110 ? -5.050  3.169   -13.744 1.000 14.232 ? 149 MET AAA SD  1 ? 
ATOM   940  C  CE  . MET A 1 110 ? -5.568  1.500   -13.468 1.000 14.957 ? 149 MET AAA CE  1 ? 
ATOM   941  N  N   . ALA A 1 111 ? -5.629  5.719   -8.621  1.000 10.447 ? 150 ALA AAA N   1 ? 
ATOM   942  C  CA  . ALA A 1 111 ? -5.346  5.849   -7.193  1.000 10.268 ? 150 ALA AAA CA  1 ? 
ATOM   943  C  C   . ALA A 1 111 ? -6.489  6.567   -6.492  1.000 11.621 ? 150 ALA AAA C   1 ? 
ATOM   944  O  O   . ALA A 1 111 ? -6.892  6.168   -5.410  1.000 11.791 ? 150 ALA AAA O   1 ? 
ATOM   945  C  CB  . ALA A 1 111 ? -4.030  6.572   -6.963  1.000 11.199 ? 150 ALA AAA CB  1 ? 
ATOM   946  N  N   . GLU A 1 112 ? -6.996  7.636   -7.076  1.000 11.662 ? 151 GLU AAA N   1 ? 
ATOM   947  C  CA  . GLU A 1 112 ? -8.078  8.368   -6.441  1.000 12.236 ? 151 GLU AAA CA  1 ? 
ATOM   948  C  C   . GLU A 1 112 ? -9.343  7.528   -6.291  1.000 11.831 ? 151 GLU AAA C   1 ? 
ATOM   949  O  O   . GLU A 1 112 ? -10.020 7.667   -5.275  1.000 13.106 ? 151 GLU AAA O   1 ? 
ATOM   950  C  CB  . GLU A 1 112 ? -8.415  9.599   -7.268  1.000 13.212 ? 151 GLU AAA CB  1 ? 
ATOM   951  C  CG  . GLU A 1 112 ? -7.374  10.689  -7.084  1.000 15.538 ? 151 GLU AAA CG  1 ? 
ATOM   952  C  CD  . GLU A 1 112 ? -7.488  11.946  -7.924  1.000 19.121 ? 151 GLU AAA CD  1 ? 
ATOM   953  O  OE1 . GLU A 1 112 ? -8.171  11.891  -8.941  1.000 23.370 ? 151 GLU AAA OE1 1 ? 
ATOM   954  O  OE2 . GLU A 1 112 ? -6.872  12.967  -7.523  1.000 24.334 ? 151 GLU AAA OE2 1 ? 
ATOM   955  N  N   . ALA A 1 113 ? -9.669  6.637   -7.243  1.000 12.028 ? 152 ALA AAA N   1 ? 
ATOM   956  C  CA  . ALA A 1 113 ? -10.804 5.760   -7.077  1.000 13.027 ? 152 ALA AAA CA  1 ? 
ATOM   957  C  C   . ALA A 1 113 ? -10.583 4.799   -5.909  1.000 12.764 ? 152 ALA AAA C   1 ? 
ATOM   958  O  O   . ALA A 1 113 ? -11.502 4.520   -5.110  1.000 12.749 ? 152 ALA AAA O   1 ? 
ATOM   959  C  CB  . ALA A 1 113 ? -11.117 5.019   -8.363  1.000 13.623 ? 152 ALA AAA CB  1 ? 
ATOM   960  N  N   . LEU A 1 114 ? -9.389  4.192   -5.845  1.000 11.476 ? 153 LEU AAA N   1 ? 
ATOM   961  C  CA  . LEU A 1 114 ? -9.119  3.346   -4.694  1.000 12.365 ? 153 LEU AAA CA  1 ? 
ATOM   962  C  C   . LEU A 1 114 ? -9.129  4.124   -3.388  1.000 11.480 ? 153 LEU AAA C   1 ? 
ATOM   963  O  O   . LEU A 1 114 ? -9.618  3.569   -2.396  1.000 11.807 ? 153 LEU AAA O   1 ? 
ATOM   964  C  CB  . LEU A 1 114 ? -7.753  2.659   -4.838  1.000 13.271 ? 153 LEU AAA CB  1 ? 
ATOM   965  C  CG  . LEU A 1 114 ? -7.574  1.796   -6.080  1.000 16.892 ? 153 LEU AAA CG  1 ? 
ATOM   966  C  CD1 . LEU A 1 114 ? -6.133  1.402   -6.300  1.000 19.274 ? 153 LEU AAA CD1 1 ? 
ATOM   967  C  CD2 . LEU A 1 114 ? -8.444  0.580   -6.018  1.000 19.951 ? 153 LEU AAA CD2 1 ? 
ATOM   968  N  N   . GLU A 1 115 ? -8.612  5.355   -3.367  1.000 11.614 ? 154 GLU AAA N   1 ? 
ATOM   969  C  CA  . GLU A 1 115 ? -8.584  6.120   -2.121  1.000 13.075 ? 154 GLU AAA CA  1 ? 
ATOM   970  C  C   . GLU A 1 115 ? -10.005 6.447   -1.653  1.000 13.008 ? 154 GLU AAA C   1 ? 
ATOM   971  O  O   . GLU A 1 115 ? -10.275 6.445   -0.448  1.000 12.111 ? 154 GLU AAA O   1 ? 
ATOM   972  C  CB  . GLU A 1 115 ? -7.736  7.355   -2.310  1.000 13.730 ? 154 GLU AAA CB  1 ? 
ATOM   973  C  CG  . GLU A 1 115 ? -7.557  8.115   -1.002  1.000 13.903 ? 154 GLU AAA CG  1 ? 
ATOM   974  C  CD  . GLU A 1 115 ? -6.768  9.379   -1.123  1.000 17.009 ? 154 GLU AAA CD  1 ? 
ATOM   975  O  OE1 . GLU A 1 115 ? -6.669  9.899   -2.207  1.000 17.663 ? 154 GLU AAA OE1 1 ? 
ATOM   976  O  OE2 . GLU A 1 115 ? -6.332  9.873   -0.033  1.000 22.307 ? 154 GLU AAA OE2 1 ? 
ATOM   977  N  N   . LYS A 1 116 ? -10.910 6.735   -2.599  1.000 12.334 ? 155 LYS AAA N   1 ? 
ATOM   978  C  CA  . LYS A 1 116 ? -12.272 7.049   -2.190  1.000 13.494 ? 155 LYS AAA CA  1 ? 
ATOM   979  C  C   . LYS A 1 116 ? -12.875 5.831   -1.505  1.000 13.115 ? 155 LYS AAA C   1 ? 
ATOM   980  O  O   . LYS A 1 116 ? -13.566 5.946   -0.490  1.000 13.177 ? 155 LYS AAA O   1 ? 
ATOM   981  C  CB  . LYS A 1 116 ? -13.073 7.415   -3.446  1.000 14.438 ? 155 LYS AAA CB  1 ? 
ATOM   982  C  CG  . LYS A 1 116 ? -14.547 7.690   -3.188  1.000 17.789 ? 155 LYS AAA CG  1 ? 
ATOM   983  C  CD  . LYS A 1 116 ? -15.219 8.262   -4.401  1.000 21.008 ? 155 LYS AAA CD  1 ? 
ATOM   984  C  CE  . LYS A 1 116 ? -16.634 8.726   -4.111  1.000 24.962 ? 155 LYS AAA CE  1 ? 
ATOM   985  N  NZ  . LYS A 1 116 ? -17.325 9.013   -5.384  1.000 33.311 ? 155 LYS AAA NZ  1 ? 
ATOM   986  N  N   . LEU A 1 117 ? -12.676 4.638   -2.065  1.000 13.152 ? 156 LEU AAA N   1 ? 
ATOM   987  C  CA  . LEU A 1 117 ? -13.193 3.424   -1.455  1.000 14.455 ? 156 LEU AAA CA  1 ? 
ATOM   988  C  C   . LEU A 1 117 ? -12.530 3.258   -0.085  1.000 13.198 ? 156 LEU AAA C   1 ? 
ATOM   989  O  O   . LEU A 1 117 ? -13.161 2.847   0.910   1.000 13.056 ? 156 LEU AAA O   1 ? 
ATOM   990  C  CB  . LEU A 1 117 ? -12.907 2.219   -2.366  1.000 17.183 ? 156 LEU AAA CB  1 ? 
ATOM   991  C  CG  . LEU A 1 117 ? -14.098 1.500   -2.970  1.000 30.975 ? 156 LEU AAA CG  1 ? 
ATOM   992  C  CD1 . LEU A 1 117 ? -15.061 1.046   -1.880  1.000 27.337 ? 156 LEU AAA CD1 1 ? 
ATOM   993  C  CD2 . LEU A 1 117 ? -14.800 2.412   -3.945  1.000 31.517 ? 156 LEU AAA CD2 1 ? 
ATOM   994  N  N   . PHE A 1 118 ? -11.202 3.428   -0.056  1.000 11.856 ? 157 PHE AAA N   1 ? 
ATOM   995  C  CA  . PHE A 1 118 ? -10.459 3.274   1.191   1.000 11.434 ? 157 PHE AAA CA  1 ? 
ATOM   996  C  C   . PHE A 1 118 ? -11.069 4.145   2.293   1.000 11.470 ? 157 PHE AAA C   1 ? 
ATOM   997  O  O   . PHE A 1 118 ? -11.257 3.656   3.423   1.000 12.418 ? 157 PHE AAA O   1 ? 
ATOM   998  C  CB  . PHE A 1 118 ? -8.967  3.600   0.940   1.000 12.115 ? 157 PHE AAA CB  1 ? 
ATOM   999  C  CG  . PHE A 1 118 ? -8.119  3.538   2.183   1.000 12.435 ? 157 PHE AAA CG  1 ? 
ATOM   1000 C  CD1 . PHE A 1 118 ? -7.704  2.343   2.707   1.000 13.037 ? 157 PHE AAA CD1 1 ? 
ATOM   1001 C  CD2 . PHE A 1 118 ? -7.716  4.723   2.780   1.000 14.768 ? 157 PHE AAA CD2 1 ? 
ATOM   1002 C  CE1 . PHE A 1 118 ? -6.889  2.316   3.835   1.000 13.546 ? 157 PHE AAA CE1 1 ? 
ATOM   1003 C  CE2 . PHE A 1 118 ? -6.885  4.702   3.906   1.000 18.505 ? 157 PHE AAA CE2 1 ? 
ATOM   1004 C  CZ  . PHE A 1 118 ? -6.482  3.479   4.409   1.000 16.090 ? 157 PHE AAA CZ  1 ? 
ATOM   1005 N  N   . LEU A 1 119 ? -11.306 5.414   1.996   1.000 12.447 ? 158 LEU AAA N   1 ? 
ATOM   1006 C  CA  . LEU A 1 119 ? -11.807 6.350   3.008   1.000 14.350 ? 158 LEU AAA CA  1 ? 
ATOM   1007 C  C   . LEU A 1 119 ? -13.170 5.874   3.540   1.000 15.096 ? 158 LEU AAA C   1 ? 
ATOM   1008 O  O   . LEU A 1 119 ? -13.439 5.900   4.765   1.000 14.369 ? 158 LEU AAA O   1 ? 
ATOM   1009 C  CB  . LEU A 1 119 ? -11.866 7.776   2.449   1.000 17.714 ? 158 LEU AAA CB  1 ? 
ATOM   1010 C  CG  . LEU A 1 119 ? -12.465 8.871   3.358   1.000 22.100 ? 158 LEU AAA CG  1 ? 
ATOM   1011 C  CD1 . LEU A 1 119 ? -11.740 8.926   4.700   1.000 26.053 ? 158 LEU AAA CD1 1 ? 
ATOM   1012 C  CD2 . LEU A 1 119 ? -12.384 10.231  2.668   1.000 25.275 ? 158 LEU AAA CD2 1 ? 
ATOM   1013 N  N   . GLN A 1 120 ? -14.026 5.392   2.620   1.000 14.949 ? 159 GLN AAA N   1 ? 
ATOM   1014 C  CA  . GLN A 1 120 ? -15.359 4.936   3.016   1.000 16.738 ? 159 GLN AAA CA  1 ? 
ATOM   1015 C  C   . GLN A 1 120 ? -15.182 3.800   4.023   1.000 17.535 ? 159 GLN AAA C   1 ? 
ATOM   1016 O  O   . GLN A 1 120 ? -15.820 3.778   5.093   1.000 17.842 ? 159 GLN AAA O   1 ? 
ATOM   1017 C  CB  . GLN A 1 120 ? -16.084 4.304   1.828   1.000 19.638 ? 159 GLN AAA CB  1 ? 
ATOM   1018 C  CG  . GLN A 1 120 ? -16.681 5.202   0.738   1.000 26.294 ? 159 GLN AAA CG  1 ? 
ATOM   1019 C  CD  . GLN A 1 120 ? -17.253 4.391   -0.411  0.500 26.406 ? 159 GLN AAA CD  1 ? 
ATOM   1020 O  OE1 . GLN A 1 120 ? -17.628 3.221   -0.269  0.500 27.206 ? 159 GLN AAA OE1 1 ? 
ATOM   1021 N  NE2 . GLN A 1 120 ? -17.353 5.011   -1.579  0.500 25.711 ? 159 GLN AAA NE2 1 ? 
ATOM   1022 N  N   . LYS A 1 121 ? -14.289 2.857   3.703   1.000 15.214 ? 160 LYS AAA N   1 ? 
ATOM   1023 C  CA  . LYS A 1 121 ? -14.078 1.715   4.583   1.000 15.789 ? 160 LYS AAA CA  1 ? 
ATOM   1024 C  C   . LYS A 1 121 ? -13.435 2.111   5.904   1.000 15.688 ? 160 LYS AAA C   1 ? 
ATOM   1025 O  O   . LYS A 1 121 ? -13.810 1.548   6.949   1.000 15.855 ? 160 LYS AAA O   1 ? 
ATOM   1026 C  CB  . LYS A 1 121 ? -13.294 0.582   3.892   1.000 16.816 ? 160 LYS AAA CB  1 ? 
ATOM   1027 C  CG  . LYS A 1 121 ? -13.898 0.074   2.597   1.000 21.929 ? 160 LYS AAA CG  1 ? 
ATOM   1028 C  CD  . LYS A 1 121 ? -15.311 -0.395  2.816   1.000 25.205 ? 160 LYS AAA CD  1 ? 
ATOM   1029 C  CE  . LYS A 1 121 ? -15.676 -1.494  1.852   1.000 27.550 ? 160 LYS AAA CE  1 ? 
ATOM   1030 N  NZ  . LYS A 1 121 ? -17.148 -1.686  1.820   1.000 29.820 ? 160 LYS AAA NZ  1 ? 
ATOM   1031 N  N   . ILE A 1 122 ? -12.467 3.033   5.918   1.000 14.600 ? 161 ILE AAA N   1 ? 
ATOM   1032 C  CA  . ILE A 1 122 ? -11.750 3.410   7.140   1.000 15.641 ? 161 ILE AAA CA  1 ? 
ATOM   1033 C  C   . ILE A 1 122 ? -12.679 4.201   8.063   1.000 14.915 ? 161 ILE AAA C   1 ? 
ATOM   1034 O  O   . ILE A 1 122 ? -12.508 4.173   9.285   1.000 15.520 ? 161 ILE AAA O   1 ? 
ATOM   1035 C  CB  . ILE A 1 122 ? -10.492 4.217   6.784   1.000 17.968 ? 161 ILE AAA CB  1 ? 
ATOM   1036 C  CG1 . ILE A 1 122 ? -9.433  3.272   6.212   1.000 22.531 ? 161 ILE AAA CG1 1 ? 
ATOM   1037 C  CG2 . ILE A 1 122 ? -9.983  5.005   7.998   1.000 25.286 ? 161 ILE AAA CG2 1 ? 
ATOM   1038 C  CD1 . ILE A 1 122 ? -9.094  2.105   7.128   1.000 21.301 ? 161 ILE AAA CD1 1 ? 
ATOM   1039 N  N   . ASN A 1 123 ? -13.684 4.889   7.489   1.000 16.002 ? 162 ASN AAA N   1 ? 
ATOM   1040 C  CA  . ASN A 1 123 ? -14.621 5.628   8.323   1.000 17.770 ? 162 ASN AAA CA  1 ? 
ATOM   1041 C  C   . ASN A 1 123 ? -15.398 4.626   9.182   1.000 17.637 ? 162 ASN AAA C   1 ? 
ATOM   1042 O  O   . ASN A 1 123 ? -15.892 5.015   10.256  1.000 18.445 ? 162 ASN AAA O   1 ? 
ATOM   1043 C  CB  . ASN A 1 123 ? -15.495 6.582   7.489   1.000 19.383 ? 162 ASN AAA CB  1 ? 
ATOM   1044 C  CG  . ASN A 1 123 ? -14.758 7.827   7.040   1.000 18.693 ? 162 ASN AAA CG  1 ? 
ATOM   1045 O  OD1 . ASN A 1 123 ? -13.754 8.239   7.620   1.000 25.573 ? 162 ASN AAA OD1 1 ? 
ATOM   1046 N  ND2 . ASN A 1 123 ? -15.318 8.489   6.045   1.000 23.252 ? 162 ASN AAA ND2 1 ? 
ATOM   1047 N  N   . GLU A 1 124 ? -15.529 3.369   8.736   1.000 16.391 ? 163 GLU AAA N   1 ? 
ATOM   1048 C  CA  . GLU A 1 124 ? -16.237 2.300   9.432   1.000 18.146 ? 163 GLU AAA CA  1 ? 
ATOM   1049 C  C   . GLU A 1 124 ? -15.295 1.316   10.139  1.000 18.330 ? 163 GLU AAA C   1 ? 
ATOM   1050 O  O   . GLU A 1 124 ? -15.696 0.265   10.649  1.000 20.451 ? 163 GLU AAA O   1 ? 
ATOM   1051 C  CB  . GLU A 1 124 ? -17.136 1.509   8.470   1.000 18.818 ? 163 GLU AAA CB  1 ? 
ATOM   1052 C  CG  . GLU A 1 124 ? -18.366 2.287   7.985   1.000 23.160 ? 163 GLU AAA CG  1 ? 
ATOM   1053 C  CD  . GLU A 1 124 ? -19.464 2.583   9.005   1.000 22.753 ? 163 GLU AAA CD  1 ? 
ATOM   1054 O  OE1 . GLU A 1 124 ? -19.331 2.244   10.187  1.000 23.792 ? 163 GLU AAA OE1 1 ? 
ATOM   1055 O  OE2 . GLU A 1 124 ? -20.485 3.185   8.596   1.000 28.140 ? 163 GLU AAA OE2 1 ? 
ATOM   1056 N  N   . LEU A 1 125 ? -14.011 1.689   10.243  1.000 15.374 ? 164 LEU AAA N   1 ? 
ATOM   1057 C  CA  . LEU A 1 125 ? -13.076 0.863   10.999  1.000 16.779 ? 164 LEU AAA CA  1 ? 
ATOM   1058 C  C   . LEU A 1 125 ? -13.671 0.637   12.377  1.000 16.647 ? 164 LEU AAA C   1 ? 
ATOM   1059 O  O   . LEU A 1 125 ? -13.989 1.593   13.053  1.000 16.091 ? 164 LEU AAA O   1 ? 
ATOM   1060 C  CB  . LEU A 1 125 ? -11.726 1.567   11.083  1.000 15.990 ? 164 LEU AAA CB  1 ? 
ATOM   1061 C  CG  . LEU A 1 125 ? -10.606 0.799   11.786  1.000 15.054 ? 164 LEU AAA CG  1 ? 
ATOM   1062 C  CD1 . LEU A 1 125 ? -10.048 -0.271  10.855  1.000 18.554 ? 164 LEU AAA CD1 1 ? 
ATOM   1063 C  CD2 . LEU A 1 125 ? -9.509  1.743   12.251  1.000 16.732 ? 164 LEU AAA CD2 1 ? 
ATOM   1064 N  N   . PRO A 1 126 ? -13.785 -0.619  12.851  1.000 17.270 ? 165 PRO AAA N   1 ? 
ATOM   1065 C  CA  . PRO A 1 126 ? -14.460 -0.873  14.106  1.000 18.312 ? 165 PRO AAA CA  1 ? 
ATOM   1066 C  C   . PRO A 1 126 ? -13.636 -0.412  15.274  1.000 16.181 ? 165 PRO AAA C   1 ? 
ATOM   1067 O  O   . PRO A 1 126 ? -12.401 -0.334  15.303  1.000 15.799 ? 165 PRO AAA O   1 ? 
ATOM   1068 C  CB  . PRO A 1 126 ? -14.585 -2.401  14.177  1.000 19.803 ? 165 PRO AAA CB  1 ? 
ATOM   1069 C  CG  . PRO A 1 126 ? -13.450 -2.875  13.333  1.000 23.689 ? 165 PRO AAA CG  1 ? 
ATOM   1070 C  CD  . PRO A 1 126 ? -13.438 -1.886  12.179  1.000 21.583 ? 165 PRO AAA CD  1 ? 
ATOM   1071 N  N   . THR A 1 127 ? -14.406 -0.117  16.321  1.000 19.437 ? 166 THR AAA N   1 ? 
ATOM   1072 C  CA  . THR A 1 127 ? -13.786 0.212   17.573  1.000 20.143 ? 166 THR AAA CA  1 ? 
ATOM   1073 C  C   . THR A 1 127 ? -12.869 -0.951  17.987  1.000 18.366 ? 166 THR AAA C   1 ? 
ATOM   1074 O  O   . THR A 1 127 ? -13.254 -2.113  17.827  1.000 19.745 ? 166 THR AAA O   1 ? 
ATOM   1075 C  CB  . THR A 1 127 ? -14.887 0.394   18.625  1.000 22.198 ? 166 THR AAA CB  1 ? 
ATOM   1076 O  OG1 . THR A 1 127 ? -15.888 1.257   18.069  1.000 22.245 ? 166 THR AAA OG1 1 ? 
ATOM   1077 C  CG2 . THR A 1 127 ? -14.303 0.923   19.915  1.000 25.332 ? 166 THR AAA CG2 1 ? 
ATOM   1078 N  N   . GLU A 1 128 ? -11.671 -0.620  18.453  1.000 18.950 ? 167 GLU AAA N   1 ? 
ATOM   1079 C  CA  . GLU A 1 128 ? -10.732 -1.651  18.884  1.000 22.615 ? 167 GLU AAA CA  1 ? 
ATOM   1080 C  C   . GLU A 1 128 ? -11.274 -2.386  20.104  1.000 26.152 ? 167 GLU AAA C   1 ? 
ATOM   1081 O  O   . GLU A 1 128 ? -11.735 -1.766  21.059  1.000 28.969 ? 167 GLU AAA O   1 ? 
ATOM   1082 C  CB  . GLU A 1 128 ? -9.342  -1.071  19.156  1.000 25.030 ? 167 GLU AAA CB  1 ? 
ATOM   1083 C  CG  . GLU A 1 128 ? -8.293  -2.120  19.503  1.000 30.613 ? 167 GLU AAA CG  1 ? 
ATOM   1084 C  CD  . GLU A 1 128 ? -6.944  -1.501  19.796  1.000 32.701 ? 167 GLU AAA CD  1 ? 
ATOM   1085 O  OE1 . GLU A 1 128 ? -6.910  -0.264  19.965  1.000 37.792 ? 167 GLU AAA OE1 1 ? 
ATOM   1086 O  OE2 . GLU A 1 128 ? -5.952  -2.243  19.880  1.000 34.739 ? 167 GLU AAA OE2 1 ? 
ATOM   1087 N  N   . GLU A 1 129 ? -11.224 -3.716  20.053  1.000 27.072 ? 168 GLU AAA N   1 ? 
ATOM   1088 C  CA  . GLU A 1 129 ? -11.753 -4.473  21.170  1.000 32.518 ? 168 GLU AAA CA  1 ? 
ATOM   1089 C  C   . GLU A 1 129 ? -10.637 -5.402  21.640  1.000 38.786 ? 168 GLU AAA C   1 ? 
ATOM   1090 O  O   . GLU A 1 129 ? -9.489  -5.348  21.128  1.000 37.774 ? 168 GLU AAA O   1 ? 
ATOM   1091 C  CB  . GLU A 1 129 ? -13.036 -5.185  20.748  1.000 38.782 ? 168 GLU AAA CB  1 ? 
ATOM   1092 C  CG  . GLU A 1 129 ? -12.758 -6.410  19.901  1.000 44.383 ? 168 GLU AAA CG  1 ? 
ATOM   1093 C  CD  . GLU A 1 129 ? -13.911 -6.826  19.013  1.000 48.108 ? 168 GLU AAA CD  1 ? 
ATOM   1094 O  OE1 . GLU A 1 129 ? -14.880 -6.026  18.881  1.000 48.217 ? 168 GLU AAA OE1 1 ? 
ATOM   1095 O  OE2 . GLU A 1 129 ? -13.833 -7.944  18.445  1.000 51.930 ? 168 GLU AAA OE2 1 ? 
ATOM   1096 O  OXT . GLU A 1 129 ? -10.886 -6.184  22.545  1.000 42.813 ? 168 GLU AAA OXT 1 ? 
HETATM 1097 C  C1  . GOL B 2 .   ? 8.387   12.117  -1.019  1.000 41.937 ? 401 GOL AAA C1  1 ? 
HETATM 1098 O  O1  . GOL B 2 .   ? 7.030   12.280  -0.604  1.000 63.961 ? 401 GOL AAA O1  1 ? 
HETATM 1099 C  C2  . GOL B 2 .   ? 8.772   10.658  -1.135  1.000 31.860 ? 401 GOL AAA C2  1 ? 
HETATM 1100 O  O2  . GOL B 2 .   ? 10.088  10.425  -0.636  1.000 26.133 ? 401 GOL AAA O2  1 ? 
HETATM 1101 C  C3  . GOL B 2 .   ? 7.826   9.715   -0.439  1.000 27.253 ? 401 GOL AAA C3  1 ? 
HETATM 1102 O  O3  . GOL B 2 .   ? 7.968   8.404   -0.977  1.000 21.662 ? 401 GOL AAA O3  1 ? 
HETATM 1103 C  C4  . IT4 C 3 .   ? 2.612   1.731   -11.427 1.000 60.909 ? 402 IT4 AAA C4  1 ? 
HETATM 1104 C  C5  . IT4 C 3 .   ? 2.464   1.638   -12.809 1.000 63.777 ? 402 IT4 AAA C5  1 ? 
HETATM 1105 C  C6  . IT4 C 3 .   ? 2.722   2.706   -13.652 1.000 62.213 ? 402 IT4 AAA C6  1 ? 
HETATM 1106 C  C7  . IT4 C 3 .   ? 3.158   3.902   -13.098 1.000 56.922 ? 402 IT4 AAA C7  1 ? 
HETATM 1107 C  C3  . IT4 C 3 .   ? 3.028   2.941   -10.883 1.000 58.437 ? 402 IT4 AAA C3  1 ? 
HETATM 1108 O  O1  . IT4 C 3 .   ? 4.742   5.857   -11.785 1.000 47.322 ? 402 IT4 AAA O1  1 ? 
HETATM 1109 C  C1  . IT4 C 3 .   ? 3.803   5.345   -11.168 1.000 46.597 ? 402 IT4 AAA C1  1 ? 
HETATM 1110 O  O2  . IT4 C 3 .   ? 3.267   5.861   -10.184 1.000 28.331 ? 402 IT4 AAA O2  1 ? 
HETATM 1111 C  C2  . IT4 C 3 .   ? 3.298   4.045   -11.708 1.000 51.920 ? 402 IT4 AAA C2  1 ? 
HETATM 1112 BR BR1 . IT4 C 3 .   ? 1.906   0.009   -13.615 1.000 70.856 ? 402 IT4 AAA BR1 1 ? 
HETATM 1113 O  O3  . IT4 C 3 .   ? 3.418   4.938   -13.938 1.000 63.368 ? 402 IT4 AAA O3  1 ? 
HETATM 1114 C  C4  . IT4 D 3 .   ? -7.974  -12.256 -1.579  1.000 84.600 ? 403 IT4 AAA C4  1 ? 
HETATM 1115 C  C5  . IT4 D 3 .   ? -7.926  -11.133 -0.766  1.000 85.653 ? 403 IT4 AAA C5  1 ? 
HETATM 1116 C  C6  . IT4 D 3 .   ? -8.680  -11.037 0.388   1.000 87.848 ? 403 IT4 AAA C6  1 ? 
HETATM 1117 C  C7  . IT4 D 3 .   ? -9.508  -12.089 0.754   1.000 89.282 ? 403 IT4 AAA C7  1 ? 
HETATM 1118 C  C3  . IT4 D 3 .   ? -8.804  -13.304 -1.211  1.000 87.950 ? 403 IT4 AAA C3  1 ? 
HETATM 1119 O  O1  . IT4 D 3 .   ? -11.302 -14.210 1.258   1.000 95.321 ? 403 IT4 AAA O1  1 ? 
HETATM 1120 C  C1  . IT4 D 3 .   ? -10.475 -14.391 0.342   1.000 94.304 ? 403 IT4 AAA C1  1 ? 
HETATM 1121 O  O2  . IT4 D 3 .   ? -10.330 -15.471 -0.262  1.000 96.767 ? 403 IT4 AAA O2  1 ? 
HETATM 1122 C  C2  . IT4 D 3 .   ? -9.584  -13.244 -0.044  1.000 90.933 ? 403 IT4 AAA C2  1 ? 
HETATM 1123 BR BR1 . IT4 D 3 .   ? -6.802  -9.665  -1.211  1.000 76.786 ? 403 IT4 AAA BR1 1 ? 
HETATM 1124 O  O3  . IT4 D 3 .   ? -10.228 -11.949 1.908   1.000 84.189 ? 403 IT4 AAA O3  1 ? 
HETATM 1125 O  O   . HOH E 4 .   ? -16.421 -4.605  -4.340  1.000 32.739 ? 501 HOH AAA O   1 ? 
HETATM 1126 O  O   . HOH E 4 .   ? 4.974   -6.928  -16.283 1.000 27.521 ? 502 HOH AAA O   1 ? 
HETATM 1127 O  O   . HOH E 4 .   ? 3.133   12.187  -15.246 1.000 37.916 ? 503 HOH AAA O   1 ? 
HETATM 1128 O  O   . HOH E 4 .   ? 15.600  -8.952  -6.927  1.000 33.679 ? 504 HOH AAA O   1 ? 
HETATM 1129 O  O   . HOH E 4 .   ? 14.933  13.201  -4.710  1.000 41.266 ? 505 HOH AAA O   1 ? 
HETATM 1130 O  O   . HOH E 4 .   ? 6.871   -11.795 4.036   1.000 48.520 ? 506 HOH AAA O   1 ? 
HETATM 1131 O  O   . HOH E 4 .   ? -16.175 -6.417  -6.257  1.000 77.529 ? 507 HOH AAA O   1 ? 
HETATM 1132 O  O   . HOH E 4 .   ? -13.106 -1.273  23.071  1.000 43.342 ? 508 HOH AAA O   1 ? 
HETATM 1133 O  O   . HOH E 4 .   ? -6.618  2.120   16.179  1.000 35.749 ? 509 HOH AAA O   1 ? 
HETATM 1134 O  O   . HOH E 4 .   ? -6.506  13.927  -10.752 1.000 28.168 ? 510 HOH AAA O   1 ? 
HETATM 1135 O  O   . HOH E 4 .   ? 14.731  1.628   -10.423 1.000 23.623 ? 511 HOH AAA O   1 ? 
HETATM 1136 O  O   . HOH E 4 .   ? -6.548  8.340   2.538   1.000 31.744 ? 512 HOH AAA O   1 ? 
HETATM 1137 O  O   . HOH E 4 .   ? -10.247 -9.239  -3.152  1.000 36.746 ? 513 HOH AAA O   1 ? 
HETATM 1138 O  O   . HOH E 4 .   ? 12.298  -2.641  4.247   1.000 32.230 ? 514 HOH AAA O   1 ? 
HETATM 1139 O  O   . HOH E 4 .   ? -2.552  -8.750  10.667  1.000 36.322 ? 515 HOH AAA O   1 ? 
HETATM 1140 O  O   . HOH E 4 .   ? -17.368 -1.333  6.614   1.000 26.936 ? 516 HOH AAA O   1 ? 
HETATM 1141 O  O   . HOH E 4 .   ? -4.886  13.132  -5.822  1.000 31.268 ? 517 HOH AAA O   1 ? 
HETATM 1142 O  O   . HOH E 4 .   ? 7.606   -13.139 8.027   1.000 32.725 ? 518 HOH AAA O   1 ? 
HETATM 1143 O  O   . HOH E 4 .   ? 2.726   15.696  -9.293  1.000 32.699 ? 519 HOH AAA O   1 ? 
HETATM 1144 O  O   . HOH E 4 .   ? 10.308  -2.443  -20.330 1.000 28.328 ? 520 HOH AAA O   1 ? 
HETATM 1145 O  O   . HOH E 4 .   ? 6.078   3.987   -18.026 1.000 32.121 ? 521 HOH AAA O   1 ? 
HETATM 1146 O  O   . HOH E 4 .   ? 3.574   5.856   -7.241  1.000 19.998 ? 522 HOH AAA O   1 ? 
HETATM 1147 O  O   . HOH E 4 .   ? -13.412 1.490   -12.574 1.000 35.251 ? 523 HOH AAA O   1 ? 
HETATM 1148 O  O   . HOH E 4 .   ? 9.591   -7.779  1.674   1.000 22.577 ? 524 HOH AAA O   1 ? 
HETATM 1149 O  O   . HOH E 4 .   ? 12.970  -6.167  -10.887 1.000 31.760 ? 525 HOH AAA O   1 ? 
HETATM 1150 O  O   . HOH E 4 .   ? 7.194   -5.293  -8.903  1.000 20.293 ? 526 HOH AAA O   1 ? 
HETATM 1151 O  O   . HOH E 4 .   ? 14.370  -11.282 18.875  1.000 37.826 ? 527 HOH AAA O   1 ? 
HETATM 1152 O  O   . HOH E 4 .   ? 4.423   -7.854  -3.920  1.000 28.986 ? 528 HOH AAA O   1 ? 
HETATM 1153 O  O   . HOH E 4 .   ? -21.042 3.178   12.013  1.000 38.059 ? 529 HOH AAA O   1 ? 
HETATM 1154 O  O   . HOH E 4 .   ? 12.563  8.874   -15.368 1.000 28.450 ? 530 HOH AAA O   1 ? 
HETATM 1155 O  O   . HOH E 4 .   ? 9.720   13.437  -3.474  1.000 37.407 ? 531 HOH AAA O   1 ? 
HETATM 1156 O  O   . HOH E 4 .   ? -7.604  8.605   -19.991 1.000 16.324 ? 532 HOH AAA O   1 ? 
HETATM 1157 O  O   . HOH E 4 .   ? 7.387   -6.074  -0.306  1.000 30.687 ? 533 HOH AAA O   1 ? 
HETATM 1158 O  O   . HOH E 4 .   ? 2.915   2.055   -5.290  1.000 16.071 ? 534 HOH AAA O   1 ? 
HETATM 1159 O  O   . HOH E 4 .   ? -8.516  -6.742  19.045  1.000 23.209 ? 535 HOH AAA O   1 ? 
HETATM 1160 O  O   . HOH E 4 .   ? -18.504 1.143   -1.745  1.000 33.085 ? 536 HOH AAA O   1 ? 
HETATM 1161 O  O   . HOH E 4 .   ? -14.636 3.016   -7.963  1.000 29.045 ? 537 HOH AAA O   1 ? 
HETATM 1162 O  O   . HOH E 4 .   ? 11.255  -0.519  -1.601  1.000 15.232 ? 538 HOH AAA O   1 ? 
HETATM 1163 O  O   . HOH E 4 .   ? -8.180  -10.182 2.012   1.000 32.833 ? 539 HOH AAA O   1 ? 
HETATM 1164 O  O   . HOH E 4 .   ? 5.655   -3.663  16.177  1.000 19.415 ? 540 HOH AAA O   1 ? 
HETATM 1165 O  O   . HOH E 4 .   ? 0.672   -9.090  -6.409  1.000 34.084 ? 541 HOH AAA O   1 ? 
HETATM 1166 O  O   . HOH E 4 .   ? 15.765  -6.390  13.569  1.000 23.852 ? 542 HOH AAA O   1 ? 
HETATM 1167 O  O   . HOH E 4 .   ? -11.147 -8.123  -9.737  1.000 32.949 ? 543 HOH AAA O   1 ? 
HETATM 1168 O  O   . HOH E 4 .   ? -0.691  14.363  -8.800  1.000 17.380 ? 544 HOH AAA O   1 ? 
HETATM 1169 O  O   . HOH E 4 .   ? 5.779   -2.175  15.533  1.000 23.055 ? 545 HOH AAA O   1 ? 
HETATM 1170 O  O   . HOH E 4 .   ? 4.235   3.708   5.142   1.000 19.678 ? 546 HOH AAA O   1 ? 
HETATM 1171 O  O   . HOH E 4 .   ? -2.616  4.779   -19.143 1.000 27.565 ? 547 HOH AAA O   1 ? 
HETATM 1172 O  O   . HOH E 4 .   ? 13.532  -5.512  -5.710  1.000 28.684 ? 548 HOH AAA O   1 ? 
HETATM 1173 O  O   . HOH E 4 .   ? 3.418   -1.912  -9.947  1.000 22.840 ? 549 HOH AAA O   1 ? 
HETATM 1174 O  O   . HOH E 4 .   ? -17.309 7.718   -1.110  1.000 41.693 ? 550 HOH AAA O   1 ? 
HETATM 1175 O  O   . HOH E 4 .   ? 18.484  10.200  -4.229  1.000 40.599 ? 551 HOH AAA O   1 ? 
HETATM 1176 O  O   . HOH E 4 .   ? 5.348   3.350   -4.538  1.000 17.783 ? 552 HOH AAA O   1 ? 
HETATM 1177 O  O   . HOH E 4 .   ? -10.132 10.104  -3.995  1.000 20.550 ? 553 HOH AAA O   1 ? 
HETATM 1178 O  O   . HOH E 4 .   ? 1.441   8.900   -15.189 1.000 27.814 ? 554 HOH AAA O   1 ? 
HETATM 1179 O  O   . HOH E 4 .   ? 6.724   -0.677  -2.798  1.000 13.377 ? 555 HOH AAA O   1 ? 
HETATM 1180 O  O   . HOH E 4 .   ? -10.898 8.727   -9.917  1.000 24.790 ? 556 HOH AAA O   1 ? 
HETATM 1181 O  O   . HOH E 4 .   ? -15.726 -3.380  17.802  1.000 26.920 ? 557 HOH AAA O   1 ? 
HETATM 1182 O  O   . HOH E 4 .   ? -0.950  -6.943  -10.952 1.000 22.025 ? 558 HOH AAA O   1 ? 
HETATM 1183 O  O   . HOH E 4 .   ? -14.819 8.326   0.207   1.000 21.137 ? 559 HOH AAA O   1 ? 
HETATM 1184 O  O   . HOH E 4 .   ? -16.497 3.519   19.566  1.000 25.431 ? 560 HOH AAA O   1 ? 
HETATM 1185 O  O   . HOH E 4 .   ? 13.268  -6.369  1.499   1.000 30.746 ? 561 HOH AAA O   1 ? 
HETATM 1186 O  O   . HOH E 4 .   ? 12.918  -12.647 8.102   1.000 34.389 ? 562 HOH AAA O   1 ? 
HETATM 1187 O  O   . HOH E 4 .   ? 2.568   -0.033  -7.015  1.000 15.561 ? 563 HOH AAA O   1 ? 
HETATM 1188 O  O   . HOH E 4 .   ? -5.968  10.804  -17.811 1.000 31.291 ? 564 HOH AAA O   1 ? 
HETATM 1189 O  O   . HOH E 4 .   ? -5.415  -1.872  15.878  1.000 16.083 ? 565 HOH AAA O   1 ? 
HETATM 1190 O  O   . HOH E 4 .   ? 11.027  -2.923  -4.923  1.000 17.326 ? 566 HOH AAA O   1 ? 
HETATM 1191 O  O   . HOH E 4 .   ? -14.490 -6.005  15.426  1.000 31.976 ? 567 HOH AAA O   1 ? 
HETATM 1192 O  O   . HOH E 4 .   ? 10.694  -2.632  -7.693  1.000 15.877 ? 568 HOH AAA O   1 ? 
HETATM 1193 O  O   . HOH E 4 .   ? -2.521  9.364   -18.349 1.000 26.124 ? 569 HOH AAA O   1 ? 
HETATM 1194 O  O   . HOH E 4 .   ? 17.561  4.370   -12.129 1.000 29.274 ? 570 HOH AAA O   1 ? 
HETATM 1195 O  O   . HOH E 4 .   ? 1.236   -9.850  -2.000  1.000 25.483 ? 571 HOH AAA O   1 ? 
HETATM 1196 O  O   . HOH E 4 .   ? 3.770   1.061   8.453   1.000 16.533 ? 572 HOH AAA O   1 ? 
HETATM 1197 O  O   . HOH E 4 .   ? 5.112   -0.807  10.045  1.000 21.143 ? 573 HOH AAA O   1 ? 
HETATM 1198 O  O   . HOH E 4 .   ? -18.224 -4.323  1.817   1.000 23.931 ? 574 HOH AAA O   1 ? 
HETATM 1199 O  O   . HOH E 4 .   ? -4.791  -11.242 -7.538  1.000 41.418 ? 575 HOH AAA O   1 ? 
HETATM 1200 O  O   . HOH E 4 .   ? -11.002 2.143   18.689  1.000 28.694 ? 576 HOH AAA O   1 ? 
HETATM 1201 O  O   . HOH E 4 .   ? -8.181  -6.209  -9.488  1.000 24.909 ? 577 HOH AAA O   1 ? 
HETATM 1202 O  O   . HOH E 4 .   ? 5.706   -10.427 9.305   1.000 19.349 ? 578 HOH AAA O   1 ? 
HETATM 1203 O  O   . HOH E 4 .   ? 5.986   -6.934  -1.816  1.000 29.857 ? 579 HOH AAA O   1 ? 
HETATM 1204 O  O   . HOH E 4 .   ? -12.811 -7.312  12.537  1.000 32.213 ? 580 HOH AAA O   1 ? 
HETATM 1205 O  O   . HOH E 4 .   ? 11.216  -8.603  4.749   1.000 22.484 ? 581 HOH AAA O   1 ? 
HETATM 1206 O  O   . HOH E 4 .   ? -2.120  7.518   7.857   1.000 35.356 ? 582 HOH AAA O   1 ? 
HETATM 1207 O  O   . HOH E 4 .   ? -18.638 1.107   1.378   1.000 35.952 ? 583 HOH AAA O   1 ? 
HETATM 1208 O  O   . HOH E 4 .   ? -6.604  -8.687  -9.264  1.000 34.987 ? 584 HOH AAA O   1 ? 
HETATM 1209 O  O   . HOH E 4 .   ? 1.890   -8.968  -9.008  1.000 34.559 ? 585 HOH AAA O   1 ? 
HETATM 1210 O  O   . HOH E 4 .   ? -14.188 4.672   -6.102  1.000 22.667 ? 586 HOH AAA O   1 ? 
HETATM 1211 O  O   . HOH E 4 .   ? -7.821  13.662  -16.443 1.000 30.071 ? 587 HOH AAA O   1 ? 
HETATM 1212 O  O   . HOH E 4 .   ? -4.988  -8.836  9.454   1.000 26.434 ? 588 HOH AAA O   1 ? 
HETATM 1213 O  O   . HOH E 4 .   ? -0.817  7.387   -15.828 1.000 18.600 ? 589 HOH AAA O   1 ? 
HETATM 1214 O  O   . HOH E 4 .   ? 6.462   0.727   -5.182  1.000 18.481 ? 590 HOH AAA O   1 ? 
HETATM 1215 O  O   . HOH E 4 .   ? 14.415  2.649   -15.385 1.000 27.728 ? 591 HOH AAA O   1 ? 
HETATM 1216 O  O   . HOH E 4 .   ? 6.126   0.544   13.543  1.000 30.601 ? 592 HOH AAA O   1 ? 
HETATM 1217 O  O   . HOH E 4 .   ? 14.456  -6.260  -7.970  1.000 26.347 ? 593 HOH AAA O   1 ? 
HETATM 1218 O  O   . HOH E 4 .   ? 13.872  13.561  -12.158 1.000 48.503 ? 594 HOH AAA O   1 ? 
HETATM 1219 O  O   . HOH E 4 .   ? 5.415   -2.377  -11.704 1.000 25.600 ? 595 HOH AAA O   1 ? 
HETATM 1220 O  O   . HOH E 4 .   ? 1.833   4.493   -5.681  1.000 16.915 ? 596 HOH AAA O   1 ? 
HETATM 1221 O  O   . HOH E 4 .   ? -14.440 -5.199  -8.030  1.000 27.079 ? 597 HOH AAA O   1 ? 
HETATM 1222 O  O   . HOH E 4 .   ? -6.551  7.805   6.159   1.000 28.002 ? 598 HOH AAA O   1 ? 
HETATM 1223 O  O   . HOH E 4 .   ? 8.607   6.163   -19.271 1.000 35.226 ? 599 HOH AAA O   1 ? 
HETATM 1224 O  O   . HOH E 4 .   ? 14.724  1.038   -17.702 1.000 42.615 ? 600 HOH AAA O   1 ? 
HETATM 1225 O  O   . HOH E 4 .   ? -14.064 -1.889  -9.794  1.000 25.191 ? 601 HOH AAA O   1 ? 
HETATM 1226 O  O   . HOH E 4 .   ? 1.283   3.635   15.714  1.000 26.749 ? 602 HOH AAA O   1 ? 
HETATM 1227 O  O   . HOH E 4 .   ? -7.118  -4.461  -11.407 1.000 21.683 ? 603 HOH AAA O   1 ? 
HETATM 1228 O  O   . HOH E 4 .   ? 13.311  -1.762  1.839   1.000 17.559 ? 604 HOH AAA O   1 ? 
HETATM 1229 O  O   . HOH E 4 .   ? -3.787  1.967   15.539  1.000 17.741 ? 605 HOH AAA O   1 ? 
HETATM 1230 O  O   . HOH E 4 .   ? 14.320  4.400   -9.948  1.000 22.328 ? 606 HOH AAA O   1 ? 
HETATM 1231 O  O   . HOH E 4 .   ? 7.287   0.555   6.179   1.000 29.952 ? 607 HOH AAA O   1 ? 
HETATM 1232 O  O   . HOH E 4 .   ? 7.731   -1.130  10.133  1.000 26.823 ? 608 HOH AAA O   1 ? 
HETATM 1233 O  O   . HOH E 4 .   ? 1.139   10.042  3.431   1.000 36.714 ? 609 HOH AAA O   1 ? 
HETATM 1234 O  O   . HOH E 4 .   ? -0.510  -0.679  21.792  1.000 17.225 ? 610 HOH AAA O   1 ? 
HETATM 1235 O  O   . HOH E 4 .   ? -16.974 7.168   -7.704  1.000 39.774 ? 611 HOH AAA O   1 ? 
HETATM 1236 O  O   . HOH E 4 .   ? -14.524 11.303  5.427   1.000 38.215 ? 612 HOH AAA O   1 ? 
HETATM 1237 O  O   . HOH E 4 .   ? 4.749   -12.724 12.164  1.000 36.865 ? 613 HOH AAA O   1 ? 
HETATM 1238 O  O   . HOH E 4 .   ? -22.878 1.907   9.900   1.000 40.647 ? 614 HOH AAA O   1 ? 
HETATM 1239 O  O   . HOH E 4 .   ? 11.561  -3.502  11.915  1.000 27.497 ? 615 HOH AAA O   1 ? 
HETATM 1240 O  O   . HOH E 4 .   ? -18.538 2.956   3.981   1.000 40.083 ? 616 HOH AAA O   1 ? 
HETATM 1241 O  O   . HOH E 4 .   ? 15.692  -9.746  11.641  1.000 29.823 ? 617 HOH AAA O   1 ? 
HETATM 1242 O  O   . HOH E 4 .   ? -0.358  13.462  0.389   1.000 46.549 ? 618 HOH AAA O   1 ? 
HETATM 1243 O  O   . HOH E 4 .   ? -3.009  13.951  -17.895 1.000 39.415 ? 619 HOH AAA O   1 ? 
HETATM 1244 O  O   . HOH E 4 .   ? 0.530   -12.259 -0.690  1.000 39.643 ? 620 HOH AAA O   1 ? 
HETATM 1245 O  O   . HOH E 4 .   ? -1.959  -11.376 18.930  1.000 32.200 ? 621 HOH AAA O   1 ? 
HETATM 1246 O  O   . HOH E 4 .   ? -16.507 4.689   -4.610  1.000 31.610 ? 622 HOH AAA O   1 ? 
HETATM 1247 O  O   . HOH E 4 .   ? 10.534  -1.322  5.306   1.000 23.546 ? 623 HOH AAA O   1 ? 
HETATM 1248 O  O   . HOH E 4 .   ? 1.161   6.642   11.120  1.000 37.040 ? 624 HOH AAA O   1 ? 
HETATM 1249 O  O   . HOH E 4 .   ? -15.667 8.885   2.808   1.000 28.079 ? 625 HOH AAA O   1 ? 
HETATM 1250 O  O   . HOH E 4 .   ? -5.596  15.664  -8.928  1.000 37.390 ? 626 HOH AAA O   1 ? 
HETATM 1251 O  O   . HOH E 4 .   ? -3.452  -0.669  22.015  1.000 31.758 ? 627 HOH AAA O   1 ? 
HETATM 1252 O  O   . HOH E 4 .   ? 9.498   -1.022  -3.624  1.000 17.731 ? 628 HOH AAA O   1 ? 
HETATM 1253 O  O   . HOH E 4 .   ? 1.236   4.456   12.717  1.000 34.417 ? 629 HOH AAA O   1 ? 
HETATM 1254 O  O   . HOH E 4 .   ? -4.550  8.538   8.688   1.000 33.647 ? 630 HOH AAA O   1 ? 
HETATM 1255 O  O   . HOH E 4 .   ? -8.009  -4.096  -15.670 1.000 46.475 ? 631 HOH AAA O   1 ? 
HETATM 1256 O  O   . HOH E 4 .   ? -11.041 10.131  -1.384  1.000 21.525 ? 632 HOH AAA O   1 ? 
HETATM 1257 O  O   . HOH E 4 .   ? 8.026   -8.343  -0.751  1.000 33.254 ? 633 HOH AAA O   1 ? 
HETATM 1258 O  O   . HOH E 4 .   ? -15.146 0.446   -10.930 1.000 43.230 ? 634 HOH AAA O   1 ? 
HETATM 1259 O  O   . HOH E 4 .   ? 0.053   -5.543  -13.280 1.000 32.181 ? 635 HOH AAA O   1 ? 
HETATM 1260 O  O   . HOH E 4 .   ? -12.745 8.693   -7.647  1.000 25.161 ? 636 HOH AAA O   1 ? 
HETATM 1261 O  O   . HOH E 4 .   ? 14.150  -4.320  5.436   1.000 25.448 ? 637 HOH AAA O   1 ? 
HETATM 1262 O  O   . HOH E 4 .   ? -5.471  -14.458 4.191   1.000 41.802 ? 638 HOH AAA O   1 ? 
HETATM 1263 O  O   . HOH E 4 .   ? -7.410  -1.909  23.389  1.000 44.957 ? 639 HOH AAA O   1 ? 
HETATM 1264 O  O   . HOH E 4 .   ? -12.329 10.750  -5.505  1.000 26.546 ? 640 HOH AAA O   1 ? 
HETATM 1265 O  O   . HOH E 4 .   ? 6.415   16.002  -1.495  1.000 49.512 ? 641 HOH AAA O   1 ? 
HETATM 1266 O  O   . HOH E 4 .   ? 13.965  -7.668  5.627   1.000 36.102 ? 642 HOH AAA O   1 ? 
HETATM 1267 O  O   . HOH E 4 .   ? 11.324  -11.107 3.364   1.000 44.017 ? 643 HOH AAA O   1 ? 
HETATM 1268 O  O   . HOH E 4 .   ? -18.351 -2.492  9.380   1.000 35.093 ? 644 HOH AAA O   1 ? 
HETATM 1269 O  O   . HOH E 4 .   ? 15.845  2.165   -12.945 1.000 26.317 ? 645 HOH AAA O   1 ? 
HETATM 1270 O  O   . HOH E 4 .   ? -6.570  17.813  -13.429 1.000 34.241 ? 646 HOH AAA O   1 ? 
HETATM 1271 O  O   . HOH E 4 .   ? 20.165  -4.317  -4.689  1.000 34.293 ? 647 HOH AAA O   1 ? 
HETATM 1272 O  O   . HOH E 4 .   ? 6.923   3.008   4.813   1.000 28.710 ? 648 HOH AAA O   1 ? 
HETATM 1273 O  O   . HOH E 4 .   ? 7.520   -12.251 -0.033  1.000 49.820 ? 649 HOH AAA O   1 ? 
HETATM 1274 O  O   . HOH E 4 .   ? 10.429  -5.487  -5.462  1.000 23.706 ? 650 HOH AAA O   1 ? 
HETATM 1275 O  O   . HOH E 4 .   ? -13.531 -9.418  -9.350  1.000 26.505 ? 651 HOH AAA O   1 ? 
HETATM 1276 O  O   . HOH E 4 .   ? 9.839   -5.139  -8.379  1.000 24.460 ? 652 HOH AAA O   1 ? 
HETATM 1277 O  O   . HOH E 4 .   ? 4.626   4.919   7.759   1.000 33.224 ? 653 HOH AAA O   1 ? 
HETATM 1278 O  O   . HOH E 4 .   ? 9.279   -1.305  12.519  1.000 31.779 ? 654 HOH AAA O   1 ? 
HETATM 1279 O  O   . HOH E 4 .   ? -14.297 6.868   -7.829  1.000 24.892 ? 655 HOH AAA O   1 ? 
HETATM 1280 O  O   . HOH E 4 .   ? 6.642   -7.950  -7.692  1.000 40.682 ? 656 HOH AAA O   1 ? 
HETATM 1281 O  O   . HOH E 4 .   ? -11.646 7.465   -13.923 1.000 26.906 ? 657 HOH AAA O   1 ? 
HETATM 1282 O  O   . HOH E 4 .   ? 8.958   -7.569  -4.432  1.000 34.675 ? 658 HOH AAA O   1 ? 
HETATM 1283 O  O   . HOH E 4 .   ? -13.808 6.103   -10.692 1.000 31.944 ? 659 HOH AAA O   1 ? 
# 
